data_4P9E
# 
_entry.id   4P9E 
# 
_audit_conform.dict_name       mmcif_pdbx.dic 
_audit_conform.dict_version    5.397 
_audit_conform.dict_location   http://mmcif.pdb.org/dictionaries/ascii/mmcif_pdbx.dic 
# 
loop_
_database_2.database_id 
_database_2.database_code 
_database_2.pdbx_database_accession 
_database_2.pdbx_DOI 
PDB   4P9E         pdb_00004p9e 10.2210/pdb4p9e/pdb 
WWPDB D_1000200964 ?            ?                   
# 
loop_
_pdbx_audit_revision_history.ordinal 
_pdbx_audit_revision_history.data_content_type 
_pdbx_audit_revision_history.major_revision 
_pdbx_audit_revision_history.minor_revision 
_pdbx_audit_revision_history.revision_date 
1 'Structure model' 1 0 2014-11-26 
2 'Structure model' 1 1 2014-12-03 
3 'Structure model' 1 2 2015-01-14 
4 'Structure model' 1 3 2017-11-22 
5 'Structure model' 1 4 2023-09-27 
6 'Structure model' 1 5 2024-10-09 
# 
_pdbx_audit_revision_details.ordinal             1 
_pdbx_audit_revision_details.revision_ordinal    1 
_pdbx_audit_revision_details.data_content_type   'Structure model' 
_pdbx_audit_revision_details.provider            repository 
_pdbx_audit_revision_details.type                'Initial release' 
_pdbx_audit_revision_details.description         ? 
_pdbx_audit_revision_details.details             ? 
# 
loop_
_pdbx_audit_revision_group.ordinal 
_pdbx_audit_revision_group.revision_ordinal 
_pdbx_audit_revision_group.data_content_type 
_pdbx_audit_revision_group.group 
1  2 'Structure model' 'Database references'    
2  3 'Structure model' 'Database references'    
3  4 'Structure model' 'Database references'    
4  4 'Structure model' 'Derived calculations'   
5  4 'Structure model' Other                    
6  4 'Structure model' 'Refinement description' 
7  4 'Structure model' 'Source and taxonomy'    
8  5 'Structure model' 'Data collection'        
9  5 'Structure model' 'Database references'    
10 5 'Structure model' 'Refinement description' 
11 6 'Structure model' 'Structure summary'      
# 
loop_
_pdbx_audit_revision_category.ordinal 
_pdbx_audit_revision_category.revision_ordinal 
_pdbx_audit_revision_category.data_content_type 
_pdbx_audit_revision_category.category 
1  4 'Structure model' citation                      
2  4 'Structure model' entity_src_gen                
3  4 'Structure model' pdbx_database_status          
4  4 'Structure model' pdbx_struct_oper_list         
5  4 'Structure model' software                      
6  5 'Structure model' chem_comp_atom                
7  5 'Structure model' chem_comp_bond                
8  5 'Structure model' database_2                    
9  5 'Structure model' pdbx_initial_refinement_model 
10 5 'Structure model' refine_hist                   
11 6 'Structure model' pdbx_entry_details            
12 6 'Structure model' pdbx_modification_feature     
# 
loop_
_pdbx_audit_revision_item.ordinal 
_pdbx_audit_revision_item.revision_ordinal 
_pdbx_audit_revision_item.data_content_type 
_pdbx_audit_revision_item.item 
1  4 'Structure model' '_citation.journal_id_CSD'                    
2  4 'Structure model' '_entity_src_gen.pdbx_alt_source_flag'        
3  4 'Structure model' '_pdbx_database_status.pdb_format_compatible' 
4  4 'Structure model' '_pdbx_struct_oper_list.symmetry_operation'   
5  4 'Structure model' '_software.classification'                    
6  5 'Structure model' '_database_2.pdbx_DOI'                        
7  5 'Structure model' '_database_2.pdbx_database_accession'         
8  5 'Structure model' '_refine_hist.number_atoms_solvent'           
9  5 'Structure model' '_refine_hist.number_atoms_total'             
10 5 'Structure model' '_refine_hist.pdbx_number_atoms_ligand'       
11 5 'Structure model' '_refine_hist.pdbx_number_atoms_nucleic_acid' 
12 5 'Structure model' '_refine_hist.pdbx_number_atoms_protein'      
# 
_pdbx_database_status.status_code                     REL 
_pdbx_database_status.status_code_sf                  REL 
_pdbx_database_status.status_code_mr                  . 
_pdbx_database_status.entry_id                        4P9E 
_pdbx_database_status.recvd_initial_deposition_date   2014-04-03 
_pdbx_database_status.SG_entry                        N 
_pdbx_database_status.deposit_site                    RCSB 
_pdbx_database_status.process_site                    RCSB 
_pdbx_database_status.status_code_cs                  . 
_pdbx_database_status.methods_development_category    . 
_pdbx_database_status.pdb_format_compatible           Y 
_pdbx_database_status.status_code_nmr_data            ? 
# 
loop_
_pdbx_database_related.content_type 
_pdbx_database_related.db_id 
_pdbx_database_related.db_name 
_pdbx_database_related.details 
unspecified 4P9D PDB . 
unspecified 4P9C PDB . 
# 
loop_
_audit_author.name 
_audit_author.pdbx_ordinal 
'Marx, A.'  1 
'Alian, A.' 2 
# 
_citation.abstract                  . 
_citation.abstract_id_CAS           . 
_citation.book_id_ISBN              . 
_citation.book_publisher            ? 
_citation.book_publisher_city       . 
_citation.book_title                . 
_citation.coordinate_linkage        . 
_citation.country                   US 
_citation.database_id_Medline       . 
_citation.details                   . 
_citation.id                        primary 
_citation.journal_abbrev            J.Biol.Chem. 
_citation.journal_id_ASTM           JBCHA3 
_citation.journal_id_CSD            0071 
_citation.journal_id_ISSN           1083-351X 
_citation.journal_full              . 
_citation.journal_issue             . 
_citation.journal_volume            290 
_citation.language                  . 
_citation.page_first                682 
_citation.page_last                 690 
_citation.title                     
'The First Crystal Structure of a dTTP-bound Deoxycytidylate Deaminase Validates and Details the Allosteric-Inhibitor Binding Site.' 
_citation.year                      2015 
_citation.database_id_CSD           . 
_citation.pdbx_database_id_DOI      10.1074/jbc.M114.617720 
_citation.pdbx_database_id_PubMed   25404739 
_citation.unpublished_flag          . 
# 
loop_
_citation_author.citation_id 
_citation_author.name 
_citation_author.ordinal 
_citation_author.identifier_ORCID 
primary 'Marx, A.'  1 ? 
primary 'Alian, A.' 2 ? 
# 
loop_
_entity.id 
_entity.type 
_entity.src_method 
_entity.pdbx_description 
_entity.formula_weight 
_entity.pdbx_number_of_molecules 
_entity.pdbx_ec 
_entity.pdbx_mutation 
_entity.pdbx_fragment 
_entity.details 
1 polymer     man 'Deoxycytidylate deaminase' 15191.383 1  ? ? ? ? 
2 non-polymer syn 'ZINC ION'                  65.409    1  ? ? ? ? 
3 non-polymer syn 'CHLORIDE ION'              35.453    1  ? ? ? ? 
4 water       nat water                       18.015    15 ? ? ? ? 
# 
_entity_poly.entity_id                      1 
_entity_poly.type                           'polypeptide(L)' 
_entity_poly.nstd_linkage                   no 
_entity_poly.nstd_monomer                   no 
_entity_poly.pdbx_seq_one_letter_code       
;GSHMKPEIKEAYMKTAELFSQVSNCKRMKVGAIVVKNGSILAHGWNGTPSGFHTNCCELEDGSTNPFVLHAEQNALVKMA
KSSESIDGSELFCTHSPCPDCSKMIAQAGVKKVYYRNEYRITDGIDVLQQLGVEVEKM
;
_entity_poly.pdbx_seq_one_letter_code_can   
;GSHMKPEIKEAYMKTAELFSQVSNCKRMKVGAIVVKNGSILAHGWNGTPSGFHTNCCELEDGSTNPFVLHAEQNALVKMA
KSSESIDGSELFCTHSPCPDCSKMIAQAGVKKVYYRNEYRITDGIDVLQQLGVEVEKM
;
_entity_poly.pdbx_strand_id                 A 
_entity_poly.pdbx_target_identifier         ? 
# 
loop_
_pdbx_entity_nonpoly.entity_id 
_pdbx_entity_nonpoly.name 
_pdbx_entity_nonpoly.comp_id 
2 'ZINC ION'     ZN  
3 'CHLORIDE ION' CL  
4 water          HOH 
# 
loop_
_entity_poly_seq.entity_id 
_entity_poly_seq.num 
_entity_poly_seq.mon_id 
_entity_poly_seq.hetero 
1 1   GLY n 
1 2   SER n 
1 3   HIS n 
1 4   MET n 
1 5   LYS n 
1 6   PRO n 
1 7   GLU n 
1 8   ILE n 
1 9   LYS n 
1 10  GLU n 
1 11  ALA n 
1 12  TYR n 
1 13  MET n 
1 14  LYS n 
1 15  THR n 
1 16  ALA n 
1 17  GLU n 
1 18  LEU n 
1 19  PHE n 
1 20  SER n 
1 21  GLN n 
1 22  VAL n 
1 23  SER n 
1 24  ASN n 
1 25  CYS n 
1 26  LYS n 
1 27  ARG n 
1 28  MET n 
1 29  LYS n 
1 30  VAL n 
1 31  GLY n 
1 32  ALA n 
1 33  ILE n 
1 34  VAL n 
1 35  VAL n 
1 36  LYS n 
1 37  ASN n 
1 38  GLY n 
1 39  SER n 
1 40  ILE n 
1 41  LEU n 
1 42  ALA n 
1 43  HIS n 
1 44  GLY n 
1 45  TRP n 
1 46  ASN n 
1 47  GLY n 
1 48  THR n 
1 49  PRO n 
1 50  SER n 
1 51  GLY n 
1 52  PHE n 
1 53  HIS n 
1 54  THR n 
1 55  ASN n 
1 56  CYS n 
1 57  CYS n 
1 58  GLU n 
1 59  LEU n 
1 60  GLU n 
1 61  ASP n 
1 62  GLY n 
1 63  SER n 
1 64  THR n 
1 65  ASN n 
1 66  PRO n 
1 67  PHE n 
1 68  VAL n 
1 69  LEU n 
1 70  HIS n 
1 71  ALA n 
1 72  GLU n 
1 73  GLN n 
1 74  ASN n 
1 75  ALA n 
1 76  LEU n 
1 77  VAL n 
1 78  LYS n 
1 79  MET n 
1 80  ALA n 
1 81  LYS n 
1 82  SER n 
1 83  SER n 
1 84  GLU n 
1 85  SER n 
1 86  ILE n 
1 87  ASP n 
1 88  GLY n 
1 89  SER n 
1 90  GLU n 
1 91  LEU n 
1 92  PHE n 
1 93  CYS n 
1 94  THR n 
1 95  HIS n 
1 96  SER n 
1 97  PRO n 
1 98  CYS n 
1 99  PRO n 
1 100 ASP n 
1 101 CYS n 
1 102 SER n 
1 103 LYS n 
1 104 MET n 
1 105 ILE n 
1 106 ALA n 
1 107 GLN n 
1 108 ALA n 
1 109 GLY n 
1 110 VAL n 
1 111 LYS n 
1 112 LYS n 
1 113 VAL n 
1 114 TYR n 
1 115 TYR n 
1 116 ARG n 
1 117 ASN n 
1 118 GLU n 
1 119 TYR n 
1 120 ARG n 
1 121 ILE n 
1 122 THR n 
1 123 ASP n 
1 124 GLY n 
1 125 ILE n 
1 126 ASP n 
1 127 VAL n 
1 128 LEU n 
1 129 GLN n 
1 130 GLN n 
1 131 LEU n 
1 132 GLY n 
1 133 VAL n 
1 134 GLU n 
1 135 VAL n 
1 136 GLU n 
1 137 LYS n 
1 138 MET n 
# 
_entity_src_gen.entity_id                          1 
_entity_src_gen.pdbx_src_id                        1 
_entity_src_gen.pdbx_alt_source_flag               sample 
_entity_src_gen.pdbx_seq_type                      'Biological sequence' 
_entity_src_gen.pdbx_beg_seq_num                   1 
_entity_src_gen.pdbx_end_seq_num                   138 
_entity_src_gen.gene_src_common_name               ? 
_entity_src_gen.gene_src_genus                     ? 
_entity_src_gen.pdbx_gene_src_gene                 ? 
_entity_src_gen.gene_src_species                   ? 
_entity_src_gen.gene_src_strain                    ? 
_entity_src_gen.gene_src_tissue                    ? 
_entity_src_gen.gene_src_tissue_fraction           ? 
_entity_src_gen.gene_src_details                   ? 
_entity_src_gen.pdbx_gene_src_fragment             ? 
_entity_src_gen.pdbx_gene_src_scientific_name      'Cyanophage S-TIM5' 
_entity_src_gen.pdbx_gene_src_ncbi_taxonomy_id     1137745 
_entity_src_gen.pdbx_gene_src_variant              ? 
_entity_src_gen.pdbx_gene_src_cell_line            ? 
_entity_src_gen.pdbx_gene_src_atcc                 ? 
_entity_src_gen.pdbx_gene_src_organ                ? 
_entity_src_gen.pdbx_gene_src_organelle            ? 
_entity_src_gen.pdbx_gene_src_cell                 ? 
_entity_src_gen.pdbx_gene_src_cellular_location    ? 
_entity_src_gen.host_org_common_name               ? 
_entity_src_gen.pdbx_host_org_scientific_name      'Escherichia coli' 
_entity_src_gen.pdbx_host_org_ncbi_taxonomy_id     562 
_entity_src_gen.host_org_genus                     ? 
_entity_src_gen.pdbx_host_org_gene                 ? 
_entity_src_gen.pdbx_host_org_organ                ? 
_entity_src_gen.host_org_species                   ? 
_entity_src_gen.pdbx_host_org_tissue               ? 
_entity_src_gen.pdbx_host_org_tissue_fraction      ? 
_entity_src_gen.pdbx_host_org_strain               ? 
_entity_src_gen.pdbx_host_org_variant              ? 
_entity_src_gen.pdbx_host_org_cell_line            ? 
_entity_src_gen.pdbx_host_org_atcc                 ? 
_entity_src_gen.pdbx_host_org_culture_collection   ? 
_entity_src_gen.pdbx_host_org_cell                 ? 
_entity_src_gen.pdbx_host_org_organelle            ? 
_entity_src_gen.pdbx_host_org_cellular_location    ? 
_entity_src_gen.pdbx_host_org_vector_type          ? 
_entity_src_gen.pdbx_host_org_vector               ? 
_entity_src_gen.host_org_details                   ? 
_entity_src_gen.expression_system_id               ? 
_entity_src_gen.plasmid_name                       ? 
_entity_src_gen.plasmid_details                    ? 
_entity_src_gen.pdbx_description                   ? 
# 
loop_
_chem_comp.id 
_chem_comp.type 
_chem_comp.mon_nstd_flag 
_chem_comp.name 
_chem_comp.pdbx_synonyms 
_chem_comp.formula 
_chem_comp.formula_weight 
ALA 'L-peptide linking' y ALANINE         ? 'C3 H7 N O2'     89.093  
ARG 'L-peptide linking' y ARGININE        ? 'C6 H15 N4 O2 1' 175.209 
ASN 'L-peptide linking' y ASPARAGINE      ? 'C4 H8 N2 O3'    132.118 
ASP 'L-peptide linking' y 'ASPARTIC ACID' ? 'C4 H7 N O4'     133.103 
CL  non-polymer         . 'CHLORIDE ION'  ? 'Cl -1'          35.453  
CYS 'L-peptide linking' y CYSTEINE        ? 'C3 H7 N O2 S'   121.158 
GLN 'L-peptide linking' y GLUTAMINE       ? 'C5 H10 N2 O3'   146.144 
GLU 'L-peptide linking' y 'GLUTAMIC ACID' ? 'C5 H9 N O4'     147.129 
GLY 'peptide linking'   y GLYCINE         ? 'C2 H5 N O2'     75.067  
HIS 'L-peptide linking' y HISTIDINE       ? 'C6 H10 N3 O2 1' 156.162 
HOH non-polymer         . WATER           ? 'H2 O'           18.015  
ILE 'L-peptide linking' y ISOLEUCINE      ? 'C6 H13 N O2'    131.173 
LEU 'L-peptide linking' y LEUCINE         ? 'C6 H13 N O2'    131.173 
LYS 'L-peptide linking' y LYSINE          ? 'C6 H15 N2 O2 1' 147.195 
MET 'L-peptide linking' y METHIONINE      ? 'C5 H11 N O2 S'  149.211 
PHE 'L-peptide linking' y PHENYLALANINE   ? 'C9 H11 N O2'    165.189 
PRO 'L-peptide linking' y PROLINE         ? 'C5 H9 N O2'     115.130 
SER 'L-peptide linking' y SERINE          ? 'C3 H7 N O3'     105.093 
THR 'L-peptide linking' y THREONINE       ? 'C4 H9 N O3'     119.119 
TRP 'L-peptide linking' y TRYPTOPHAN      ? 'C11 H12 N2 O2'  204.225 
TYR 'L-peptide linking' y TYROSINE        ? 'C9 H11 N O3'    181.189 
VAL 'L-peptide linking' y VALINE          ? 'C5 H11 N O2'    117.146 
ZN  non-polymer         . 'ZINC ION'      ? 'Zn 2'           65.409  
# 
loop_
_pdbx_poly_seq_scheme.asym_id 
_pdbx_poly_seq_scheme.entity_id 
_pdbx_poly_seq_scheme.seq_id 
_pdbx_poly_seq_scheme.mon_id 
_pdbx_poly_seq_scheme.ndb_seq_num 
_pdbx_poly_seq_scheme.pdb_seq_num 
_pdbx_poly_seq_scheme.auth_seq_num 
_pdbx_poly_seq_scheme.pdb_mon_id 
_pdbx_poly_seq_scheme.auth_mon_id 
_pdbx_poly_seq_scheme.pdb_strand_id 
_pdbx_poly_seq_scheme.pdb_ins_code 
_pdbx_poly_seq_scheme.hetero 
A 1 1   GLY 1   -2  ?   ?   ?   A . n 
A 1 2   SER 2   -1  ?   ?   ?   A . n 
A 1 3   HIS 3   0   ?   ?   ?   A . n 
A 1 4   MET 4   1   1   MET MET A . n 
A 1 5   LYS 5   2   2   LYS LYS A . n 
A 1 6   PRO 6   3   3   PRO PRO A . n 
A 1 7   GLU 7   4   4   GLU GLU A . n 
A 1 8   ILE 8   5   5   ILE ILE A . n 
A 1 9   LYS 9   6   6   LYS LYS A . n 
A 1 10  GLU 10  7   7   GLU GLU A . n 
A 1 11  ALA 11  8   8   ALA ALA A . n 
A 1 12  TYR 12  9   9   TYR TYR A . n 
A 1 13  MET 13  10  10  MET MET A . n 
A 1 14  LYS 14  11  11  LYS LYS A . n 
A 1 15  THR 15  12  12  THR THR A . n 
A 1 16  ALA 16  13  13  ALA ALA A . n 
A 1 17  GLU 17  14  14  GLU GLU A . n 
A 1 18  LEU 18  15  15  LEU LEU A . n 
A 1 19  PHE 19  16  16  PHE PHE A . n 
A 1 20  SER 20  17  17  SER SER A . n 
A 1 21  GLN 21  18  18  GLN GLN A . n 
A 1 22  VAL 22  19  19  VAL VAL A . n 
A 1 23  SER 23  20  20  SER SER A . n 
A 1 24  ASN 24  21  21  ASN ASN A . n 
A 1 25  CYS 25  22  22  CYS CYS A . n 
A 1 26  LYS 26  23  23  LYS LYS A . n 
A 1 27  ARG 27  24  24  ARG ARG A . n 
A 1 28  MET 28  25  25  MET MET A . n 
A 1 29  LYS 29  26  26  LYS LYS A . n 
A 1 30  VAL 30  27  27  VAL VAL A . n 
A 1 31  GLY 31  28  28  GLY GLY A . n 
A 1 32  ALA 32  29  29  ALA ALA A . n 
A 1 33  ILE 33  30  30  ILE ILE A . n 
A 1 34  VAL 34  31  31  VAL VAL A . n 
A 1 35  VAL 35  32  32  VAL VAL A . n 
A 1 36  LYS 36  33  33  LYS LYS A . n 
A 1 37  ASN 37  34  34  ASN ASN A . n 
A 1 38  GLY 38  35  35  GLY GLY A . n 
A 1 39  SER 39  36  36  SER SER A . n 
A 1 40  ILE 40  37  37  ILE ILE A . n 
A 1 41  LEU 41  38  38  LEU LEU A . n 
A 1 42  ALA 42  39  39  ALA ALA A . n 
A 1 43  HIS 43  40  40  HIS HIS A . n 
A 1 44  GLY 44  41  41  GLY GLY A . n 
A 1 45  TRP 45  42  42  TRP TRP A . n 
A 1 46  ASN 46  43  43  ASN ASN A . n 
A 1 47  GLY 47  44  44  GLY GLY A . n 
A 1 48  THR 48  45  45  THR THR A . n 
A 1 49  PRO 49  46  46  PRO PRO A . n 
A 1 50  SER 50  47  47  SER SER A . n 
A 1 51  GLY 51  48  48  GLY GLY A . n 
A 1 52  PHE 52  49  49  PHE PHE A . n 
A 1 53  HIS 53  50  50  HIS HIS A . n 
A 1 54  THR 54  51  51  THR THR A . n 
A 1 55  ASN 55  52  52  ASN ASN A . n 
A 1 56  CYS 56  53  53  CYS CYS A . n 
A 1 57  CYS 57  54  54  CYS CYS A . n 
A 1 58  GLU 58  55  ?   ?   ?   A . n 
A 1 59  LEU 59  56  ?   ?   ?   A . n 
A 1 60  GLU 60  57  ?   ?   ?   A . n 
A 1 61  ASP 61  58  ?   ?   ?   A . n 
A 1 62  GLY 62  59  ?   ?   ?   A . n 
A 1 63  SER 63  60  ?   ?   ?   A . n 
A 1 64  THR 64  61  61  THR THR A . n 
A 1 65  ASN 65  62  62  ASN ASN A . n 
A 1 66  PRO 66  63  63  PRO PRO A . n 
A 1 67  PHE 67  64  64  PHE PHE A . n 
A 1 68  VAL 68  65  65  VAL VAL A . n 
A 1 69  LEU 69  66  66  LEU LEU A . n 
A 1 70  HIS 70  67  67  HIS HIS A . n 
A 1 71  ALA 71  68  68  ALA ALA A . n 
A 1 72  GLU 72  69  69  GLU GLU A . n 
A 1 73  GLN 73  70  70  GLN GLN A . n 
A 1 74  ASN 74  71  71  ASN ASN A . n 
A 1 75  ALA 75  72  72  ALA ALA A . n 
A 1 76  LEU 76  73  73  LEU LEU A . n 
A 1 77  VAL 77  74  74  VAL VAL A . n 
A 1 78  LYS 78  75  75  LYS LYS A . n 
A 1 79  MET 79  76  76  MET MET A . n 
A 1 80  ALA 80  77  77  ALA ALA A . n 
A 1 81  LYS 81  78  78  LYS LYS A . n 
A 1 82  SER 82  79  79  SER SER A . n 
A 1 83  SER 83  80  80  SER SER A . n 
A 1 84  GLU 84  81  81  GLU GLU A . n 
A 1 85  SER 85  82  82  SER SER A . n 
A 1 86  ILE 86  83  83  ILE ILE A . n 
A 1 87  ASP 87  84  84  ASP ASP A . n 
A 1 88  GLY 88  85  85  GLY GLY A . n 
A 1 89  SER 89  86  86  SER SER A . n 
A 1 90  GLU 90  87  87  GLU GLU A . n 
A 1 91  LEU 91  88  88  LEU LEU A . n 
A 1 92  PHE 92  89  89  PHE PHE A . n 
A 1 93  CYS 93  90  90  CYS CYS A . n 
A 1 94  THR 94  91  91  THR THR A . n 
A 1 95  HIS 95  92  92  HIS HIS A . n 
A 1 96  SER 96  93  93  SER SER A . n 
A 1 97  PRO 97  94  94  PRO PRO A . n 
A 1 98  CYS 98  95  95  CYS CYS A . n 
A 1 99  PRO 99  96  96  PRO PRO A . n 
A 1 100 ASP 100 97  97  ASP ASP A . n 
A 1 101 CYS 101 98  98  CYS CYS A . n 
A 1 102 SER 102 99  99  SER SER A . n 
A 1 103 LYS 103 100 100 LYS LYS A . n 
A 1 104 MET 104 101 101 MET MET A . n 
A 1 105 ILE 105 102 102 ILE ILE A . n 
A 1 106 ALA 106 103 103 ALA ALA A . n 
A 1 107 GLN 107 104 104 GLN GLN A . n 
A 1 108 ALA 108 105 105 ALA ALA A . n 
A 1 109 GLY 109 106 106 GLY GLY A . n 
A 1 110 VAL 110 107 107 VAL VAL A . n 
A 1 111 LYS 111 108 108 LYS LYS A . n 
A 1 112 LYS 112 109 109 LYS LYS A . n 
A 1 113 VAL 113 110 110 VAL VAL A . n 
A 1 114 TYR 114 111 111 TYR TYR A . n 
A 1 115 TYR 115 112 112 TYR TYR A . n 
A 1 116 ARG 116 113 113 ARG ARG A . n 
A 1 117 ASN 117 114 114 ASN ASN A . n 
A 1 118 GLU 118 115 115 GLU GLU A . n 
A 1 119 TYR 119 116 ?   ?   ?   A . n 
A 1 120 ARG 120 117 ?   ?   ?   A . n 
A 1 121 ILE 121 118 ?   ?   ?   A . n 
A 1 122 THR 122 119 119 THR THR A . n 
A 1 123 ASP 123 120 120 ASP ASP A . n 
A 1 124 GLY 124 121 121 GLY GLY A . n 
A 1 125 ILE 125 122 122 ILE ILE A . n 
A 1 126 ASP 126 123 123 ASP ASP A . n 
A 1 127 VAL 127 124 124 VAL VAL A . n 
A 1 128 LEU 128 125 125 LEU LEU A . n 
A 1 129 GLN 129 126 126 GLN GLN A . n 
A 1 130 GLN 130 127 127 GLN GLN A . n 
A 1 131 LEU 131 128 128 LEU LEU A . n 
A 1 132 GLY 132 129 129 GLY GLY A . n 
A 1 133 VAL 133 130 130 VAL VAL A . n 
A 1 134 GLU 134 131 131 GLU GLU A . n 
A 1 135 VAL 135 132 132 VAL VAL A . n 
A 1 136 GLU 136 133 133 GLU GLU A . n 
A 1 137 LYS 137 134 134 LYS LYS A . n 
A 1 138 MET 138 135 135 MET MET A . n 
# 
loop_
_pdbx_nonpoly_scheme.asym_id 
_pdbx_nonpoly_scheme.entity_id 
_pdbx_nonpoly_scheme.mon_id 
_pdbx_nonpoly_scheme.ndb_seq_num 
_pdbx_nonpoly_scheme.pdb_seq_num 
_pdbx_nonpoly_scheme.auth_seq_num 
_pdbx_nonpoly_scheme.pdb_mon_id 
_pdbx_nonpoly_scheme.auth_mon_id 
_pdbx_nonpoly_scheme.pdb_strand_id 
_pdbx_nonpoly_scheme.pdb_ins_code 
B 2 ZN  1  201 1111 ZN  ZN  A . 
C 3 CL  1  202 3333 CL  CL  A . 
D 4 HOH 1  301 11   HOH HOH A . 
D 4 HOH 2  302 6    HOH HOH A . 
D 4 HOH 3  303 3    HOH HOH A . 
D 4 HOH 4  304 10   HOH HOH A . 
D 4 HOH 5  305 1    HOH HOH A . 
D 4 HOH 6  306 14   HOH HOH A . 
D 4 HOH 7  307 12   HOH HOH A . 
D 4 HOH 8  308 2    HOH HOH A . 
D 4 HOH 9  309 4    HOH HOH A . 
D 4 HOH 10 310 5    HOH HOH A . 
D 4 HOH 11 311 7    HOH HOH A . 
D 4 HOH 12 312 8    HOH HOH A . 
D 4 HOH 13 313 9    HOH HOH A . 
D 4 HOH 14 314 13   HOH HOH A . 
D 4 HOH 15 315 15   HOH HOH A . 
# 
loop_
_software.citation_id 
_software.classification 
_software.compiler_name 
_software.compiler_version 
_software.contact_author 
_software.contact_author_email 
_software.date 
_software.description 
_software.dependencies 
_software.hardware 
_software.language 
_software.location 
_software.mods 
_software.name 
_software.os 
_software.os_version 
_software.type 
_software.version 
_software.pdbx_ordinal 
? 'data scaling' . . . . . . . . . . . SCALA  . . . .        1 
? refinement     ? ? ? ? ? ? ? ? ? ? ? REFMAC ? ? ? 5.5.0109 2 
? phasing        ? ? ? ? ? ? ? ? ? ? ? PHASER ? ? ? .        3 
# 
_cell.entry_id           4P9E 
_cell.length_a           78.130 
_cell.length_b           78.130 
_cell.length_c           80.560 
_cell.angle_alpha        90.00 
_cell.angle_beta         90.00 
_cell.angle_gamma        120.00 
_cell.Z_PDB              12 
_cell.pdbx_unique_axis   ? 
# 
_symmetry.entry_id                         4P9E 
_symmetry.cell_setting                     . 
_symmetry.Int_Tables_number                182 
_symmetry.space_group_name_Hall            . 
_symmetry.space_group_name_H-M             'P 63 2 2' 
_symmetry.pdbx_full_space_group_name_H-M   . 
# 
_exptl.absorpt_coefficient_mu     . 
_exptl.absorpt_correction_T_max   . 
_exptl.absorpt_correction_T_min   . 
_exptl.absorpt_correction_type    . 
_exptl.absorpt_process_details    . 
_exptl.entry_id                   4P9E 
_exptl.crystals_number            . 
_exptl.details                    . 
_exptl.method                     'X-RAY DIFFRACTION' 
_exptl.method_details             . 
# 
_exptl_crystal.colour                      . 
_exptl_crystal.density_diffrn              . 
_exptl_crystal.density_Matthews            2.34 
_exptl_crystal.density_method              . 
_exptl_crystal.density_percent_sol         47.35 
_exptl_crystal.description                 . 
_exptl_crystal.F_000                       . 
_exptl_crystal.id                          1 
_exptl_crystal.preparation                 . 
_exptl_crystal.size_max                    . 
_exptl_crystal.size_mid                    . 
_exptl_crystal.size_min                    . 
_exptl_crystal.size_rad                    . 
_exptl_crystal.colour_lustre               . 
_exptl_crystal.colour_modifier             . 
_exptl_crystal.colour_primary              . 
_exptl_crystal.density_meas                . 
_exptl_crystal.density_meas_esd            . 
_exptl_crystal.density_meas_gt             . 
_exptl_crystal.density_meas_lt             . 
_exptl_crystal.density_meas_temp           . 
_exptl_crystal.density_meas_temp_esd       . 
_exptl_crystal.density_meas_temp_gt        . 
_exptl_crystal.density_meas_temp_lt        . 
_exptl_crystal.pdbx_crystal_image_url      . 
_exptl_crystal.pdbx_crystal_image_format   . 
_exptl_crystal.pdbx_mosaicity              . 
_exptl_crystal.pdbx_mosaicity_esd          . 
# 
_exptl_crystal_grow.apparatus       . 
_exptl_crystal_grow.atmosphere      . 
_exptl_crystal_grow.crystal_id      1 
_exptl_crystal_grow.details         . 
_exptl_crystal_grow.method          'VAPOR DIFFUSION, HANGING DROP' 
_exptl_crystal_grow.method_ref      . 
_exptl_crystal_grow.pH              . 
_exptl_crystal_grow.pressure        . 
_exptl_crystal_grow.pressure_esd    . 
_exptl_crystal_grow.seeding         . 
_exptl_crystal_grow.seeding_ref     . 
_exptl_crystal_grow.temp            293 
_exptl_crystal_grow.temp_details    . 
_exptl_crystal_grow.temp_esd        . 
_exptl_crystal_grow.time            . 
_exptl_crystal_grow.pdbx_details    '1.8M Malic acid pH 7' 
_exptl_crystal_grow.pdbx_pH_range   . 
# 
_diffrn.ambient_environment    . 
_diffrn.ambient_temp           100 
_diffrn.ambient_temp_details   . 
_diffrn.ambient_temp_esd       . 
_diffrn.crystal_id             1 
_diffrn.crystal_support        . 
_diffrn.crystal_treatment      . 
_diffrn.details                . 
_diffrn.id                     1 
_diffrn.ambient_pressure       . 
_diffrn.ambient_pressure_esd   . 
_diffrn.ambient_pressure_gt    . 
_diffrn.ambient_pressure_lt    . 
_diffrn.ambient_temp_gt        . 
_diffrn.ambient_temp_lt        . 
# 
_diffrn_detector.details                      . 
_diffrn_detector.detector                     CCD 
_diffrn_detector.diffrn_id                    1 
_diffrn_detector.type                         'ADSC QUANTUM 315' 
_diffrn_detector.area_resol_mean              . 
_diffrn_detector.dtime                        . 
_diffrn_detector.pdbx_frames_total            . 
_diffrn_detector.pdbx_collection_time_total   . 
_diffrn_detector.pdbx_collection_date         2012-07-15 
# 
_diffrn_radiation.collimation                      . 
_diffrn_radiation.diffrn_id                        1 
_diffrn_radiation.filter_edge                      . 
_diffrn_radiation.inhomogeneity                    . 
_diffrn_radiation.monochromator                    . 
_diffrn_radiation.polarisn_norm                    . 
_diffrn_radiation.polarisn_ratio                   . 
_diffrn_radiation.probe                            . 
_diffrn_radiation.type                             . 
_diffrn_radiation.xray_symbol                      . 
_diffrn_radiation.wavelength_id                    1 
_diffrn_radiation.pdbx_monochromatic_or_laue_m_l   M 
_diffrn_radiation.pdbx_wavelength_list             . 
_diffrn_radiation.pdbx_wavelength                  . 
_diffrn_radiation.pdbx_diffrn_protocol             'SINGLE WAVELENGTH' 
_diffrn_radiation.pdbx_analyzer                    . 
_diffrn_radiation.pdbx_scattering_type             x-ray 
# 
_diffrn_radiation_wavelength.id           1 
_diffrn_radiation_wavelength.wavelength   0.9763 
_diffrn_radiation_wavelength.wt           1.0 
# 
_diffrn_source.current                     . 
_diffrn_source.details                     . 
_diffrn_source.diffrn_id                   1 
_diffrn_source.power                       . 
_diffrn_source.size                        . 
_diffrn_source.source                      SYNCHROTRON 
_diffrn_source.target                      . 
_diffrn_source.type                        'ESRF BEAMLINE ID23-1' 
_diffrn_source.voltage                     . 
_diffrn_source.take-off_angle              . 
_diffrn_source.pdbx_wavelength_list        0.9763 
_diffrn_source.pdbx_wavelength             . 
_diffrn_source.pdbx_synchrotron_beamline   ID23-1 
_diffrn_source.pdbx_synchrotron_site       ESRF 
# 
_reflns.B_iso_Wilson_estimate            ? 
_reflns.Friedel_coverage                 ? 
_reflns.R_free_details                   ? 
_reflns.Rmerge_F_all                     ? 
_reflns.Rmerge_F_obs                     ? 
_reflns.d_resolution_high                2.6 
_reflns.d_resolution_low                 50 
_reflns.data_reduction_details           ? 
_reflns.data_reduction_method            ? 
_reflns.details                          ? 
_reflns.entry_id                         4P9E 
_reflns.limit_h_max                      ? 
_reflns.limit_h_min                      ? 
_reflns.limit_k_max                      ? 
_reflns.limit_k_min                      ? 
_reflns.limit_l_max                      ? 
_reflns.limit_l_min                      ? 
_reflns.number_all                       ? 
_reflns.number_gt                        ? 
_reflns.number_obs                       4840 
_reflns.observed_criterion               ? 
_reflns.observed_criterion_F_max         ? 
_reflns.observed_criterion_F_min         ? 
_reflns.observed_criterion_I_max         ? 
_reflns.observed_criterion_I_min         ? 
_reflns.observed_criterion_sigma_F       ? 
_reflns.observed_criterion_sigma_I       ? 
_reflns.pdbx_CC_half                     ? 
_reflns.pdbx_R_split                     ? 
_reflns.pdbx_Rmerge_I_all                ? 
_reflns.pdbx_Rmerge_I_obs                0.070 
_reflns.pdbx_Rpim_I_all                  ? 
_reflns.pdbx_Rrim_I_all                  ? 
_reflns.pdbx_Rsym_value                  ? 
_reflns.pdbx_chi_squared                 ? 
_reflns.pdbx_d_opt                       ? 
_reflns.pdbx_d_res_high_opt              ? 
_reflns.pdbx_d_res_low_opt               ? 
_reflns.pdbx_d_res_opt_method            ? 
_reflns.pdbx_diffrn_id                   1 
_reflns.pdbx_netI_over_av_sigmaI         ? 
_reflns.pdbx_netI_over_sigmaI            23 
_reflns.pdbx_number_measured_all         ? 
_reflns.pdbx_ordinal                     1 
_reflns.pdbx_redundancy                  10.7 
_reflns.pdbx_res_netI_over_av_sigmaI_2   ? 
_reflns.pdbx_res_netI_over_sigmaI_2      ? 
_reflns.pdbx_scaling_rejects             ? 
_reflns.percent_possible_obs             100 
_reflns.phase_calculation_details        ? 
_reflns.threshold_expression             ? 
# 
_reflns_shell.d_res_high                  2.60 
_reflns_shell.d_res_low                   2.74 
_reflns_shell.meanI_over_sigI_all         ? 
_reflns_shell.meanI_over_sigI_obs         8.3 
_reflns_shell.number_measured_all         ? 
_reflns_shell.number_measured_obs         ? 
_reflns_shell.number_possible             ? 
_reflns_shell.number_unique_all           ? 
_reflns_shell.number_unique_obs           . 
_reflns_shell.percent_possible_all        100 
_reflns_shell.percent_possible_obs        ? 
_reflns_shell.Rmerge_F_all                ? 
_reflns_shell.Rmerge_F_obs                ? 
_reflns_shell.Rmerge_I_all                ? 
_reflns_shell.Rmerge_I_obs                0.283 
_reflns_shell.meanI_over_sigI_gt          . 
_reflns_shell.meanI_over_uI_all           ? 
_reflns_shell.meanI_over_uI_gt            ? 
_reflns_shell.number_measured_gt          . 
_reflns_shell.number_unique_gt            ? 
_reflns_shell.percent_possible_gt         ? 
_reflns_shell.Rmerge_F_gt                 ? 
_reflns_shell.Rmerge_I_gt                 . 
_reflns_shell.pdbx_redundancy             11.4 
_reflns_shell.pdbx_Rsym_value             . 
_reflns_shell.pdbx_chi_squared            . 
_reflns_shell.pdbx_netI_over_sigmaI_all   ? 
_reflns_shell.pdbx_netI_over_sigmaI_obs   ? 
_reflns_shell.pdbx_Rrim_I_all             . 
_reflns_shell.pdbx_Rpim_I_all             ? 
_reflns_shell.pdbx_rejects                ? 
_reflns_shell.pdbx_ordinal                1 
_reflns_shell.pdbx_diffrn_id              1 
# 
_refine.aniso_B[1][1]                            0.04 
_refine.aniso_B[1][2]                            0.02 
_refine.aniso_B[1][3]                            0.00 
_refine.aniso_B[2][2]                            0.04 
_refine.aniso_B[2][3]                            0.00 
_refine.aniso_B[3][3]                            -0.06 
_refine.B_iso_max                                . 
_refine.B_iso_mean                               51.339 
_refine.B_iso_min                                . 
_refine.correlation_coeff_Fo_to_Fc               0.936 
_refine.correlation_coeff_Fo_to_Fc_free          0.902 
_refine.details                                  'HYDROGENS HAVE BEEN ADDED IN THE RIDING POSITIONS' 
_refine.diff_density_max                         . 
_refine.diff_density_max_esd                     . 
_refine.diff_density_min                         . 
_refine.diff_density_min_esd                     . 
_refine.diff_density_rms                         . 
_refine.diff_density_rms_esd                     . 
_refine.entry_id                                 4P9E 
_refine.pdbx_refine_id                           'X-RAY DIFFRACTION' 
_refine.ls_abs_structure_details                 . 
_refine.ls_abs_structure_Flack                   . 
_refine.ls_abs_structure_Flack_esd               . 
_refine.ls_abs_structure_Rogers                  . 
_refine.ls_abs_structure_Rogers_esd              . 
_refine.ls_d_res_high                            2.60 
_refine.ls_d_res_low                             67.66 
_refine.ls_extinction_coef                       . 
_refine.ls_extinction_coef_esd                   . 
_refine.ls_extinction_expression                 . 
_refine.ls_extinction_method                     . 
_refine.ls_goodness_of_fit_all                   . 
_refine.ls_goodness_of_fit_all_esd               . 
_refine.ls_goodness_of_fit_obs                   . 
_refine.ls_goodness_of_fit_obs_esd               . 
_refine.ls_hydrogen_treatment                    . 
_refine.ls_matrix_type                           . 
_refine.ls_number_constraints                    . 
_refine.ls_number_parameters                     . 
_refine.ls_number_reflns_all                     . 
_refine.ls_number_reflns_obs                     4591 
_refine.ls_number_reflns_R_free                  224 
_refine.ls_number_reflns_R_work                  . 
_refine.ls_number_restraints                     . 
_refine.ls_percent_reflns_obs                    99.67 
_refine.ls_percent_reflns_R_free                 4.7 
_refine.ls_R_factor_all                          . 
_refine.ls_R_factor_obs                          0.21466 
_refine.ls_R_factor_R_free                       0.27163 
_refine.ls_R_factor_R_free_error                 . 
_refine.ls_R_factor_R_free_error_details         . 
_refine.ls_R_factor_R_work                       0.21229 
_refine.ls_R_Fsqd_factor_obs                     . 
_refine.ls_R_I_factor_obs                        . 
_refine.ls_redundancy_reflns_all                 . 
_refine.ls_redundancy_reflns_obs                 . 
_refine.ls_restrained_S_all                      . 
_refine.ls_restrained_S_obs                      . 
_refine.ls_shift_over_esd_max                    . 
_refine.ls_shift_over_esd_mean                   . 
_refine.ls_structure_factor_coef                 . 
_refine.ls_weighting_details                     . 
_refine.ls_weighting_scheme                      . 
_refine.ls_wR_factor_all                         . 
_refine.ls_wR_factor_obs                         . 
_refine.ls_wR_factor_R_free                      . 
_refine.ls_wR_factor_R_work                      . 
_refine.occupancy_max                            . 
_refine.occupancy_min                            . 
_refine.overall_SU_B                             0.008 
_refine.overall_SU_ML                            0.000 
_refine.overall_SU_R_Cruickshank_DPI             . 
_refine.overall_SU_R_free                        . 
_refine.overall_FOM_free_R_set                   . 
_refine.overall_FOM_work_R_set                   . 
_refine.solvent_model_details                    MASK 
_refine.solvent_model_param_bsol                 . 
_refine.solvent_model_param_ksol                 . 
_refine.ls_R_factor_gt                           . 
_refine.ls_goodness_of_fit_gt                    . 
_refine.ls_goodness_of_fit_ref                   . 
_refine.ls_shift_over_su_max                     . 
_refine.ls_shift_over_su_max_lt                  . 
_refine.ls_shift_over_su_mean                    . 
_refine.ls_shift_over_su_mean_lt                 . 
_refine.pdbx_ls_sigma_I                          . 
_refine.pdbx_ls_sigma_F                          . 
_refine.pdbx_ls_sigma_Fsqd                       . 
_refine.pdbx_data_cutoff_high_absF               . 
_refine.pdbx_data_cutoff_high_rms_absF           . 
_refine.pdbx_data_cutoff_low_absF                . 
_refine.pdbx_isotropic_thermal_model             . 
_refine.pdbx_ls_cross_valid_method               THROUGHOUT 
_refine.pdbx_method_to_determine_struct          'MOLECULAR REPLACEMENT' 
_refine.pdbx_starting_model                      2HVV 
_refine.pdbx_stereochemistry_target_values       'MAXIMUM LIKELIHOOD' 
_refine.pdbx_R_Free_selection_details            RANDOM 
_refine.pdbx_stereochem_target_val_spec_case     . 
_refine.pdbx_overall_ESU_R                       0.260 
_refine.pdbx_overall_ESU_R_Free                  0.332 
_refine.pdbx_solvent_vdw_probe_radii             1.40 
_refine.pdbx_solvent_ion_probe_radii             0.80 
_refine.pdbx_solvent_shrinkage_radii             0.80 
_refine.pdbx_real_space_R                        . 
_refine.pdbx_density_correlation                 . 
_refine.pdbx_pd_number_of_powder_patterns        . 
_refine.pdbx_pd_number_of_points                 . 
_refine.pdbx_pd_meas_number_of_points            . 
_refine.pdbx_pd_proc_ls_prof_R_factor            . 
_refine.pdbx_pd_proc_ls_prof_wR_factor           . 
_refine.pdbx_pd_Marquardt_correlation_coeff      . 
_refine.pdbx_pd_Fsqrd_R_factor                   . 
_refine.pdbx_pd_ls_matrix_band_width             . 
_refine.pdbx_overall_phase_error                 . 
_refine.pdbx_overall_SU_R_free_Cruickshank_DPI   . 
_refine.pdbx_overall_SU_R_free_Blow_DPI          . 
_refine.pdbx_overall_SU_R_Blow_DPI               . 
_refine.pdbx_TLS_residual_ADP_flag               . 
_refine.pdbx_diffrn_id                           1 
# 
_refine_hist.pdbx_refine_id                   'X-RAY DIFFRACTION' 
_refine_hist.cycle_id                         1 
_refine_hist.pdbx_number_atoms_protein        962 
_refine_hist.pdbx_number_atoms_nucleic_acid   0 
_refine_hist.pdbx_number_atoms_ligand         2 
_refine_hist.number_atoms_solvent             15 
_refine_hist.number_atoms_total               979 
_refine_hist.d_res_high                       2.60 
_refine_hist.d_res_low                        67.66 
# 
_refine_ls_shell.pdbx_refine_id                   'X-RAY DIFFRACTION' 
_refine_ls_shell.d_res_high                       2.600 
_refine_ls_shell.d_res_low                        2.668 
_refine_ls_shell.number_reflns_all                . 
_refine_ls_shell.number_reflns_obs                . 
_refine_ls_shell.number_reflns_R_free             22 
_refine_ls_shell.number_reflns_R_work             315 
_refine_ls_shell.percent_reflns_obs               100.00 
_refine_ls_shell.percent_reflns_R_free            . 
_refine_ls_shell.R_factor_all                     . 
_refine_ls_shell.R_factor_obs                     . 
_refine_ls_shell.R_factor_R_free                  0.266 
_refine_ls_shell.R_factor_R_free_error            . 
_refine_ls_shell.R_factor_R_work                  0.249 
_refine_ls_shell.redundancy_reflns_all            . 
_refine_ls_shell.redundancy_reflns_obs            . 
_refine_ls_shell.wR_factor_all                    . 
_refine_ls_shell.wR_factor_obs                    . 
_refine_ls_shell.wR_factor_R_free                 . 
_refine_ls_shell.wR_factor_R_work                 . 
_refine_ls_shell.pdbx_total_number_of_bins_used   . 
_refine_ls_shell.pdbx_phase_error                 . 
# 
_struct.entry_id                     4P9E 
_struct.title                        'Crystal structure of dCMP deaminase from the cyanophage S-TIM5 in apo form' 
_struct.pdbx_model_details           . 
_struct.pdbx_formula_weight          . 
_struct.pdbx_formula_weight_method   . 
_struct.pdbx_model_type_details      . 
_struct.pdbx_CASP_flag               . 
# 
_struct_keywords.entry_id        4P9E 
_struct_keywords.text            'dCMP deaminase, cytidine deaminase, deoxycytidylate deaminase, S-TIM5 cyanophage, HYDROLASE' 
_struct_keywords.pdbx_keywords   HYDROLASE 
# 
loop_
_struct_asym.id 
_struct_asym.pdbx_blank_PDB_chainid_flag 
_struct_asym.pdbx_modified 
_struct_asym.entity_id 
_struct_asym.details 
A N N 1 ? 
B N N 2 ? 
C N N 3 ? 
D N N 4 ? 
# 
_struct_ref.id                         1 
_struct_ref.db_name                    UNP 
_struct_ref.db_code                    H6WFU3_9CAUD 
_struct_ref.pdbx_db_accession          H6WFU3 
_struct_ref.entity_id                  1 
_struct_ref.pdbx_seq_one_letter_code   
;MKPEIKEAYMKTAELFSQVSNCKRMKVGAIVVKNGSILAHGWNGTPSGFHTNCCELEDGSTNPFVLHAEQNALVKMAKSS
ESIDGSELFCTHSPCPDCSKMIAQAGVKKVYYRNEYRITDGIDVLQQLGVEVEKM
;
_struct_ref.pdbx_align_begin           1 
_struct_ref.pdbx_db_isoform            ? 
# 
_struct_ref_seq.align_id                      1 
_struct_ref_seq.ref_id                        1 
_struct_ref_seq.pdbx_PDB_id_code              4P9E 
_struct_ref_seq.pdbx_strand_id                A 
_struct_ref_seq.seq_align_beg                 4 
_struct_ref_seq.pdbx_seq_align_beg_ins_code   ? 
_struct_ref_seq.seq_align_end                 138 
_struct_ref_seq.pdbx_seq_align_end_ins_code   ? 
_struct_ref_seq.pdbx_db_accession             H6WFU3 
_struct_ref_seq.db_align_beg                  1 
_struct_ref_seq.pdbx_db_align_beg_ins_code    ? 
_struct_ref_seq.db_align_end                  135 
_struct_ref_seq.pdbx_db_align_end_ins_code    ? 
_struct_ref_seq.pdbx_auth_seq_align_beg       1 
_struct_ref_seq.pdbx_auth_seq_align_end       135 
# 
loop_
_struct_ref_seq_dif.align_id 
_struct_ref_seq_dif.pdbx_pdb_id_code 
_struct_ref_seq_dif.mon_id 
_struct_ref_seq_dif.pdbx_pdb_strand_id 
_struct_ref_seq_dif.seq_num 
_struct_ref_seq_dif.pdbx_pdb_ins_code 
_struct_ref_seq_dif.pdbx_seq_db_name 
_struct_ref_seq_dif.pdbx_seq_db_accession_code 
_struct_ref_seq_dif.db_mon_id 
_struct_ref_seq_dif.pdbx_seq_db_seq_num 
_struct_ref_seq_dif.details 
_struct_ref_seq_dif.pdbx_auth_seq_num 
_struct_ref_seq_dif.pdbx_ordinal 
1 4P9E GLY A 1 ? UNP H6WFU3 ? ? 'expression tag' -2 1 
1 4P9E SER A 2 ? UNP H6WFU3 ? ? 'expression tag' -1 2 
1 4P9E HIS A 3 ? UNP H6WFU3 ? ? 'expression tag' 0  3 
# 
_pdbx_struct_assembly.id                   1 
_pdbx_struct_assembly.details              author_and_software_defined_assembly 
_pdbx_struct_assembly.method_details       PISA 
_pdbx_struct_assembly.oligomeric_details   hexameric 
_pdbx_struct_assembly.oligomeric_count     6 
# 
loop_
_pdbx_struct_assembly_prop.biol_id 
_pdbx_struct_assembly_prop.type 
_pdbx_struct_assembly_prop.value 
_pdbx_struct_assembly_prop.details 
1 'ABSA (A^2)' 14040 ? 
1 MORE         -329  ? 
1 'SSA (A^2)'  29030 ? 
# 
_pdbx_struct_assembly_gen.assembly_id       1 
_pdbx_struct_assembly_gen.oper_expression   1,2,3,4,5,6 
_pdbx_struct_assembly_gen.asym_id_list      A,B,C,D 
# 
loop_
_pdbx_struct_oper_list.id 
_pdbx_struct_oper_list.type 
_pdbx_struct_oper_list.name 
_pdbx_struct_oper_list.symmetry_operation 
_pdbx_struct_oper_list.matrix[1][1] 
_pdbx_struct_oper_list.matrix[1][2] 
_pdbx_struct_oper_list.matrix[1][3] 
_pdbx_struct_oper_list.vector[1] 
_pdbx_struct_oper_list.matrix[2][1] 
_pdbx_struct_oper_list.matrix[2][2] 
_pdbx_struct_oper_list.matrix[2][3] 
_pdbx_struct_oper_list.vector[2] 
_pdbx_struct_oper_list.matrix[3][1] 
_pdbx_struct_oper_list.matrix[3][2] 
_pdbx_struct_oper_list.matrix[3][3] 
_pdbx_struct_oper_list.vector[3] 
1 'identity operation'         1_555  x,y,z         1.0000000000  0.0000000000  0.0000000000  0.0000000000   0.0000000000  1.0000000000  0.0000000000  0.0000000000  0.0000000000  0.0000000000  1.0000000000  0.0000000000  
2 'crystal symmetry operation' 2_555  -y,x-y,z      -0.1462377170 -0.7159356197 -0.6826790744 28.9856842159  -0.5499600636 0.6324637744  -0.5454663166 18.2545261342 0.8222885495  0.2956784784  -0.4862260574 18.6251125727 
3 'crystal symmetry operation' 3_555  -x+y,-x,z     -0.1462377170 -0.5499600636 0.8222885495  -1.0371561613  -0.7159356197 0.6324637744  0.2956784784  3.6995123467  -0.6826790744 -0.5454663166 -0.4862260574 38.8011642569 
4 'crystal symmetry operation' 10_554 -y,-x,-z-1/2  -0.9999932147 0.0004075693  0.0036612085  15.2914107189  0.0004075693  -0.9755187505 0.2199158959  16.0901604155 0.0036612085  0.2199158959  0.9755119652  -1.8195116758 
5 'crystal symmetry operation' 11_554 -x+y,y,-z-1/2 0.1490231477  0.7172710752  0.6806719520  -13.6184464165 0.7172710752  -0.5522476668 0.4249055415  2.3902998818  0.6806719520  0.4249055415  -0.5967754809 20.4700915947 
6 'crystal symmetry operation' 12_554 x,x-y,-z-1/2  0.1434455010  0.5482170389  -0.8239426355 16.4721268013  0.5482170389  -0.7371611315 -0.3950335993 21.0137868408 -0.8239426355 -0.3950335993 -0.4062843695 36.8412726488 
# 
loop_
_struct_conf.conf_type_id 
_struct_conf.id 
_struct_conf.pdbx_PDB_helix_id 
_struct_conf.beg_label_comp_id 
_struct_conf.beg_label_asym_id 
_struct_conf.beg_label_seq_id 
_struct_conf.pdbx_beg_PDB_ins_code 
_struct_conf.end_label_comp_id 
_struct_conf.end_label_asym_id 
_struct_conf.end_label_seq_id 
_struct_conf.pdbx_end_PDB_ins_code 
_struct_conf.beg_auth_comp_id 
_struct_conf.beg_auth_asym_id 
_struct_conf.beg_auth_seq_id 
_struct_conf.end_auth_comp_id 
_struct_conf.end_auth_asym_id 
_struct_conf.end_auth_seq_id 
_struct_conf.pdbx_PDB_helix_class 
_struct_conf.details 
_struct_conf.pdbx_PDB_helix_length 
HELX_P HELX_P1 AA1 LYS A 5   ? GLN A 21  ? LYS A 2   GLN A 18  1 ? 17 
HELX_P HELX_P2 AA2 HIS A 70  ? LYS A 81  ? HIS A 67  LYS A 78  1 ? 12 
HELX_P HELX_P3 AA3 CYS A 98  ? ALA A 108 ? CYS A 95  ALA A 105 1 ? 11 
HELX_P HELX_P4 AA4 ASP A 123 ? LEU A 131 ? ASP A 120 LEU A 128 1 ? 9  
# 
_struct_conf_type.id          HELX_P 
_struct_conf_type.criteria    ? 
_struct_conf_type.reference   ? 
# 
loop_
_struct_conn.id 
_struct_conn.conn_type_id 
_struct_conn.pdbx_leaving_atom_flag 
_struct_conn.pdbx_PDB_id 
_struct_conn.ptnr1_label_asym_id 
_struct_conn.ptnr1_label_comp_id 
_struct_conn.ptnr1_label_seq_id 
_struct_conn.ptnr1_label_atom_id 
_struct_conn.pdbx_ptnr1_label_alt_id 
_struct_conn.pdbx_ptnr1_PDB_ins_code 
_struct_conn.pdbx_ptnr1_standard_comp_id 
_struct_conn.ptnr1_symmetry 
_struct_conn.ptnr2_label_asym_id 
_struct_conn.ptnr2_label_comp_id 
_struct_conn.ptnr2_label_seq_id 
_struct_conn.ptnr2_label_atom_id 
_struct_conn.pdbx_ptnr2_label_alt_id 
_struct_conn.pdbx_ptnr2_PDB_ins_code 
_struct_conn.ptnr1_auth_asym_id 
_struct_conn.ptnr1_auth_comp_id 
_struct_conn.ptnr1_auth_seq_id 
_struct_conn.ptnr2_auth_asym_id 
_struct_conn.ptnr2_auth_comp_id 
_struct_conn.ptnr2_auth_seq_id 
_struct_conn.ptnr2_symmetry 
_struct_conn.pdbx_ptnr3_label_atom_id 
_struct_conn.pdbx_ptnr3_label_seq_id 
_struct_conn.pdbx_ptnr3_label_comp_id 
_struct_conn.pdbx_ptnr3_label_asym_id 
_struct_conn.pdbx_ptnr3_label_alt_id 
_struct_conn.pdbx_ptnr3_PDB_ins_code 
_struct_conn.details 
_struct_conn.pdbx_dist_value 
_struct_conn.pdbx_value_order 
_struct_conn.pdbx_role 
disulf1 disulf ? ? A CYS 25  SG  A ? ? 1_555 A CYS 57 SG ? ? A CYS 22  A CYS 54  1_555 ? ? ? ? ? ? ? 2.020 ? ? 
metalc1 metalc ? ? A HIS 70  ND1 ? ? ? 1_555 B ZN  .  ZN ? ? A HIS 67  A ZN  201 1_555 ? ? ? ? ? ? ? 1.967 ? ? 
metalc2 metalc ? ? A CYS 98  SG  ? ? ? 1_555 B ZN  .  ZN ? ? A CYS 95  A ZN  201 1_555 ? ? ? ? ? ? ? 2.183 ? ? 
metalc3 metalc ? ? A CYS 101 SG  ? ? ? 1_555 B ZN  .  ZN ? ? A CYS 98  A ZN  201 1_555 ? ? ? ? ? ? ? 2.297 ? ? 
metalc4 metalc ? ? B ZN  .   ZN  ? ? ? 1_555 D HOH .  O  ? ? A ZN  201 A HOH 311 1_555 ? ? ? ? ? ? ? 2.449 ? ? 
# 
loop_
_struct_conn_type.id 
_struct_conn_type.criteria 
_struct_conn_type.reference 
disulf ? ? 
metalc ? ? 
# 
loop_
_pdbx_struct_conn_angle.id 
_pdbx_struct_conn_angle.ptnr1_label_atom_id 
_pdbx_struct_conn_angle.ptnr1_label_alt_id 
_pdbx_struct_conn_angle.ptnr1_label_asym_id 
_pdbx_struct_conn_angle.ptnr1_label_comp_id 
_pdbx_struct_conn_angle.ptnr1_label_seq_id 
_pdbx_struct_conn_angle.ptnr1_auth_atom_id 
_pdbx_struct_conn_angle.ptnr1_auth_asym_id 
_pdbx_struct_conn_angle.ptnr1_auth_comp_id 
_pdbx_struct_conn_angle.ptnr1_auth_seq_id 
_pdbx_struct_conn_angle.ptnr1_PDB_ins_code 
_pdbx_struct_conn_angle.ptnr1_symmetry 
_pdbx_struct_conn_angle.ptnr2_label_atom_id 
_pdbx_struct_conn_angle.ptnr2_label_alt_id 
_pdbx_struct_conn_angle.ptnr2_label_asym_id 
_pdbx_struct_conn_angle.ptnr2_label_comp_id 
_pdbx_struct_conn_angle.ptnr2_label_seq_id 
_pdbx_struct_conn_angle.ptnr2_auth_atom_id 
_pdbx_struct_conn_angle.ptnr2_auth_asym_id 
_pdbx_struct_conn_angle.ptnr2_auth_comp_id 
_pdbx_struct_conn_angle.ptnr2_auth_seq_id 
_pdbx_struct_conn_angle.ptnr2_PDB_ins_code 
_pdbx_struct_conn_angle.ptnr2_symmetry 
_pdbx_struct_conn_angle.ptnr3_label_atom_id 
_pdbx_struct_conn_angle.ptnr3_label_alt_id 
_pdbx_struct_conn_angle.ptnr3_label_asym_id 
_pdbx_struct_conn_angle.ptnr3_label_comp_id 
_pdbx_struct_conn_angle.ptnr3_label_seq_id 
_pdbx_struct_conn_angle.ptnr3_auth_atom_id 
_pdbx_struct_conn_angle.ptnr3_auth_asym_id 
_pdbx_struct_conn_angle.ptnr3_auth_comp_id 
_pdbx_struct_conn_angle.ptnr3_auth_seq_id 
_pdbx_struct_conn_angle.ptnr3_PDB_ins_code 
_pdbx_struct_conn_angle.ptnr3_symmetry 
_pdbx_struct_conn_angle.value 
_pdbx_struct_conn_angle.value_esd 
1 ND1 ? A HIS 70  ? A HIS 67 ? 1_555 ZN ? B ZN . ? A ZN 201 ? 1_555 SG ? A CYS 98  ? A CYS 95  ? 1_555 106.6 ? 
2 ND1 ? A HIS 70  ? A HIS 67 ? 1_555 ZN ? B ZN . ? A ZN 201 ? 1_555 SG ? A CYS 101 ? A CYS 98  ? 1_555 102.0 ? 
3 SG  ? A CYS 98  ? A CYS 95 ? 1_555 ZN ? B ZN . ? A ZN 201 ? 1_555 SG ? A CYS 101 ? A CYS 98  ? 1_555 110.3 ? 
4 ND1 ? A HIS 70  ? A HIS 67 ? 1_555 ZN ? B ZN . ? A ZN 201 ? 1_555 O  ? D HOH .   ? A HOH 311 ? 1_555 106.3 ? 
5 SG  ? A CYS 98  ? A CYS 95 ? 1_555 ZN ? B ZN . ? A ZN 201 ? 1_555 O  ? D HOH .   ? A HOH 311 ? 1_555 123.2 ? 
6 SG  ? A CYS 101 ? A CYS 98 ? 1_555 ZN ? B ZN . ? A ZN 201 ? 1_555 O  ? D HOH .   ? A HOH 311 ? 1_555 106.4 ? 
# 
_pdbx_modification_feature.ordinal                            1 
_pdbx_modification_feature.label_comp_id                      CYS 
_pdbx_modification_feature.label_asym_id                      A 
_pdbx_modification_feature.label_seq_id                       25 
_pdbx_modification_feature.label_alt_id                       A 
_pdbx_modification_feature.modified_residue_label_comp_id     CYS 
_pdbx_modification_feature.modified_residue_label_asym_id     A 
_pdbx_modification_feature.modified_residue_label_seq_id      57 
_pdbx_modification_feature.modified_residue_label_alt_id      ? 
_pdbx_modification_feature.auth_comp_id                       CYS 
_pdbx_modification_feature.auth_asym_id                       A 
_pdbx_modification_feature.auth_seq_id                        22 
_pdbx_modification_feature.PDB_ins_code                       ? 
_pdbx_modification_feature.symmetry                           1_555 
_pdbx_modification_feature.modified_residue_auth_comp_id      CYS 
_pdbx_modification_feature.modified_residue_auth_asym_id      A 
_pdbx_modification_feature.modified_residue_auth_seq_id       54 
_pdbx_modification_feature.modified_residue_PDB_ins_code      ? 
_pdbx_modification_feature.modified_residue_symmetry          1_555 
_pdbx_modification_feature.comp_id_linking_atom               SG 
_pdbx_modification_feature.modified_residue_id_linking_atom   SG 
_pdbx_modification_feature.modified_residue_id                . 
_pdbx_modification_feature.ref_pcm_id                         . 
_pdbx_modification_feature.ref_comp_id                        . 
_pdbx_modification_feature.type                               None 
_pdbx_modification_feature.category                           'Disulfide bridge' 
# 
_struct_sheet.id               AA1 
_struct_sheet.type             ? 
_struct_sheet.number_strands   5 
_struct_sheet.details          ? 
# 
loop_
_struct_sheet_order.sheet_id 
_struct_sheet_order.range_id_1 
_struct_sheet_order.range_id_2 
_struct_sheet_order.offset 
_struct_sheet_order.sense 
AA1 1 2 ? anti-parallel 
AA1 2 3 ? anti-parallel 
AA1 3 4 ? parallel      
AA1 4 5 ? parallel      
# 
loop_
_struct_sheet_range.sheet_id 
_struct_sheet_range.id 
_struct_sheet_range.beg_label_comp_id 
_struct_sheet_range.beg_label_asym_id 
_struct_sheet_range.beg_label_seq_id 
_struct_sheet_range.pdbx_beg_PDB_ins_code 
_struct_sheet_range.end_label_comp_id 
_struct_sheet_range.end_label_asym_id 
_struct_sheet_range.end_label_seq_id 
_struct_sheet_range.pdbx_end_PDB_ins_code 
_struct_sheet_range.beg_auth_comp_id 
_struct_sheet_range.beg_auth_asym_id 
_struct_sheet_range.beg_auth_seq_id 
_struct_sheet_range.end_auth_comp_id 
_struct_sheet_range.end_auth_asym_id 
_struct_sheet_range.end_auth_seq_id 
AA1 1 SER A 39  ? TRP A 45  ? SER A 36  TRP A 42  
AA1 2 GLY A 31  ? LYS A 36  ? GLY A 28  LYS A 33  
AA1 3 GLU A 90  ? HIS A 95  ? GLU A 87  HIS A 92  
AA1 4 LYS A 112 ? ASN A 117 ? LYS A 109 ASN A 114 
AA1 5 GLU A 134 ? LYS A 137 ? GLU A 131 LYS A 134 
# 
loop_
_pdbx_struct_sheet_hbond.sheet_id 
_pdbx_struct_sheet_hbond.range_id_1 
_pdbx_struct_sheet_hbond.range_id_2 
_pdbx_struct_sheet_hbond.range_1_label_atom_id 
_pdbx_struct_sheet_hbond.range_1_label_comp_id 
_pdbx_struct_sheet_hbond.range_1_label_asym_id 
_pdbx_struct_sheet_hbond.range_1_label_seq_id 
_pdbx_struct_sheet_hbond.range_1_PDB_ins_code 
_pdbx_struct_sheet_hbond.range_1_auth_atom_id 
_pdbx_struct_sheet_hbond.range_1_auth_comp_id 
_pdbx_struct_sheet_hbond.range_1_auth_asym_id 
_pdbx_struct_sheet_hbond.range_1_auth_seq_id 
_pdbx_struct_sheet_hbond.range_2_label_atom_id 
_pdbx_struct_sheet_hbond.range_2_label_comp_id 
_pdbx_struct_sheet_hbond.range_2_label_asym_id 
_pdbx_struct_sheet_hbond.range_2_label_seq_id 
_pdbx_struct_sheet_hbond.range_2_PDB_ins_code 
_pdbx_struct_sheet_hbond.range_2_auth_atom_id 
_pdbx_struct_sheet_hbond.range_2_auth_comp_id 
_pdbx_struct_sheet_hbond.range_2_auth_asym_id 
_pdbx_struct_sheet_hbond.range_2_auth_seq_id 
AA1 1 2 O ALA A 42  ? O ALA A 39  N VAL A 34  ? N VAL A 31  
AA1 2 3 N VAL A 35  ? N VAL A 32  O GLU A 90  ? O GLU A 87  
AA1 3 4 N CYS A 93  ? N CYS A 90  O TYR A 114 ? O TYR A 111 
AA1 4 5 N VAL A 113 ? N VAL A 110 O GLU A 134 ? O GLU A 131 
# 
loop_
_struct_site.id 
_struct_site.pdbx_evidence_code 
_struct_site.pdbx_auth_asym_id 
_struct_site.pdbx_auth_comp_id 
_struct_site.pdbx_auth_seq_id 
_struct_site.pdbx_auth_ins_code 
_struct_site.pdbx_num_residues 
_struct_site.details 
AC1 Software A ZN 201 ? 4 'binding site for residue ZN A 201' 
AC2 Software A CL 202 ? 6 'binding site for residue CL A 202' 
# 
loop_
_struct_site_gen.id 
_struct_site_gen.site_id 
_struct_site_gen.pdbx_num_res 
_struct_site_gen.label_comp_id 
_struct_site_gen.label_asym_id 
_struct_site_gen.label_seq_id 
_struct_site_gen.pdbx_auth_ins_code 
_struct_site_gen.auth_comp_id 
_struct_site_gen.auth_asym_id 
_struct_site_gen.auth_seq_id 
_struct_site_gen.label_atom_id 
_struct_site_gen.label_alt_id 
_struct_site_gen.symmetry 
_struct_site_gen.details 
1  AC1 4 HIS A 70  ? HIS A 67  . ? 1_555  ? 
2  AC1 4 CYS A 98  ? CYS A 95  . ? 1_555  ? 
3  AC1 4 CYS A 101 ? CYS A 98  . ? 1_555  ? 
4  AC1 4 HOH D .   ? HOH A 311 . ? 1_555  ? 
5  AC2 6 MET A 79  ? MET A 76  . ? 1_555  ? 
6  AC2 6 MET A 79  ? MET A 76  . ? 10_554 ? 
7  AC2 6 ALA A 80  ? ALA A 77  . ? 10_554 ? 
8  AC2 6 SER A 82  ? SER A 79  . ? 10_554 ? 
9  AC2 6 SER A 82  ? SER A 79  . ? 1_555  ? 
10 AC2 6 GLU A 84  ? GLU A 81  . ? 1_555  ? 
# 
_pdbx_entry_details.entry_id                   4P9E 
_pdbx_entry_details.compound_details           ? 
_pdbx_entry_details.source_details             ? 
_pdbx_entry_details.nonpolymer_details         ? 
_pdbx_entry_details.sequence_details           ? 
_pdbx_entry_details.has_ligand_of_interest     ? 
_pdbx_entry_details.has_protein_modification   Y 
# 
loop_
_pdbx_unobs_or_zero_occ_residues.id 
_pdbx_unobs_or_zero_occ_residues.PDB_model_num 
_pdbx_unobs_or_zero_occ_residues.polymer_flag 
_pdbx_unobs_or_zero_occ_residues.occupancy_flag 
_pdbx_unobs_or_zero_occ_residues.auth_asym_id 
_pdbx_unobs_or_zero_occ_residues.auth_comp_id 
_pdbx_unobs_or_zero_occ_residues.auth_seq_id 
_pdbx_unobs_or_zero_occ_residues.PDB_ins_code 
_pdbx_unobs_or_zero_occ_residues.label_asym_id 
_pdbx_unobs_or_zero_occ_residues.label_comp_id 
_pdbx_unobs_or_zero_occ_residues.label_seq_id 
1  1 Y 1 A GLY -2  ? A GLY 1   
2  1 Y 1 A SER -1  ? A SER 2   
3  1 Y 1 A HIS 0   ? A HIS 3   
4  1 Y 1 A GLU 55  ? A GLU 58  
5  1 Y 1 A LEU 56  ? A LEU 59  
6  1 Y 1 A GLU 57  ? A GLU 60  
7  1 Y 1 A ASP 58  ? A ASP 61  
8  1 Y 1 A GLY 59  ? A GLY 62  
9  1 Y 1 A SER 60  ? A SER 63  
10 1 Y 1 A TYR 116 ? A TYR 119 
11 1 Y 1 A ARG 117 ? A ARG 120 
12 1 Y 1 A ILE 118 ? A ILE 121 
# 
loop_
_chem_comp_atom.comp_id 
_chem_comp_atom.atom_id 
_chem_comp_atom.type_symbol 
_chem_comp_atom.pdbx_aromatic_flag 
_chem_comp_atom.pdbx_stereo_config 
_chem_comp_atom.pdbx_ordinal 
ALA N    N  N N 1   
ALA CA   C  N S 2   
ALA C    C  N N 3   
ALA O    O  N N 4   
ALA CB   C  N N 5   
ALA OXT  O  N N 6   
ALA H    H  N N 7   
ALA H2   H  N N 8   
ALA HA   H  N N 9   
ALA HB1  H  N N 10  
ALA HB2  H  N N 11  
ALA HB3  H  N N 12  
ALA HXT  H  N N 13  
ARG N    N  N N 14  
ARG CA   C  N S 15  
ARG C    C  N N 16  
ARG O    O  N N 17  
ARG CB   C  N N 18  
ARG CG   C  N N 19  
ARG CD   C  N N 20  
ARG NE   N  N N 21  
ARG CZ   C  N N 22  
ARG NH1  N  N N 23  
ARG NH2  N  N N 24  
ARG OXT  O  N N 25  
ARG H    H  N N 26  
ARG H2   H  N N 27  
ARG HA   H  N N 28  
ARG HB2  H  N N 29  
ARG HB3  H  N N 30  
ARG HG2  H  N N 31  
ARG HG3  H  N N 32  
ARG HD2  H  N N 33  
ARG HD3  H  N N 34  
ARG HE   H  N N 35  
ARG HH11 H  N N 36  
ARG HH12 H  N N 37  
ARG HH21 H  N N 38  
ARG HH22 H  N N 39  
ARG HXT  H  N N 40  
ASN N    N  N N 41  
ASN CA   C  N S 42  
ASN C    C  N N 43  
ASN O    O  N N 44  
ASN CB   C  N N 45  
ASN CG   C  N N 46  
ASN OD1  O  N N 47  
ASN ND2  N  N N 48  
ASN OXT  O  N N 49  
ASN H    H  N N 50  
ASN H2   H  N N 51  
ASN HA   H  N N 52  
ASN HB2  H  N N 53  
ASN HB3  H  N N 54  
ASN HD21 H  N N 55  
ASN HD22 H  N N 56  
ASN HXT  H  N N 57  
ASP N    N  N N 58  
ASP CA   C  N S 59  
ASP C    C  N N 60  
ASP O    O  N N 61  
ASP CB   C  N N 62  
ASP CG   C  N N 63  
ASP OD1  O  N N 64  
ASP OD2  O  N N 65  
ASP OXT  O  N N 66  
ASP H    H  N N 67  
ASP H2   H  N N 68  
ASP HA   H  N N 69  
ASP HB2  H  N N 70  
ASP HB3  H  N N 71  
ASP HD2  H  N N 72  
ASP HXT  H  N N 73  
CL  CL   CL N N 74  
CYS N    N  N N 75  
CYS CA   C  N R 76  
CYS C    C  N N 77  
CYS O    O  N N 78  
CYS CB   C  N N 79  
CYS SG   S  N N 80  
CYS OXT  O  N N 81  
CYS H    H  N N 82  
CYS H2   H  N N 83  
CYS HA   H  N N 84  
CYS HB2  H  N N 85  
CYS HB3  H  N N 86  
CYS HG   H  N N 87  
CYS HXT  H  N N 88  
GLN N    N  N N 89  
GLN CA   C  N S 90  
GLN C    C  N N 91  
GLN O    O  N N 92  
GLN CB   C  N N 93  
GLN CG   C  N N 94  
GLN CD   C  N N 95  
GLN OE1  O  N N 96  
GLN NE2  N  N N 97  
GLN OXT  O  N N 98  
GLN H    H  N N 99  
GLN H2   H  N N 100 
GLN HA   H  N N 101 
GLN HB2  H  N N 102 
GLN HB3  H  N N 103 
GLN HG2  H  N N 104 
GLN HG3  H  N N 105 
GLN HE21 H  N N 106 
GLN HE22 H  N N 107 
GLN HXT  H  N N 108 
GLU N    N  N N 109 
GLU CA   C  N S 110 
GLU C    C  N N 111 
GLU O    O  N N 112 
GLU CB   C  N N 113 
GLU CG   C  N N 114 
GLU CD   C  N N 115 
GLU OE1  O  N N 116 
GLU OE2  O  N N 117 
GLU OXT  O  N N 118 
GLU H    H  N N 119 
GLU H2   H  N N 120 
GLU HA   H  N N 121 
GLU HB2  H  N N 122 
GLU HB3  H  N N 123 
GLU HG2  H  N N 124 
GLU HG3  H  N N 125 
GLU HE2  H  N N 126 
GLU HXT  H  N N 127 
GLY N    N  N N 128 
GLY CA   C  N N 129 
GLY C    C  N N 130 
GLY O    O  N N 131 
GLY OXT  O  N N 132 
GLY H    H  N N 133 
GLY H2   H  N N 134 
GLY HA2  H  N N 135 
GLY HA3  H  N N 136 
GLY HXT  H  N N 137 
HIS N    N  N N 138 
HIS CA   C  N S 139 
HIS C    C  N N 140 
HIS O    O  N N 141 
HIS CB   C  N N 142 
HIS CG   C  Y N 143 
HIS ND1  N  Y N 144 
HIS CD2  C  Y N 145 
HIS CE1  C  Y N 146 
HIS NE2  N  Y N 147 
HIS OXT  O  N N 148 
HIS H    H  N N 149 
HIS H2   H  N N 150 
HIS HA   H  N N 151 
HIS HB2  H  N N 152 
HIS HB3  H  N N 153 
HIS HD1  H  N N 154 
HIS HD2  H  N N 155 
HIS HE1  H  N N 156 
HIS HE2  H  N N 157 
HIS HXT  H  N N 158 
HOH O    O  N N 159 
HOH H1   H  N N 160 
HOH H2   H  N N 161 
ILE N    N  N N 162 
ILE CA   C  N S 163 
ILE C    C  N N 164 
ILE O    O  N N 165 
ILE CB   C  N S 166 
ILE CG1  C  N N 167 
ILE CG2  C  N N 168 
ILE CD1  C  N N 169 
ILE OXT  O  N N 170 
ILE H    H  N N 171 
ILE H2   H  N N 172 
ILE HA   H  N N 173 
ILE HB   H  N N 174 
ILE HG12 H  N N 175 
ILE HG13 H  N N 176 
ILE HG21 H  N N 177 
ILE HG22 H  N N 178 
ILE HG23 H  N N 179 
ILE HD11 H  N N 180 
ILE HD12 H  N N 181 
ILE HD13 H  N N 182 
ILE HXT  H  N N 183 
LEU N    N  N N 184 
LEU CA   C  N S 185 
LEU C    C  N N 186 
LEU O    O  N N 187 
LEU CB   C  N N 188 
LEU CG   C  N N 189 
LEU CD1  C  N N 190 
LEU CD2  C  N N 191 
LEU OXT  O  N N 192 
LEU H    H  N N 193 
LEU H2   H  N N 194 
LEU HA   H  N N 195 
LEU HB2  H  N N 196 
LEU HB3  H  N N 197 
LEU HG   H  N N 198 
LEU HD11 H  N N 199 
LEU HD12 H  N N 200 
LEU HD13 H  N N 201 
LEU HD21 H  N N 202 
LEU HD22 H  N N 203 
LEU HD23 H  N N 204 
LEU HXT  H  N N 205 
LYS N    N  N N 206 
LYS CA   C  N S 207 
LYS C    C  N N 208 
LYS O    O  N N 209 
LYS CB   C  N N 210 
LYS CG   C  N N 211 
LYS CD   C  N N 212 
LYS CE   C  N N 213 
LYS NZ   N  N N 214 
LYS OXT  O  N N 215 
LYS H    H  N N 216 
LYS H2   H  N N 217 
LYS HA   H  N N 218 
LYS HB2  H  N N 219 
LYS HB3  H  N N 220 
LYS HG2  H  N N 221 
LYS HG3  H  N N 222 
LYS HD2  H  N N 223 
LYS HD3  H  N N 224 
LYS HE2  H  N N 225 
LYS HE3  H  N N 226 
LYS HZ1  H  N N 227 
LYS HZ2  H  N N 228 
LYS HZ3  H  N N 229 
LYS HXT  H  N N 230 
MET N    N  N N 231 
MET CA   C  N S 232 
MET C    C  N N 233 
MET O    O  N N 234 
MET CB   C  N N 235 
MET CG   C  N N 236 
MET SD   S  N N 237 
MET CE   C  N N 238 
MET OXT  O  N N 239 
MET H    H  N N 240 
MET H2   H  N N 241 
MET HA   H  N N 242 
MET HB2  H  N N 243 
MET HB3  H  N N 244 
MET HG2  H  N N 245 
MET HG3  H  N N 246 
MET HE1  H  N N 247 
MET HE2  H  N N 248 
MET HE3  H  N N 249 
MET HXT  H  N N 250 
PHE N    N  N N 251 
PHE CA   C  N S 252 
PHE C    C  N N 253 
PHE O    O  N N 254 
PHE CB   C  N N 255 
PHE CG   C  Y N 256 
PHE CD1  C  Y N 257 
PHE CD2  C  Y N 258 
PHE CE1  C  Y N 259 
PHE CE2  C  Y N 260 
PHE CZ   C  Y N 261 
PHE OXT  O  N N 262 
PHE H    H  N N 263 
PHE H2   H  N N 264 
PHE HA   H  N N 265 
PHE HB2  H  N N 266 
PHE HB3  H  N N 267 
PHE HD1  H  N N 268 
PHE HD2  H  N N 269 
PHE HE1  H  N N 270 
PHE HE2  H  N N 271 
PHE HZ   H  N N 272 
PHE HXT  H  N N 273 
PRO N    N  N N 274 
PRO CA   C  N S 275 
PRO C    C  N N 276 
PRO O    O  N N 277 
PRO CB   C  N N 278 
PRO CG   C  N N 279 
PRO CD   C  N N 280 
PRO OXT  O  N N 281 
PRO H    H  N N 282 
PRO HA   H  N N 283 
PRO HB2  H  N N 284 
PRO HB3  H  N N 285 
PRO HG2  H  N N 286 
PRO HG3  H  N N 287 
PRO HD2  H  N N 288 
PRO HD3  H  N N 289 
PRO HXT  H  N N 290 
SER N    N  N N 291 
SER CA   C  N S 292 
SER C    C  N N 293 
SER O    O  N N 294 
SER CB   C  N N 295 
SER OG   O  N N 296 
SER OXT  O  N N 297 
SER H    H  N N 298 
SER H2   H  N N 299 
SER HA   H  N N 300 
SER HB2  H  N N 301 
SER HB3  H  N N 302 
SER HG   H  N N 303 
SER HXT  H  N N 304 
THR N    N  N N 305 
THR CA   C  N S 306 
THR C    C  N N 307 
THR O    O  N N 308 
THR CB   C  N R 309 
THR OG1  O  N N 310 
THR CG2  C  N N 311 
THR OXT  O  N N 312 
THR H    H  N N 313 
THR H2   H  N N 314 
THR HA   H  N N 315 
THR HB   H  N N 316 
THR HG1  H  N N 317 
THR HG21 H  N N 318 
THR HG22 H  N N 319 
THR HG23 H  N N 320 
THR HXT  H  N N 321 
TRP N    N  N N 322 
TRP CA   C  N S 323 
TRP C    C  N N 324 
TRP O    O  N N 325 
TRP CB   C  N N 326 
TRP CG   C  Y N 327 
TRP CD1  C  Y N 328 
TRP CD2  C  Y N 329 
TRP NE1  N  Y N 330 
TRP CE2  C  Y N 331 
TRP CE3  C  Y N 332 
TRP CZ2  C  Y N 333 
TRP CZ3  C  Y N 334 
TRP CH2  C  Y N 335 
TRP OXT  O  N N 336 
TRP H    H  N N 337 
TRP H2   H  N N 338 
TRP HA   H  N N 339 
TRP HB2  H  N N 340 
TRP HB3  H  N N 341 
TRP HD1  H  N N 342 
TRP HE1  H  N N 343 
TRP HE3  H  N N 344 
TRP HZ2  H  N N 345 
TRP HZ3  H  N N 346 
TRP HH2  H  N N 347 
TRP HXT  H  N N 348 
TYR N    N  N N 349 
TYR CA   C  N S 350 
TYR C    C  N N 351 
TYR O    O  N N 352 
TYR CB   C  N N 353 
TYR CG   C  Y N 354 
TYR CD1  C  Y N 355 
TYR CD2  C  Y N 356 
TYR CE1  C  Y N 357 
TYR CE2  C  Y N 358 
TYR CZ   C  Y N 359 
TYR OH   O  N N 360 
TYR OXT  O  N N 361 
TYR H    H  N N 362 
TYR H2   H  N N 363 
TYR HA   H  N N 364 
TYR HB2  H  N N 365 
TYR HB3  H  N N 366 
TYR HD1  H  N N 367 
TYR HD2  H  N N 368 
TYR HE1  H  N N 369 
TYR HE2  H  N N 370 
TYR HH   H  N N 371 
TYR HXT  H  N N 372 
VAL N    N  N N 373 
VAL CA   C  N S 374 
VAL C    C  N N 375 
VAL O    O  N N 376 
VAL CB   C  N N 377 
VAL CG1  C  N N 378 
VAL CG2  C  N N 379 
VAL OXT  O  N N 380 
VAL H    H  N N 381 
VAL H2   H  N N 382 
VAL HA   H  N N 383 
VAL HB   H  N N 384 
VAL HG11 H  N N 385 
VAL HG12 H  N N 386 
VAL HG13 H  N N 387 
VAL HG21 H  N N 388 
VAL HG22 H  N N 389 
VAL HG23 H  N N 390 
VAL HXT  H  N N 391 
ZN  ZN   ZN N N 392 
# 
loop_
_chem_comp_bond.comp_id 
_chem_comp_bond.atom_id_1 
_chem_comp_bond.atom_id_2 
_chem_comp_bond.value_order 
_chem_comp_bond.pdbx_aromatic_flag 
_chem_comp_bond.pdbx_stereo_config 
_chem_comp_bond.pdbx_ordinal 
ALA N   CA   sing N N 1   
ALA N   H    sing N N 2   
ALA N   H2   sing N N 3   
ALA CA  C    sing N N 4   
ALA CA  CB   sing N N 5   
ALA CA  HA   sing N N 6   
ALA C   O    doub N N 7   
ALA C   OXT  sing N N 8   
ALA CB  HB1  sing N N 9   
ALA CB  HB2  sing N N 10  
ALA CB  HB3  sing N N 11  
ALA OXT HXT  sing N N 12  
ARG N   CA   sing N N 13  
ARG N   H    sing N N 14  
ARG N   H2   sing N N 15  
ARG CA  C    sing N N 16  
ARG CA  CB   sing N N 17  
ARG CA  HA   sing N N 18  
ARG C   O    doub N N 19  
ARG C   OXT  sing N N 20  
ARG CB  CG   sing N N 21  
ARG CB  HB2  sing N N 22  
ARG CB  HB3  sing N N 23  
ARG CG  CD   sing N N 24  
ARG CG  HG2  sing N N 25  
ARG CG  HG3  sing N N 26  
ARG CD  NE   sing N N 27  
ARG CD  HD2  sing N N 28  
ARG CD  HD3  sing N N 29  
ARG NE  CZ   sing N N 30  
ARG NE  HE   sing N N 31  
ARG CZ  NH1  sing N N 32  
ARG CZ  NH2  doub N N 33  
ARG NH1 HH11 sing N N 34  
ARG NH1 HH12 sing N N 35  
ARG NH2 HH21 sing N N 36  
ARG NH2 HH22 sing N N 37  
ARG OXT HXT  sing N N 38  
ASN N   CA   sing N N 39  
ASN N   H    sing N N 40  
ASN N   H2   sing N N 41  
ASN CA  C    sing N N 42  
ASN CA  CB   sing N N 43  
ASN CA  HA   sing N N 44  
ASN C   O    doub N N 45  
ASN C   OXT  sing N N 46  
ASN CB  CG   sing N N 47  
ASN CB  HB2  sing N N 48  
ASN CB  HB3  sing N N 49  
ASN CG  OD1  doub N N 50  
ASN CG  ND2  sing N N 51  
ASN ND2 HD21 sing N N 52  
ASN ND2 HD22 sing N N 53  
ASN OXT HXT  sing N N 54  
ASP N   CA   sing N N 55  
ASP N   H    sing N N 56  
ASP N   H2   sing N N 57  
ASP CA  C    sing N N 58  
ASP CA  CB   sing N N 59  
ASP CA  HA   sing N N 60  
ASP C   O    doub N N 61  
ASP C   OXT  sing N N 62  
ASP CB  CG   sing N N 63  
ASP CB  HB2  sing N N 64  
ASP CB  HB3  sing N N 65  
ASP CG  OD1  doub N N 66  
ASP CG  OD2  sing N N 67  
ASP OD2 HD2  sing N N 68  
ASP OXT HXT  sing N N 69  
CYS N   CA   sing N N 70  
CYS N   H    sing N N 71  
CYS N   H2   sing N N 72  
CYS CA  C    sing N N 73  
CYS CA  CB   sing N N 74  
CYS CA  HA   sing N N 75  
CYS C   O    doub N N 76  
CYS C   OXT  sing N N 77  
CYS CB  SG   sing N N 78  
CYS CB  HB2  sing N N 79  
CYS CB  HB3  sing N N 80  
CYS SG  HG   sing N N 81  
CYS OXT HXT  sing N N 82  
GLN N   CA   sing N N 83  
GLN N   H    sing N N 84  
GLN N   H2   sing N N 85  
GLN CA  C    sing N N 86  
GLN CA  CB   sing N N 87  
GLN CA  HA   sing N N 88  
GLN C   O    doub N N 89  
GLN C   OXT  sing N N 90  
GLN CB  CG   sing N N 91  
GLN CB  HB2  sing N N 92  
GLN CB  HB3  sing N N 93  
GLN CG  CD   sing N N 94  
GLN CG  HG2  sing N N 95  
GLN CG  HG3  sing N N 96  
GLN CD  OE1  doub N N 97  
GLN CD  NE2  sing N N 98  
GLN NE2 HE21 sing N N 99  
GLN NE2 HE22 sing N N 100 
GLN OXT HXT  sing N N 101 
GLU N   CA   sing N N 102 
GLU N   H    sing N N 103 
GLU N   H2   sing N N 104 
GLU CA  C    sing N N 105 
GLU CA  CB   sing N N 106 
GLU CA  HA   sing N N 107 
GLU C   O    doub N N 108 
GLU C   OXT  sing N N 109 
GLU CB  CG   sing N N 110 
GLU CB  HB2  sing N N 111 
GLU CB  HB3  sing N N 112 
GLU CG  CD   sing N N 113 
GLU CG  HG2  sing N N 114 
GLU CG  HG3  sing N N 115 
GLU CD  OE1  doub N N 116 
GLU CD  OE2  sing N N 117 
GLU OE2 HE2  sing N N 118 
GLU OXT HXT  sing N N 119 
GLY N   CA   sing N N 120 
GLY N   H    sing N N 121 
GLY N   H2   sing N N 122 
GLY CA  C    sing N N 123 
GLY CA  HA2  sing N N 124 
GLY CA  HA3  sing N N 125 
GLY C   O    doub N N 126 
GLY C   OXT  sing N N 127 
GLY OXT HXT  sing N N 128 
HIS N   CA   sing N N 129 
HIS N   H    sing N N 130 
HIS N   H2   sing N N 131 
HIS CA  C    sing N N 132 
HIS CA  CB   sing N N 133 
HIS CA  HA   sing N N 134 
HIS C   O    doub N N 135 
HIS C   OXT  sing N N 136 
HIS CB  CG   sing N N 137 
HIS CB  HB2  sing N N 138 
HIS CB  HB3  sing N N 139 
HIS CG  ND1  sing Y N 140 
HIS CG  CD2  doub Y N 141 
HIS ND1 CE1  doub Y N 142 
HIS ND1 HD1  sing N N 143 
HIS CD2 NE2  sing Y N 144 
HIS CD2 HD2  sing N N 145 
HIS CE1 NE2  sing Y N 146 
HIS CE1 HE1  sing N N 147 
HIS NE2 HE2  sing N N 148 
HIS OXT HXT  sing N N 149 
HOH O   H1   sing N N 150 
HOH O   H2   sing N N 151 
ILE N   CA   sing N N 152 
ILE N   H    sing N N 153 
ILE N   H2   sing N N 154 
ILE CA  C    sing N N 155 
ILE CA  CB   sing N N 156 
ILE CA  HA   sing N N 157 
ILE C   O    doub N N 158 
ILE C   OXT  sing N N 159 
ILE CB  CG1  sing N N 160 
ILE CB  CG2  sing N N 161 
ILE CB  HB   sing N N 162 
ILE CG1 CD1  sing N N 163 
ILE CG1 HG12 sing N N 164 
ILE CG1 HG13 sing N N 165 
ILE CG2 HG21 sing N N 166 
ILE CG2 HG22 sing N N 167 
ILE CG2 HG23 sing N N 168 
ILE CD1 HD11 sing N N 169 
ILE CD1 HD12 sing N N 170 
ILE CD1 HD13 sing N N 171 
ILE OXT HXT  sing N N 172 
LEU N   CA   sing N N 173 
LEU N   H    sing N N 174 
LEU N   H2   sing N N 175 
LEU CA  C    sing N N 176 
LEU CA  CB   sing N N 177 
LEU CA  HA   sing N N 178 
LEU C   O    doub N N 179 
LEU C   OXT  sing N N 180 
LEU CB  CG   sing N N 181 
LEU CB  HB2  sing N N 182 
LEU CB  HB3  sing N N 183 
LEU CG  CD1  sing N N 184 
LEU CG  CD2  sing N N 185 
LEU CG  HG   sing N N 186 
LEU CD1 HD11 sing N N 187 
LEU CD1 HD12 sing N N 188 
LEU CD1 HD13 sing N N 189 
LEU CD2 HD21 sing N N 190 
LEU CD2 HD22 sing N N 191 
LEU CD2 HD23 sing N N 192 
LEU OXT HXT  sing N N 193 
LYS N   CA   sing N N 194 
LYS N   H    sing N N 195 
LYS N   H2   sing N N 196 
LYS CA  C    sing N N 197 
LYS CA  CB   sing N N 198 
LYS CA  HA   sing N N 199 
LYS C   O    doub N N 200 
LYS C   OXT  sing N N 201 
LYS CB  CG   sing N N 202 
LYS CB  HB2  sing N N 203 
LYS CB  HB3  sing N N 204 
LYS CG  CD   sing N N 205 
LYS CG  HG2  sing N N 206 
LYS CG  HG3  sing N N 207 
LYS CD  CE   sing N N 208 
LYS CD  HD2  sing N N 209 
LYS CD  HD3  sing N N 210 
LYS CE  NZ   sing N N 211 
LYS CE  HE2  sing N N 212 
LYS CE  HE3  sing N N 213 
LYS NZ  HZ1  sing N N 214 
LYS NZ  HZ2  sing N N 215 
LYS NZ  HZ3  sing N N 216 
LYS OXT HXT  sing N N 217 
MET N   CA   sing N N 218 
MET N   H    sing N N 219 
MET N   H2   sing N N 220 
MET CA  C    sing N N 221 
MET CA  CB   sing N N 222 
MET CA  HA   sing N N 223 
MET C   O    doub N N 224 
MET C   OXT  sing N N 225 
MET CB  CG   sing N N 226 
MET CB  HB2  sing N N 227 
MET CB  HB3  sing N N 228 
MET CG  SD   sing N N 229 
MET CG  HG2  sing N N 230 
MET CG  HG3  sing N N 231 
MET SD  CE   sing N N 232 
MET CE  HE1  sing N N 233 
MET CE  HE2  sing N N 234 
MET CE  HE3  sing N N 235 
MET OXT HXT  sing N N 236 
PHE N   CA   sing N N 237 
PHE N   H    sing N N 238 
PHE N   H2   sing N N 239 
PHE CA  C    sing N N 240 
PHE CA  CB   sing N N 241 
PHE CA  HA   sing N N 242 
PHE C   O    doub N N 243 
PHE C   OXT  sing N N 244 
PHE CB  CG   sing N N 245 
PHE CB  HB2  sing N N 246 
PHE CB  HB3  sing N N 247 
PHE CG  CD1  doub Y N 248 
PHE CG  CD2  sing Y N 249 
PHE CD1 CE1  sing Y N 250 
PHE CD1 HD1  sing N N 251 
PHE CD2 CE2  doub Y N 252 
PHE CD2 HD2  sing N N 253 
PHE CE1 CZ   doub Y N 254 
PHE CE1 HE1  sing N N 255 
PHE CE2 CZ   sing Y N 256 
PHE CE2 HE2  sing N N 257 
PHE CZ  HZ   sing N N 258 
PHE OXT HXT  sing N N 259 
PRO N   CA   sing N N 260 
PRO N   CD   sing N N 261 
PRO N   H    sing N N 262 
PRO CA  C    sing N N 263 
PRO CA  CB   sing N N 264 
PRO CA  HA   sing N N 265 
PRO C   O    doub N N 266 
PRO C   OXT  sing N N 267 
PRO CB  CG   sing N N 268 
PRO CB  HB2  sing N N 269 
PRO CB  HB3  sing N N 270 
PRO CG  CD   sing N N 271 
PRO CG  HG2  sing N N 272 
PRO CG  HG3  sing N N 273 
PRO CD  HD2  sing N N 274 
PRO CD  HD3  sing N N 275 
PRO OXT HXT  sing N N 276 
SER N   CA   sing N N 277 
SER N   H    sing N N 278 
SER N   H2   sing N N 279 
SER CA  C    sing N N 280 
SER CA  CB   sing N N 281 
SER CA  HA   sing N N 282 
SER C   O    doub N N 283 
SER C   OXT  sing N N 284 
SER CB  OG   sing N N 285 
SER CB  HB2  sing N N 286 
SER CB  HB3  sing N N 287 
SER OG  HG   sing N N 288 
SER OXT HXT  sing N N 289 
THR N   CA   sing N N 290 
THR N   H    sing N N 291 
THR N   H2   sing N N 292 
THR CA  C    sing N N 293 
THR CA  CB   sing N N 294 
THR CA  HA   sing N N 295 
THR C   O    doub N N 296 
THR C   OXT  sing N N 297 
THR CB  OG1  sing N N 298 
THR CB  CG2  sing N N 299 
THR CB  HB   sing N N 300 
THR OG1 HG1  sing N N 301 
THR CG2 HG21 sing N N 302 
THR CG2 HG22 sing N N 303 
THR CG2 HG23 sing N N 304 
THR OXT HXT  sing N N 305 
TRP N   CA   sing N N 306 
TRP N   H    sing N N 307 
TRP N   H2   sing N N 308 
TRP CA  C    sing N N 309 
TRP CA  CB   sing N N 310 
TRP CA  HA   sing N N 311 
TRP C   O    doub N N 312 
TRP C   OXT  sing N N 313 
TRP CB  CG   sing N N 314 
TRP CB  HB2  sing N N 315 
TRP CB  HB3  sing N N 316 
TRP CG  CD1  doub Y N 317 
TRP CG  CD2  sing Y N 318 
TRP CD1 NE1  sing Y N 319 
TRP CD1 HD1  sing N N 320 
TRP CD2 CE2  doub Y N 321 
TRP CD2 CE3  sing Y N 322 
TRP NE1 CE2  sing Y N 323 
TRP NE1 HE1  sing N N 324 
TRP CE2 CZ2  sing Y N 325 
TRP CE3 CZ3  doub Y N 326 
TRP CE3 HE3  sing N N 327 
TRP CZ2 CH2  doub Y N 328 
TRP CZ2 HZ2  sing N N 329 
TRP CZ3 CH2  sing Y N 330 
TRP CZ3 HZ3  sing N N 331 
TRP CH2 HH2  sing N N 332 
TRP OXT HXT  sing N N 333 
TYR N   CA   sing N N 334 
TYR N   H    sing N N 335 
TYR N   H2   sing N N 336 
TYR CA  C    sing N N 337 
TYR CA  CB   sing N N 338 
TYR CA  HA   sing N N 339 
TYR C   O    doub N N 340 
TYR C   OXT  sing N N 341 
TYR CB  CG   sing N N 342 
TYR CB  HB2  sing N N 343 
TYR CB  HB3  sing N N 344 
TYR CG  CD1  doub Y N 345 
TYR CG  CD2  sing Y N 346 
TYR CD1 CE1  sing Y N 347 
TYR CD1 HD1  sing N N 348 
TYR CD2 CE2  doub Y N 349 
TYR CD2 HD2  sing N N 350 
TYR CE1 CZ   doub Y N 351 
TYR CE1 HE1  sing N N 352 
TYR CE2 CZ   sing Y N 353 
TYR CE2 HE2  sing N N 354 
TYR CZ  OH   sing N N 355 
TYR OH  HH   sing N N 356 
TYR OXT HXT  sing N N 357 
VAL N   CA   sing N N 358 
VAL N   H    sing N N 359 
VAL N   H2   sing N N 360 
VAL CA  C    sing N N 361 
VAL CA  CB   sing N N 362 
VAL CA  HA   sing N N 363 
VAL C   O    doub N N 364 
VAL C   OXT  sing N N 365 
VAL CB  CG1  sing N N 366 
VAL CB  CG2  sing N N 367 
VAL CB  HB   sing N N 368 
VAL CG1 HG11 sing N N 369 
VAL CG1 HG12 sing N N 370 
VAL CG1 HG13 sing N N 371 
VAL CG2 HG21 sing N N 372 
VAL CG2 HG22 sing N N 373 
VAL CG2 HG23 sing N N 374 
VAL OXT HXT  sing N N 375 
# 
_pdbx_initial_refinement_model.id               1 
_pdbx_initial_refinement_model.entity_id_list   ? 
_pdbx_initial_refinement_model.type             'experimental model' 
_pdbx_initial_refinement_model.source_name      PDB 
_pdbx_initial_refinement_model.accession_code   2HVV 
_pdbx_initial_refinement_model.details          ? 
# 
_atom_sites.entry_id                    4P9E 
_atom_sites.fract_transf_matrix[1][1]   -0.01117513 
_atom_sites.fract_transf_matrix[1][2]   -0.00535789 
_atom_sites.fract_transf_matrix[1][3]   0.00805207 
_atom_sites.fract_transf_matrix[2][1]   -0.01120197 
_atom_sites.fract_transf_matrix[2][2]   -0.00699277 
_atom_sites.fract_transf_matrix[2][3]   -0.00663596 
_atom_sites.fract_transf_matrix[3][1]   0.00602819 
_atom_sites.fract_transf_matrix[3][2]   -0.01078557 
_atom_sites.fract_transf_matrix[3][3]   0.00118949 
_atom_sites.fract_transf_vector[1]      -0.010815 
_atom_sites.fract_transf_vector[2]      0.282559 
_atom_sites.fract_transf_vector[3]      -0.208235 
# 
loop_
_atom_type.symbol 
C  
CL 
N  
O  
S  
ZN 
# 
loop_
_atom_site.group_PDB 
_atom_site.id 
_atom_site.type_symbol 
_atom_site.label_atom_id 
_atom_site.label_alt_id 
_atom_site.label_comp_id 
_atom_site.label_asym_id 
_atom_site.label_entity_id 
_atom_site.label_seq_id 
_atom_site.pdbx_PDB_ins_code 
_atom_site.Cartn_x 
_atom_site.Cartn_y 
_atom_site.Cartn_z 
_atom_site.occupancy 
_atom_site.B_iso_or_equiv 
_atom_site.pdbx_formal_charge 
_atom_site.auth_seq_id 
_atom_site.auth_comp_id 
_atom_site.auth_asym_id 
_atom_site.auth_atom_id 
_atom_site.pdbx_PDB_model_num 
ATOM   1   N  N   . MET A 1 4   ? 0.296   -13.578 13.326  1.00 79.12  ? 1   MET A N   1 
ATOM   2   C  CA  . MET A 1 4   ? -1.063  -13.153 13.639  1.00 77.68  ? 1   MET A CA  1 
ATOM   3   C  C   . MET A 1 4   ? -2.049  -14.225 13.217  1.00 86.28  ? 1   MET A C   1 
ATOM   4   O  O   . MET A 1 4   ? -1.877  -14.831 12.165  1.00 97.85  ? 1   MET A O   1 
ATOM   5   C  CB  . MET A 1 4   ? -1.383  -11.872 12.873  1.00 77.00  ? 1   MET A CB  1 
ATOM   6   C  CG  . MET A 1 4   ? -1.062  -11.962 11.390  1.00 75.33  ? 1   MET A CG  1 
ATOM   7   S  SD  . MET A 1 4   ? -1.444  -10.473 10.454  1.00 68.98  ? 1   MET A SD  1 
ATOM   8   C  CE  . MET A 1 4   ? -0.003  -9.470  10.782  1.00 45.80  ? 1   MET A CE  1 
ATOM   9   N  N   . LYS A 1 5   ? -3.090  -14.463 14.007  1.00 68.21  ? 2   LYS A N   1 
ATOM   10  C  CA  . LYS A 1 5   ? -4.115  -15.396 13.506  1.00 67.59  ? 2   LYS A CA  1 
ATOM   11  C  C   . LYS A 1 5   ? -4.764  -15.119 12.137  1.00 65.80  ? 2   LYS A C   1 
ATOM   12  O  O   . LYS A 1 5   ? -4.947  -13.970 11.745  1.00 60.50  ? 2   LYS A O   1 
ATOM   13  C  CB  . LYS A 1 5   ? -5.208  -15.557 14.581  1.00 71.07  ? 2   LYS A CB  1 
ATOM   14  C  CG  . LYS A 1 5   ? -4.674  -16.079 15.922  1.00 87.14  ? 2   LYS A CG  1 
ATOM   15  C  CD  . LYS A 1 5   ? -5.803  -16.432 16.893  1.00 101.10 ? 2   LYS A CD  1 
ATOM   16  C  CE  . LYS A 1 5   ? -5.295  -17.115 18.179  1.00 102.87 ? 2   LYS A CE  1 
ATOM   17  N  NZ  . LYS A 1 5   ? -4.864  -18.543 18.003  1.00 97.95  ? 2   LYS A NZ  1 
ATOM   18  N  N   . PRO A 1 6   ? -5.127  -16.196 11.416  1.00 76.27  ? 3   PRO A N   1 
ATOM   19  C  CA  . PRO A 1 6   ? -5.628  -16.149 10.038  1.00 71.17  ? 3   PRO A CA  1 
ATOM   20  C  C   . PRO A 1 6   ? -6.741  -15.139 9.785   1.00 63.17  ? 3   PRO A C   1 
ATOM   21  O  O   . PRO A 1 6   ? -6.689  -14.438 8.781   1.00 61.24  ? 3   PRO A O   1 
ATOM   22  C  CB  . PRO A 1 6   ? -6.155  -17.573 9.810   1.00 69.77  ? 3   PRO A CB  1 
ATOM   23  C  CG  . PRO A 1 6   ? -6.265  -18.175 11.184  1.00 76.37  ? 3   PRO A CG  1 
ATOM   24  C  CD  . PRO A 1 6   ? -5.139  -17.574 11.929  1.00 79.03  ? 3   PRO A CD  1 
ATOM   25  N  N   . GLU A 1 7   ? -7.724  -15.069 10.673  1.00 68.25  ? 4   GLU A N   1 
ATOM   26  C  CA  . GLU A 1 7   ? -8.892  -14.222 10.460  1.00 59.04  ? 4   GLU A CA  1 
ATOM   27  C  C   . GLU A 1 7   ? -8.575  -12.736 10.638  1.00 58.58  ? 4   GLU A C   1 
ATOM   28  O  O   . GLU A 1 7   ? -9.342  -11.866 10.225  1.00 60.05  ? 4   GLU A O   1 
ATOM   29  C  CB  . GLU A 1 7   ? -9.995  -14.631 11.423  1.00 67.47  ? 4   GLU A CB  1 
ATOM   30  C  CG  . GLU A 1 7   ? -9.505  -14.758 12.850  1.00 75.52  ? 4   GLU A CG  1 
ATOM   31  C  CD  . GLU A 1 7   ? -10.614 -14.592 13.864  1.00 85.58  ? 4   GLU A CD  1 
ATOM   32  O  OE1 . GLU A 1 7   ? -11.722 -14.160 13.464  1.00 79.05  ? 4   GLU A OE1 1 
ATOM   33  O  OE2 . GLU A 1 7   ? -10.379 -14.897 15.060  1.00 91.32  ? 4   GLU A OE2 1 
ATOM   34  N  N   . ILE A 1 8   ? -7.443  -12.450 11.268  1.00 48.26  ? 5   ILE A N   1 
ATOM   35  C  CA  . ILE A 1 8   ? -7.028  -11.079 11.488  1.00 43.50  ? 5   ILE A CA  1 
ATOM   36  C  C   . ILE A 1 8   ? -6.318  -10.592 10.241  1.00 40.25  ? 5   ILE A C   1 
ATOM   37  O  O   . ILE A 1 8   ? -6.471  -9.452  9.823   1.00 34.24  ? 5   ILE A O   1 
ATOM   38  C  CB  . ILE A 1 8   ? -6.121  -10.992 12.737  1.00 49.51  ? 5   ILE A CB  1 
ATOM   39  C  CG1 . ILE A 1 8   ? -6.980  -11.069 13.998  1.00 48.64  ? 5   ILE A CG1 1 
ATOM   40  C  CG2 . ILE A 1 8   ? -5.292  -9.727  12.750  1.00 36.79  ? 5   ILE A CG2 1 
ATOM   41  C  CD1 . ILE A 1 8   ? -6.198  -10.869 15.277  1.00 55.98  ? 5   ILE A CD1 1 
ATOM   42  N  N   . LYS A 1 9   ? -5.544  -11.490 9.649   1.00 46.45  ? 6   LYS A N   1 
ATOM   43  C  CA  . LYS A 1 9   ? -4.867  -11.245 8.392   1.00 40.99  ? 6   LYS A CA  1 
ATOM   44  C  C   . LYS A 1 9   ? -5.897  -10.791 7.370   1.00 45.84  ? 6   LYS A C   1 
ATOM   45  O  O   . LYS A 1 9   ? -5.721  -9.782  6.670   1.00 47.06  ? 6   LYS A O   1 
ATOM   46  C  CB  . LYS A 1 9   ? -4.198  -12.546 7.952   1.00 50.42  ? 6   LYS A CB  1 
ATOM   47  C  CG  . LYS A 1 9   ? -3.054  -12.393 6.985   1.00 50.90  ? 6   LYS A CG  1 
ATOM   48  C  CD  . LYS A 1 9   ? -2.189  -13.652 6.925   1.00 53.55  ? 6   LYS A CD  1 
ATOM   49  C  CE  . LYS A 1 9   ? -1.071  -13.641 7.969   1.00 56.74  ? 6   LYS A CE  1 
ATOM   50  N  NZ  . LYS A 1 9   ? 0.062   -14.582 7.656   1.00 58.31  ? 6   LYS A NZ  1 
ATOM   51  N  N   . GLU A 1 10  ? -7.000  -11.527 7.325   1.00 46.17  ? 7   GLU A N   1 
ATOM   52  C  CA  . GLU A 1 10  ? -8.075  -11.267 6.388   1.00 45.29  ? 7   GLU A CA  1 
ATOM   53  C  C   . GLU A 1 10  ? -8.785  -9.947  6.670   1.00 43.51  ? 7   GLU A C   1 
ATOM   54  O  O   . GLU A 1 10  ? -9.165  -9.240  5.740   1.00 49.07  ? 7   GLU A O   1 
ATOM   55  C  CB  . GLU A 1 10  ? -9.073  -12.432 6.396   1.00 52.32  ? 7   GLU A CB  1 
ATOM   56  C  CG  . GLU A 1 10  ? -10.263 -12.291 5.442   1.00 52.15  ? 7   GLU A CG  1 
ATOM   57  C  CD  . GLU A 1 10  ? -9.884  -12.353 3.957   1.00 58.63  ? 7   GLU A CD  1 
ATOM   58  O  OE1 . GLU A 1 10  ? -8.849  -12.978 3.611   1.00 51.00  ? 7   GLU A OE1 1 
ATOM   59  O  OE2 . GLU A 1 10  ? -10.644 -11.769 3.138   1.00 59.14  ? 7   GLU A OE2 1 
ATOM   60  N  N   . ALA A 1 11  ? -8.960  -9.610  7.943   1.00 37.78  ? 8   ALA A N   1 
ATOM   61  C  CA  . ALA A 1 11  ? -9.583  -8.336  8.305   1.00 40.47  ? 8   ALA A CA  1 
ATOM   62  C  C   . ALA A 1 11  ? -8.755  -7.151  7.802   1.00 37.70  ? 8   ALA A C   1 
ATOM   63  O  O   . ALA A 1 11  ? -9.306  -6.136  7.382   1.00 35.21  ? 8   ALA A O   1 
ATOM   64  C  CB  . ALA A 1 11  ? -9.806  -8.242  9.802   1.00 38.91  ? 8   ALA A CB  1 
ATOM   65  N  N   . TYR A 1 12  ? -7.436  -7.301  7.835   1.00 37.62  ? 9   TYR A N   1 
ATOM   66  C  CA  . TYR A 1 12  ? -6.537  -6.299  7.271   1.00 38.68  ? 9   TYR A CA  1 
ATOM   67  C  C   . TYR A 1 12  ? -6.743  -6.136  5.774   1.00 35.75  ? 9   TYR A C   1 
ATOM   68  O  O   . TYR A 1 12  ? -6.893  -5.023  5.283   1.00 33.78  ? 9   TYR A O   1 
ATOM   69  C  CB  . TYR A 1 12  ? -5.081  -6.651  7.565   1.00 36.11  ? 9   TYR A CB  1 
ATOM   70  C  CG  . TYR A 1 12  ? -4.720  -6.490  9.018   1.00 36.62  ? 9   TYR A CG  1 
ATOM   71  C  CD1 . TYR A 1 12  ? -5.230  -5.441  9.761   1.00 33.04  ? 9   TYR A CD1 1 
ATOM   72  C  CD2 . TYR A 1 12  ? -3.873  -7.396  9.655   1.00 38.29  ? 9   TYR A CD2 1 
ATOM   73  C  CE1 . TYR A 1 12  ? -4.900  -5.282  11.082  1.00 37.12  ? 9   TYR A CE1 1 
ATOM   74  C  CE2 . TYR A 1 12  ? -3.535  -7.249  10.988  1.00 34.99  ? 9   TYR A CE2 1 
ATOM   75  C  CZ  . TYR A 1 12  ? -4.056  -6.192  11.699  1.00 38.00  ? 9   TYR A CZ  1 
ATOM   76  O  OH  . TYR A 1 12  ? -3.738  -6.032  13.031  1.00 37.75  ? 9   TYR A OH  1 
ATOM   77  N  N   . MET A 1 13  ? -6.756  -7.251  5.052   1.00 38.96  ? 10  MET A N   1 
ATOM   78  C  CA  . MET A 1 13  ? -6.943  -7.186  3.612   1.00 40.33  ? 10  MET A CA  1 
ATOM   79  C  C   . MET A 1 13  ? -8.296  -6.599  3.268   1.00 39.25  ? 10  MET A C   1 
ATOM   80  O  O   . MET A 1 13  ? -8.415  -5.807  2.345   1.00 45.38  ? 10  MET A O   1 
ATOM   81  C  CB  . MET A 1 13  ? -6.784  -8.555  2.955   1.00 41.00  ? 10  MET A CB  1 
ATOM   82  C  CG  . MET A 1 13  ? -6.675  -8.490  1.442   1.00 35.30  ? 10  MET A CG  1 
ATOM   83  S  SD  . MET A 1 13  ? -5.376  -7.374  0.864   1.00 39.70  ? 10  MET A SD  1 
ATOM   84  C  CE  . MET A 1 13  ? -3.904  -8.386  0.950   1.00 36.54  ? 10  MET A CE  1 
ATOM   85  N  N   . LYS A 1 14  ? -9.320  -6.958  4.015   1.00 37.18  ? 11  LYS A N   1 
ATOM   86  C  CA  . LYS A 1 14  ? -10.630 -6.398  3.723   1.00 41.21  ? 11  LYS A CA  1 
ATOM   87  C  C   . LYS A 1 14  ? -10.712 -4.899  3.997   1.00 41.19  ? 11  LYS A C   1 
ATOM   88  O  O   . LYS A 1 14  ? -11.554 -4.207  3.435   1.00 46.34  ? 11  LYS A O   1 
ATOM   89  C  CB  . LYS A 1 14  ? -11.720 -7.150  4.476   1.00 43.48  ? 11  LYS A CB  1 
ATOM   90  C  CG  . LYS A 1 14  ? -12.152 -8.421  3.775   1.00 48.55  ? 11  LYS A CG  1 
ATOM   91  C  CD  . LYS A 1 14  ? -13.443 -8.942  4.364   1.00 55.69  ? 11  LYS A CD  1 
ATOM   92  C  CE  . LYS A 1 14  ? -13.527 -10.468 4.285   1.00 74.27  ? 11  LYS A CE  1 
ATOM   93  N  NZ  . LYS A 1 14  ? -14.499 -11.022 5.287   1.00 74.18  ? 11  LYS A NZ  1 
ATOM   94  N  N   . THR A 1 15  ? -9.830  -4.405  4.855   1.00 36.25  ? 12  THR A N   1 
ATOM   95  C  CA  . THR A 1 15  ? -9.810  -2.997  5.197   1.00 33.70  ? 12  THR A CA  1 
ATOM   96  C  C   . THR A 1 15  ? -9.156  -2.247  4.060   1.00 32.80  ? 12  THR A C   1 
ATOM   97  O  O   . THR A 1 15  ? -9.664  -1.232  3.591   1.00 29.48  ? 12  THR A O   1 
ATOM   98  C  CB  . THR A 1 15  ? -9.041  -2.755  6.505   1.00 36.25  ? 12  THR A CB  1 
ATOM   99  O  OG1 . THR A 1 15  ? -9.700  -3.436  7.579   1.00 32.20  ? 12  THR A OG1 1 
ATOM   100 C  CG2 . THR A 1 15  ? -8.961  -1.254  6.832   1.00 32.50  ? 12  THR A CG2 1 
ATOM   101 N  N   . ALA A 1 16  ? -8.024  -2.762  3.610   1.00 35.79  ? 13  ALA A N   1 
ATOM   102 C  CA  . ALA A 1 16  ? -7.407  -2.240  2.407   1.00 36.96  ? 13  ALA A CA  1 
ATOM   103 C  C   . ALA A 1 16  ? -8.436  -2.199  1.260   1.00 40.79  ? 13  ALA A C   1 
ATOM   104 O  O   . ALA A 1 16  ? -8.473  -1.244  0.493   1.00 41.48  ? 13  ALA A O   1 
ATOM   105 C  CB  . ALA A 1 16  ? -6.207  -3.073  2.035   1.00 33.66  ? 13  ALA A CB  1 
ATOM   106 N  N   . GLU A 1 17  ? -9.280  -3.226  1.163   1.00 41.97  ? 14  GLU A N   1 
ATOM   107 C  CA  . GLU A 1 17  ? -10.353 -3.251  0.174   1.00 41.99  ? 14  GLU A CA  1 
ATOM   108 C  C   . GLU A 1 17  ? -11.413 -2.183  0.399   1.00 45.31  ? 14  GLU A C   1 
ATOM   109 O  O   . GLU A 1 17  ? -11.898 -1.583  -0.560  1.00 46.13  ? 14  GLU A O   1 
ATOM   110 C  CB  . GLU A 1 17  ? -11.029 -4.611  0.138   1.00 42.46  ? 14  GLU A CB  1 
ATOM   111 C  CG  . GLU A 1 17  ? -10.288 -5.632  -0.677  1.00 49.21  ? 14  GLU A CG  1 
ATOM   112 C  CD  . GLU A 1 17  ? -10.869 -7.023  -0.514  1.00 54.17  ? 14  GLU A CD  1 
ATOM   113 O  OE1 . GLU A 1 17  ? -10.124 -7.993  -0.738  1.00 48.06  ? 14  GLU A OE1 1 
ATOM   114 O  OE2 . GLU A 1 17  ? -12.068 -7.154  -0.167  1.00 57.63  ? 14  GLU A OE2 1 
ATOM   115 N  N   . LEU A 1 18  ? -11.796 -1.971  1.653   1.00 42.39  ? 15  LEU A N   1 
ATOM   116 C  CA  . LEU A 1 18  ? -12.706 -0.883  2.013   1.00 40.73  ? 15  LEU A CA  1 
ATOM   117 C  C   . LEU A 1 18  ? -12.182 0.441   1.494   1.00 44.16  ? 15  LEU A C   1 
ATOM   118 O  O   . LEU A 1 18  ? -12.937 1.285   1.009   1.00 48.58  ? 15  LEU A O   1 
ATOM   119 C  CB  . LEU A 1 18  ? -12.808 -0.767  3.525   1.00 39.42  ? 15  LEU A CB  1 
ATOM   120 C  CG  . LEU A 1 18  ? -14.162 -0.983  4.167   1.00 48.50  ? 15  LEU A CG  1 
ATOM   121 C  CD1 . LEU A 1 18  ? -14.829 -2.208  3.576   1.00 52.46  ? 15  LEU A CD1 1 
ATOM   122 C  CD2 . LEU A 1 18  ? -13.960 -1.163  5.650   1.00 48.36  ? 15  LEU A CD2 1 
ATOM   123 N  N   . PHE A 1 19  ? -10.876 0.631   1.597   1.00 43.27  ? 16  PHE A N   1 
ATOM   124 C  CA  . PHE A 1 19  ? -10.299 1.898   1.187   1.00 46.54  ? 16  PHE A CA  1 
ATOM   125 C  C   . PHE A 1 19  ? -9.996  2.011   -0.289  1.00 47.46  ? 16  PHE A C   1 
ATOM   126 O  O   . PHE A 1 19  ? -9.942  3.110   -0.808  1.00 52.00  ? 16  PHE A O   1 
ATOM   127 C  CB  . PHE A 1 19  ? -9.094  2.260   2.046   1.00 43.84  ? 16  PHE A CB  1 
ATOM   128 C  CG  . PHE A 1 19  ? -9.482  2.740   3.406   1.00 46.21  ? 16  PHE A CG  1 
ATOM   129 C  CD1 . PHE A 1 19  ? -9.976  4.026   3.581   1.00 52.95  ? 16  PHE A CD1 1 
ATOM   130 C  CD2 . PHE A 1 19  ? -9.403  1.903   4.503   1.00 42.78  ? 16  PHE A CD2 1 
ATOM   131 C  CE1 . PHE A 1 19  ? -10.361 4.473   4.836   1.00 52.30  ? 16  PHE A CE1 1 
ATOM   132 C  CE2 . PHE A 1 19  ? -9.787  2.341   5.757   1.00 47.27  ? 16  PHE A CE2 1 
ATOM   133 C  CZ  . PHE A 1 19  ? -10.269 3.626   5.929   1.00 47.78  ? 16  PHE A CZ  1 
ATOM   134 N  N   . SER A 1 20  ? -9.823  0.888   -0.975  1.00 41.62  ? 17  SER A N   1 
ATOM   135 C  CA  . SER A 1 20  ? -9.646  0.946   -2.422  1.00 42.11  ? 17  SER A CA  1 
ATOM   136 C  C   . SER A 1 20  ? -10.877 1.565   -3.070  1.00 45.51  ? 17  SER A C   1 
ATOM   137 O  O   . SER A 1 20  ? -10.770 2.255   -4.079  1.00 51.25  ? 17  SER A O   1 
ATOM   138 C  CB  . SER A 1 20  ? -9.364  -0.436  -3.025  1.00 37.64  ? 17  SER A CB  1 
ATOM   139 O  OG  . SER A 1 20  ? -10.457 -1.316  -2.854  1.00 39.48  ? 17  SER A OG  1 
ATOM   140 N  N   . GLN A 1 21  ? -12.039 1.357   -2.462  1.00 39.20  ? 18  GLN A N   1 
ATOM   141 C  CA  . GLN A 1 21  ? -13.295 1.788   -3.058  1.00 43.24  ? 18  GLN A CA  1 
ATOM   142 C  C   . GLN A 1 21  ? -13.599 3.264   -2.830  1.00 45.24  ? 18  GLN A C   1 
ATOM   143 O  O   . GLN A 1 21  ? -14.561 3.793   -3.373  1.00 54.59  ? 18  GLN A O   1 
ATOM   144 C  CB  . GLN A 1 21  ? -14.441 0.919   -2.551  1.00 45.05  ? 18  GLN A CB  1 
ATOM   145 C  CG  . GLN A 1 21  ? -14.246 -0.543  -2.870  1.00 40.62  ? 18  GLN A CG  1 
ATOM   146 C  CD  . GLN A 1 21  ? -14.406 -0.845  -4.350  1.00 52.69  ? 18  GLN A CD  1 
ATOM   147 O  OE1 . GLN A 1 21  ? -15.513 -0.765  -4.886  1.00 58.41  ? 18  GLN A OE1 1 
ATOM   148 N  NE2 . GLN A 1 21  ? -13.302 -1.201  -5.020  1.00 48.16  ? 18  GLN A NE2 1 
ATOM   149 N  N   . VAL A 1 22  ? -12.770 3.921   -2.032  1.00 39.45  ? 19  VAL A N   1 
ATOM   150 C  CA  . VAL A 1 22  ? -12.879 5.354   -1.796  1.00 40.56  ? 19  VAL A CA  1 
ATOM   151 C  C   . VAL A 1 22  ? -12.243 6.103   -2.960  1.00 46.58  ? 19  VAL A C   1 
ATOM   152 O  O   . VAL A 1 22  ? -12.600 7.245   -3.264  1.00 55.01  ? 19  VAL A O   1 
ATOM   153 C  CB  . VAL A 1 22  ? -12.183 5.734   -0.477  1.00 39.70  ? 19  VAL A CB  1 
ATOM   154 C  CG1 . VAL A 1 22  ? -12.042 7.239   -0.331  1.00 42.99  ? 19  VAL A CG1 1 
ATOM   155 C  CG2 . VAL A 1 22  ? -12.938 5.148   0.712   1.00 42.46  ? 19  VAL A CG2 1 
ATOM   156 N  N   . SER A 1 23  ? -11.282 5.459   -3.615  1.00 42.99  ? 20  SER A N   1 
ATOM   157 C  CA  . SER A 1 23  ? -10.573 6.064   -4.708  1.00 46.83  ? 20  SER A CA  1 
ATOM   158 C  C   . SER A 1 23  ? -11.465 6.427   -5.904  1.00 63.21  ? 20  SER A C   1 
ATOM   159 O  O   . SER A 1 23  ? -12.622 6.012   -5.950  1.00 67.20  ? 20  SER A O   1 
ATOM   160 C  CB  . SER A 1 23  ? -9.603  5.055   -5.367  1.00 43.67  ? 20  SER A CB  1 
ATOM   161 O  OG  . SER A 1 23  ? -8.952  5.609   -6.497  1.00 48.23  ? 20  SER A OG  1 
ATOM   162 N  N   . ASN A 1 24  ? -10.955 7.188   -6.834  1.00 63.46  ? 21  ASN A N   1 
ATOM   163 C  CA  . ASN A 1 24  ? -11.772 7.759   -7.899  1.00 67.96  ? 21  ASN A CA  1 
ATOM   164 C  C   . ASN A 1 24  ? -11.295 7.374   -9.313  1.00 71.26  ? 21  ASN A C   1 
ATOM   165 O  O   . ASN A 1 24  ? -11.783 7.899   -10.316 1.00 76.14  ? 21  ASN A O   1 
ATOM   166 C  CB  . ASN A 1 24  ? -11.777 9.282   -7.803  1.00 69.47  ? 21  ASN A CB  1 
ATOM   167 C  CG  . ASN A 1 24  ? -13.169 9.840   -7.875  1.00 85.85  ? 21  ASN A CG  1 
ATOM   168 O  OD1 . ASN A 1 24  ? -13.830 10.022  -6.848  1.00 91.60  ? 21  ASN A OD1 1 
ATOM   169 N  ND2 . ASN A 1 24  ? -13.637 10.111  -9.089  1.00 89.60  ? 21  ASN A ND2 1 
ATOM   170 N  N   . CYS A 1 25  ? -10.329 6.471   -9.362  1.00 77.54  ? 22  CYS A N   1 
ATOM   171 C  CA  A CYS A 1 25  ? -9.731  6.087   -10.621 0.50 85.76  ? 22  CYS A CA  1 
ATOM   172 C  CA  B CYS A 1 25  ? -9.774  6.073   -10.532 0.50 85.76  ? 22  CYS A CA  1 
ATOM   173 C  C   . CYS A 1 25  ? -10.540 4.983   -11.271 1.00 90.44  ? 22  CYS A C   1 
ATOM   174 O  O   . CYS A 1 25  ? -10.946 4.028   -10.620 1.00 88.07  ? 22  CYS A O   1 
ATOM   175 C  CB  A CYS A 1 25  ? -8.279  5.689   -10.404 0.50 72.60  ? 22  CYS A CB  1 
ATOM   176 C  CB  B CYS A 1 25  ? -8.322  5.674   -10.316 0.50 72.60  ? 22  CYS A CB  1 
ATOM   177 S  SG  A CYS A 1 25  ? -7.373  6.861   -9.436  0.50 87.06  ? 22  CYS A SG  1 
ATOM   178 S  SG  B CYS A 1 25  ? -7.539  5.222   -11.873 0.50 87.06  ? 22  CYS A SG  1 
ATOM   179 N  N   . LYS A 1 26  ? -10.797 5.147   -12.563 1.00 93.28  ? 23  LYS A N   1 
ATOM   180 C  CA  . LYS A 1 26  ? -11.670 4.245   -13.278 1.00 92.28  ? 23  LYS A CA  1 
ATOM   181 C  C   . LYS A 1 26  ? -10.862 3.058   -13.767 1.00 92.06  ? 23  LYS A C   1 
ATOM   182 O  O   . LYS A 1 26  ? -11.400 1.970   -13.977 1.00 87.95  ? 23  LYS A O   1 
ATOM   183 C  CB  . LYS A 1 26  ? -12.346 4.980   -14.437 1.00 100.97 ? 23  LYS A CB  1 
ATOM   184 C  CG  . LYS A 1 26  ? -13.031 6.283   -14.019 1.00 95.89  ? 23  LYS A CG  1 
ATOM   185 C  CD  . LYS A 1 26  ? -13.949 6.064   -12.829 1.00 93.52  ? 23  LYS A CD  1 
ATOM   186 C  CE  . LYS A 1 26  ? -14.320 7.376   -12.156 1.00 95.72  ? 23  LYS A CE  1 
ATOM   187 N  NZ  . LYS A 1 26  ? -14.963 7.147   -10.832 1.00 89.56  ? 23  LYS A NZ  1 
ATOM   188 N  N   . ARG A 1 27  ? -9.557  3.267   -13.930 1.00 88.84  ? 24  ARG A N   1 
ATOM   189 C  CA  . ARG A 1 27  ? -8.680  2.195   -14.371 1.00 85.58  ? 24  ARG A CA  1 
ATOM   190 C  C   . ARG A 1 27  ? -8.489  1.159   -13.256 1.00 84.06  ? 24  ARG A C   1 
ATOM   191 O  O   . ARG A 1 27  ? -8.796  -0.025  -13.423 1.00 76.64  ? 24  ARG A O   1 
ATOM   192 C  CB  . ARG A 1 27  ? -7.330  2.752   -14.831 1.00 83.61  ? 24  ARG A CB  1 
ATOM   193 C  CG  . ARG A 1 27  ? -6.675  1.919   -15.929 1.00 93.16  ? 24  ARG A CG  1 
ATOM   194 C  CD  . ARG A 1 27  ? -5.303  2.453   -16.340 1.00 98.72  ? 24  ARG A CD  1 
ATOM   195 N  NE  . ARG A 1 27  ? -4.215  1.812   -15.606 1.00 103.51 ? 24  ARG A NE  1 
ATOM   196 C  CZ  . ARG A 1 27  ? -2.949  1.781   -16.012 1.00 112.24 ? 24  ARG A CZ  1 
ATOM   197 N  NH1 . ARG A 1 27  ? -2.599  2.358   -17.155 1.00 108.47 ? 24  ARG A NH1 1 
ATOM   198 N  NH2 . ARG A 1 27  ? -2.027  1.167   -15.275 1.00 109.01 ? 24  ARG A NH2 1 
ATOM   199 N  N   . MET A 1 28  ? -7.997  1.608   -12.110 1.00 79.03  ? 25  MET A N   1 
ATOM   200 C  CA  . MET A 1 28  ? -7.718  0.695   -11.017 1.00 66.49  ? 25  MET A CA  1 
ATOM   201 C  C   . MET A 1 28  ? -7.980  1.366   -9.692  1.00 61.60  ? 25  MET A C   1 
ATOM   202 O  O   . MET A 1 28  ? -7.512  2.475   -9.468  1.00 61.74  ? 25  MET A O   1 
ATOM   203 C  CB  . MET A 1 28  ? -6.260  0.291   -11.067 1.00 57.17  ? 25  MET A CB  1 
ATOM   204 C  CG  . MET A 1 28  ? -5.991  -1.102  -10.607 1.00 52.71  ? 25  MET A CG  1 
ATOM   205 S  SD  . MET A 1 28  ? -4.287  -1.457  -11.016 1.00 69.29  ? 25  MET A SD  1 
ATOM   206 C  CE  . MET A 1 28  ? -4.398  -3.192  -11.474 1.00 88.69  ? 25  MET A CE  1 
ATOM   207 N  N   . LYS A 1 29  ? -8.737  0.698   -8.828  1.00 52.89  ? 26  LYS A N   1 
ATOM   208 C  CA  . LYS A 1 29  ? -8.876  1.116   -7.435  1.00 50.43  ? 26  LYS A CA  1 
ATOM   209 C  C   . LYS A 1 29  ? -7.998  0.260   -6.495  1.00 43.72  ? 26  LYS A C   1 
ATOM   210 O  O   . LYS A 1 29  ? -8.134  -0.959  -6.429  1.00 46.10  ? 26  LYS A O   1 
ATOM   211 C  CB  . LYS A 1 29  ? -10.337 1.072   -7.001  1.00 48.59  ? 26  LYS A CB  1 
ATOM   212 C  CG  . LYS A 1 29  ? -11.254 1.907   -7.860  1.00 55.44  ? 26  LYS A CG  1 
ATOM   213 C  CD  . LYS A 1 29  ? -12.520 2.302   -7.099  1.00 54.27  ? 26  LYS A CD  1 
ATOM   214 C  CE  . LYS A 1 29  ? -13.555 2.921   -8.032  1.00 67.84  ? 26  LYS A CE  1 
ATOM   215 N  NZ  . LYS A 1 29  ? -12.937 3.925   -8.955  1.00 72.83  ? 26  LYS A NZ  1 
ATOM   216 N  N   . VAL A 1 30  ? -7.087  0.916   -5.783  1.00 49.29  ? 27  VAL A N   1 
ATOM   217 C  CA  . VAL A 1 30  ? -6.129  0.239   -4.909  1.00 42.92  ? 27  VAL A CA  1 
ATOM   218 C  C   . VAL A 1 30  ? -6.221  0.775   -3.483  1.00 41.59  ? 27  VAL A C   1 
ATOM   219 O  O   . VAL A 1 30  ? -6.406  1.979   -3.262  1.00 39.34  ? 27  VAL A O   1 
ATOM   220 C  CB  . VAL A 1 30  ? -4.684  0.452   -5.415  1.00 41.68  ? 27  VAL A CB  1 
ATOM   221 C  CG1 . VAL A 1 30  ? -3.711  -0.489  -4.711  1.00 37.98  ? 27  VAL A CG1 1 
ATOM   222 C  CG2 . VAL A 1 30  ? -4.620  0.256   -6.920  1.00 42.23  ? 27  VAL A CG2 1 
ATOM   223 N  N   . GLY A 1 31  ? -6.098  -0.117  -2.514  1.00 37.47  ? 28  GLY A N   1 
ATOM   224 C  CA  . GLY A 1 31  ? -6.045  0.294   -1.128  1.00 33.18  ? 28  GLY A CA  1 
ATOM   225 C  C   . GLY A 1 31  ? -4.805  -0.275  -0.489  1.00 34.85  ? 28  GLY A C   1 
ATOM   226 O  O   . GLY A 1 31  ? -4.346  -1.336  -0.875  1.00 37.40  ? 28  GLY A O   1 
ATOM   227 N  N   . ALA A 1 32  ? -4.248  0.438   0.480   1.00 38.29  ? 29  ALA A N   1 
ATOM   228 C  CA  . ALA A 1 32  ? -3.130  -0.092  1.265   1.00 37.46  ? 29  ALA A CA  1 
ATOM   229 C  C   . ALA A 1 32  ? -3.320  0.211   2.753   1.00 37.70  ? 29  ALA A C   1 
ATOM   230 O  O   . ALA A 1 32  ? -3.998  1.160   3.120   1.00 34.31  ? 29  ALA A O   1 
ATOM   231 C  CB  . ALA A 1 32  ? -1.784  0.446   0.755   1.00 31.92  ? 29  ALA A CB  1 
ATOM   232 N  N   . ILE A 1 33  ? -2.720  -0.628  3.592   1.00 41.73  ? 30  ILE A N   1 
ATOM   233 C  CA  . ILE A 1 33  ? -2.826  -0.562  5.048   1.00 38.67  ? 30  ILE A CA  1 
ATOM   234 C  C   . ILE A 1 33  ? -1.460  -0.905  5.630   1.00 40.25  ? 30  ILE A C   1 
ATOM   235 O  O   . ILE A 1 33  ? -0.889  -1.927  5.277   1.00 38.47  ? 30  ILE A O   1 
ATOM   236 C  CB  . ILE A 1 33  ? -3.847  -1.595  5.559   1.00 40.07  ? 30  ILE A CB  1 
ATOM   237 C  CG1 . ILE A 1 33  ? -5.257  -1.081  5.345   1.00 44.72  ? 30  ILE A CG1 1 
ATOM   238 C  CG2 . ILE A 1 33  ? -3.690  -1.853  7.019   1.00 40.02  ? 30  ILE A CG2 1 
ATOM   239 C  CD1 . ILE A 1 33  ? -5.577  0.104   6.194   1.00 42.80  ? 30  ILE A CD1 1 
ATOM   240 N  N   . VAL A 1 34  ? -0.928  -0.043  6.497   1.00 33.33  ? 31  VAL A N   1 
ATOM   241 C  CA  . VAL A 1 34  ? 0.291   -0.375  7.231   1.00 32.20  ? 31  VAL A CA  1 
ATOM   242 C  C   . VAL A 1 34  ? -0.036  -0.947  8.610   1.00 32.20  ? 31  VAL A C   1 
ATOM   243 O  O   . VAL A 1 34  ? -0.834  -0.390  9.360   1.00 33.12  ? 31  VAL A O   1 
ATOM   244 C  CB  . VAL A 1 34  ? 1.286   0.813   7.315   1.00 29.55  ? 31  VAL A CB  1 
ATOM   245 C  CG1 . VAL A 1 34  ? 2.449   0.475   8.236   1.00 27.06  ? 31  VAL A CG1 1 
ATOM   246 C  CG2 . VAL A 1 34  ? 1.822   1.143   5.925   1.00 26.53  ? 31  VAL A CG2 1 
ATOM   247 N  N   . VAL A 1 35  ? 0.557   -2.092  8.927   1.00 28.03  ? 32  VAL A N   1 
ATOM   248 C  CA  . VAL A 1 35  ? 0.335   -2.715  10.223  1.00 26.61  ? 32  VAL A CA  1 
ATOM   249 C  C   . VAL A 1 35  ? 1.655   -2.978  10.928  1.00 30.00  ? 32  VAL A C   1 
ATOM   250 O  O   . VAL A 1 35  ? 2.611   -3.441  10.323  1.00 31.30  ? 32  VAL A O   1 
ATOM   251 C  CB  . VAL A 1 35  ? -0.473  -4.023  10.103  1.00 28.76  ? 32  VAL A CB  1 
ATOM   252 C  CG1 . VAL A 1 35  ? -0.716  -4.620  11.479  1.00 27.34  ? 32  VAL A CG1 1 
ATOM   253 C  CG2 . VAL A 1 35  ? -1.793  -3.762  9.391   1.00 22.66  ? 32  VAL A CG2 1 
ATOM   254 N  N   . LYS A 1 36  ? 1.706   -2.660  12.212  1.00 36.57  ? 33  LYS A N   1 
ATOM   255 C  CA  . LYS A 1 36  ? 2.890   -2.928  13.015  1.00 33.17  ? 33  LYS A CA  1 
ATOM   256 C  C   . LYS A 1 36  ? 2.478   -3.138  14.464  1.00 34.97  ? 33  LYS A C   1 
ATOM   257 O  O   . LYS A 1 36  ? 1.615   -2.425  14.990  1.00 32.72  ? 33  LYS A O   1 
ATOM   258 C  CB  . LYS A 1 36  ? 3.865   -1.767  12.888  1.00 33.72  ? 33  LYS A CB  1 
ATOM   259 C  CG  . LYS A 1 36  ? 5.190   -1.967  13.546  1.00 39.12  ? 33  LYS A CG  1 
ATOM   260 C  CD  . LYS A 1 36  ? 6.065   -0.786  13.235  1.00 41.35  ? 33  LYS A CD  1 
ATOM   261 C  CE  . LYS A 1 36  ? 7.341   -0.785  14.048  1.00 43.48  ? 33  LYS A CE  1 
ATOM   262 N  NZ  . LYS A 1 36  ? 8.035   0.542   13.968  1.00 45.55  ? 33  LYS A NZ  1 
ATOM   263 N  N   . ASN A 1 37  ? 3.088   -4.137  15.099  1.00 41.45  ? 34  ASN A N   1 
ATOM   264 C  CA  . ASN A 1 37  ? 2.809   -4.461  16.499  1.00 42.62  ? 34  ASN A CA  1 
ATOM   265 C  C   . ASN A 1 37  ? 1.324   -4.556  16.846  1.00 40.17  ? 34  ASN A C   1 
ATOM   266 O  O   . ASN A 1 37  ? 0.894   -4.071  17.886  1.00 38.80  ? 34  ASN A O   1 
ATOM   267 C  CB  . ASN A 1 37  ? 3.464   -3.439  17.420  1.00 40.28  ? 34  ASN A CB  1 
ATOM   268 C  CG  . ASN A 1 37  ? 4.942   -3.254  17.130  1.00 48.31  ? 34  ASN A CG  1 
ATOM   269 O  OD1 . ASN A 1 37  ? 5.609   -4.162  16.627  1.00 54.71  ? 34  ASN A OD1 1 
ATOM   270 N  ND2 . ASN A 1 37  ? 5.460   -2.069  17.437  1.00 45.00  ? 34  ASN A ND2 1 
ATOM   271 N  N   . GLY A 1 38  ? 0.548   -5.171  15.965  1.00 39.32  ? 35  GLY A N   1 
ATOM   272 C  CA  . GLY A 1 38  ? -0.872  -5.361  16.205  1.00 33.05  ? 35  GLY A CA  1 
ATOM   273 C  C   . GLY A 1 38  ? -1.723  -4.124  16.005  1.00 34.01  ? 35  GLY A C   1 
ATOM   274 O  O   . GLY A 1 38  ? -2.848  -4.058  16.471  1.00 36.80  ? 35  GLY A O   1 
ATOM   275 N  N   . SER A 1 39  ? -1.196  -3.143  15.299  1.00 37.78  ? 36  SER A N   1 
ATOM   276 C  CA  . SER A 1 39  ? -1.925  -1.917  15.119  1.00 34.85  ? 36  SER A CA  1 
ATOM   277 C  C   . SER A 1 39  ? -1.809  -1.354  13.698  1.00 36.65  ? 36  SER A C   1 
ATOM   278 O  O   . SER A 1 39  ? -0.715  -1.296  13.127  1.00 39.29  ? 36  SER A O   1 
ATOM   279 C  CB  . SER A 1 39  ? -1.429  -0.901  16.137  1.00 38.73  ? 36  SER A CB  1 
ATOM   280 O  OG  . SER A 1 39  ? -2.089  0.336   15.963  1.00 46.43  ? 36  SER A OG  1 
ATOM   281 N  N   . ILE A 1 40  ? -2.942  -0.942  13.132  1.00 36.67  ? 37  ILE A N   1 
ATOM   282 C  CA  . ILE A 1 40  ? -2.933  -0.168  11.893  1.00 37.86  ? 37  ILE A CA  1 
ATOM   283 C  C   . ILE A 1 40  ? -2.297  1.189   12.161  1.00 33.14  ? 37  ILE A C   1 
ATOM   284 O  O   . ILE A 1 40  ? -2.616  1.832   13.149  1.00 32.89  ? 37  ILE A O   1 
ATOM   285 C  CB  . ILE A 1 40  ? -4.360  0.074   11.359  1.00 38.53  ? 37  ILE A CB  1 
ATOM   286 C  CG1 . ILE A 1 40  ? -5.091  -1.243  11.169  1.00 34.14  ? 37  ILE A CG1 1 
ATOM   287 C  CG2 . ILE A 1 40  ? -4.329  0.850   10.048  1.00 32.37  ? 37  ILE A CG2 1 
ATOM   288 C  CD1 . ILE A 1 40  ? -6.517  -1.051  10.746  1.00 33.18  ? 37  ILE A CD1 1 
ATOM   289 N  N   . LEU A 1 41  ? -1.400  1.625   11.290  1.00 29.89  ? 38  LEU A N   1 
ATOM   290 C  CA  . LEU A 1 41  ? -0.744  2.904   11.487  1.00 26.12  ? 38  LEU A CA  1 
ATOM   291 C  C   . LEU A 1 41  ? -1.037  3.885   10.371  1.00 26.44  ? 38  LEU A C   1 
ATOM   292 O  O   . LEU A 1 41  ? -0.906  5.080   10.554  1.00 41.16  ? 38  LEU A O   1 
ATOM   293 C  CB  . LEU A 1 41  ? 0.762   2.718   11.610  1.00 27.88  ? 38  LEU A CB  1 
ATOM   294 C  CG  . LEU A 1 41  ? 1.217   1.766   12.701  1.00 33.73  ? 38  LEU A CG  1 
ATOM   295 C  CD1 . LEU A 1 41  ? 2.716   1.671   12.618  1.00 33.71  ? 38  LEU A CD1 1 
ATOM   296 C  CD2 . LEU A 1 41  ? 0.731   2.194   14.093  1.00 31.39  ? 38  LEU A CD2 1 
ATOM   297 N  N   . ALA A 1 42  ? -1.428  3.383   9.215   1.00 27.28  ? 39  ALA A N   1 
ATOM   298 C  CA  . ALA A 1 42  ? -1.662  4.233   8.055   1.00 29.90  ? 39  ALA A CA  1 
ATOM   299 C  C   . ALA A 1 42  ? -2.529  3.503   7.050   1.00 32.21  ? 39  ALA A C   1 
ATOM   300 O  O   . ALA A 1 42  ? -2.530  2.271   6.984   1.00 30.78  ? 39  ALA A O   1 
ATOM   301 C  CB  . ALA A 1 42  ? -0.336  4.641   7.395   1.00 26.88  ? 39  ALA A CB  1 
ATOM   302 N  N   . HIS A 1 43  ? -3.264  4.272   6.262   1.00 36.18  ? 40  HIS A N   1 
ATOM   303 C  CA  . HIS A 1 43  ? -4.032  3.718   5.165   1.00 33.31  ? 40  HIS A CA  1 
ATOM   304 C  C   . HIS A 1 43  ? -3.858  4.634   3.971   1.00 36.02  ? 40  HIS A C   1 
ATOM   305 O  O   . HIS A 1 43  ? -3.338  5.732   4.096   1.00 37.18  ? 40  HIS A O   1 
ATOM   306 C  CB  . HIS A 1 43  ? -5.497  3.565   5.554   1.00 34.40  ? 40  HIS A CB  1 
ATOM   307 C  CG  . HIS A 1 43  ? -6.141  4.844   5.977   1.00 39.63  ? 40  HIS A CG  1 
ATOM   308 N  ND1 . HIS A 1 43  ? -7.002  5.544   5.169   1.00 43.81  ? 40  HIS A ND1 1 
ATOM   309 C  CD2 . HIS A 1 43  ? -6.030  5.552   7.124   1.00 38.51  ? 40  HIS A CD2 1 
ATOM   310 C  CE1 . HIS A 1 43  ? -7.406  6.638   5.799   1.00 42.68  ? 40  HIS A CE1 1 
ATOM   311 N  NE2 . HIS A 1 43  ? -6.831  6.659   6.984   1.00 45.56  ? 40  HIS A NE2 1 
ATOM   312 N  N   . GLY A 1 44  ? -4.276  4.177   2.808   1.00 29.01  ? 41  GLY A N   1 
ATOM   313 C  CA  . GLY A 1 44  ? -3.993  4.904   1.599   1.00 30.41  ? 41  GLY A CA  1 
ATOM   314 C  C   . GLY A 1 44  ? -4.724  4.303   0.427   1.00 34.84  ? 41  GLY A C   1 
ATOM   315 O  O   . GLY A 1 44  ? -5.035  3.117   0.389   1.00 30.61  ? 41  GLY A O   1 
ATOM   316 N  N   . TRP A 1 45  ? -5.012  5.150   -0.541  1.00 34.39  ? 42  TRP A N   1 
ATOM   317 C  CA  . TRP A 1 45  ? -5.641  4.681   -1.739  1.00 33.63  ? 42  TRP A CA  1 
ATOM   318 C  C   . TRP A 1 45  ? -5.119  5.472   -2.918  1.00 40.17  ? 42  TRP A C   1 
ATOM   319 O  O   . TRP A 1 45  ? -4.330  6.403   -2.772  1.00 40.06  ? 42  TRP A O   1 
ATOM   320 C  CB  . TRP A 1 45  ? -7.164  4.757   -1.623  1.00 36.12  ? 42  TRP A CB  1 
ATOM   321 C  CG  . TRP A 1 45  ? -7.704  6.141   -1.366  1.00 44.64  ? 42  TRP A CG  1 
ATOM   322 C  CD1 . TRP A 1 45  ? -7.949  7.108   -2.297  1.00 39.49  ? 42  TRP A CD1 1 
ATOM   323 C  CD2 . TRP A 1 45  ? -8.069  6.709   -0.096  1.00 41.91  ? 42  TRP A CD2 1 
ATOM   324 N  NE1 . TRP A 1 45  ? -8.436  8.230   -1.696  1.00 37.42  ? 42  TRP A NE1 1 
ATOM   325 C  CE2 . TRP A 1 45  ? -8.522  8.022   -0.352  1.00 40.45  ? 42  TRP A CE2 1 
ATOM   326 C  CE3 . TRP A 1 45  ? -8.051  6.238   1.222   1.00 36.05  ? 42  TRP A CE3 1 
ATOM   327 C  CZ2 . TRP A 1 45  ? -8.956  8.875   0.670   1.00 37.88  ? 42  TRP A CZ2 1 
ATOM   328 C  CZ3 . TRP A 1 45  ? -8.486  7.086   2.240   1.00 38.97  ? 42  TRP A CZ3 1 
ATOM   329 C  CH2 . TRP A 1 45  ? -8.934  8.388   1.957   1.00 42.24  ? 42  TRP A CH2 1 
ATOM   330 N  N   . ASN A 1 46  ? -5.468  5.077   -4.128  1.00 47.90  ? 43  ASN A N   1 
ATOM   331 C  CA  . ASN A 1 46  ? -4.867  5.756   -5.263  1.00 43.87  ? 43  ASN A CA  1 
ATOM   332 C  C   . ASN A 1 46  ? -5.665  6.969   -5.720  1.00 50.29  ? 43  ASN A C   1 
ATOM   333 O  O   . ASN A 1 46  ? -6.887  6.957   -5.721  1.00 54.49  ? 43  ASN A O   1 
ATOM   334 C  CB  . ASN A 1 46  ? -4.559  4.789   -6.411  1.00 46.43  ? 43  ASN A CB  1 
ATOM   335 C  CG  . ASN A 1 46  ? -5.792  4.179   -7.000  1.00 53.61  ? 43  ASN A CG  1 
ATOM   336 O  OD1 . ASN A 1 46  ? -6.857  4.199   -6.396  1.00 63.73  ? 43  ASN A OD1 1 
ATOM   337 N  ND2 . ASN A 1 46  ? -5.661  3.633   -8.195  1.00 59.24  ? 43  ASN A ND2 1 
ATOM   338 N  N   . GLY A 1 47  ? -4.961  8.031   -6.085  1.00 38.96  ? 44  GLY A N   1 
ATOM   339 C  CA  . GLY A 1 47  ? -5.619  9.240   -6.519  1.00 39.13  ? 44  GLY A CA  1 
ATOM   340 C  C   . GLY A 1 47  ? -4.751  10.474  -6.500  1.00 44.97  ? 44  GLY A C   1 
ATOM   341 O  O   . GLY A 1 47  ? -3.553  10.417  -6.262  1.00 48.55  ? 44  GLY A O   1 
ATOM   342 N  N   . THR A 1 48  ? -5.388  11.603  -6.760  1.00 49.69  ? 45  THR A N   1 
ATOM   343 C  CA  . THR A 1 48  ? -4.724  12.902  -6.835  1.00 52.87  ? 45  THR A CA  1 
ATOM   344 C  C   . THR A 1 48  ? -4.507  13.507  -5.451  1.00 55.93  ? 45  THR A C   1 
ATOM   345 O  O   . THR A 1 48  ? -5.265  13.228  -4.513  1.00 55.31  ? 45  THR A O   1 
ATOM   346 C  CB  . THR A 1 48  ? -5.550  13.908  -7.674  1.00 59.72  ? 45  THR A CB  1 
ATOM   347 O  OG1 . THR A 1 48  ? -6.754  14.261  -6.973  1.00 57.07  ? 45  THR A OG1 1 
ATOM   348 C  CG2 . THR A 1 48  ? -5.890  13.314  -9.023  1.00 68.92  ? 45  THR A CG2 1 
ATOM   349 N  N   . PRO A 1 49  ? -3.488  14.350  -5.355  1.00 57.80  ? 46  PRO A N   1 
ATOM   350 C  CA  . PRO A 1 49  ? -3.077  14.956  -4.093  1.00 58.62  ? 46  PRO A CA  1 
ATOM   351 C  C   . PRO A 1 49  ? -4.144  15.888  -3.569  1.00 58.94  ? 46  PRO A C   1 
ATOM   352 O  O   . PRO A 1 49  ? -4.912  16.437  -4.348  1.00 67.00  ? 46  PRO A O   1 
ATOM   353 C  CB  . PRO A 1 49  ? -1.837  15.750  -4.489  1.00 51.62  ? 46  PRO A CB  1 
ATOM   354 C  CG  . PRO A 1 49  ? -1.271  14.993  -5.612  1.00 44.90  ? 46  PRO A CG  1 
ATOM   355 C  CD  . PRO A 1 49  ? -2.432  14.443  -6.374  1.00 50.66  ? 46  PRO A CD  1 
ATOM   356 N  N   . SER A 1 50  ? -4.264  16.029  -2.185  1.00 61.75  ? 47  SER A N   1 
ATOM   357 C  CA  . SER A 1 50  ? -5.274  16.856  -1.559  1.00 65.96  ? 47  SER A CA  1 
ATOM   358 C  C   . SER A 1 50  ? -5.125  18.282  -2.055  1.00 74.87  ? 47  SER A C   1 
ATOM   359 O  O   . SER A 1 50  ? -4.073  18.898  -1.889  1.00 74.94  ? 47  SER A O   1 
ATOM   360 C  CB  . SER A 1 50  ? -5.125  16.796  -0.045  1.00 62.19  ? 47  SER A CB  1 
ATOM   361 O  OG  . SER A 1 50  ? -5.379  15.481  0.422   1.00 69.47  ? 47  SER A OG  1 
ATOM   362 N  N   . GLY A 1 51  ? -6.207  18.823  -2.605  1.00 68.13  ? 48  GLY A N   1 
ATOM   363 C  CA  . GLY A 1 51  ? -6.216  20.173  -3.146  1.00 74.96  ? 48  GLY A CA  1 
ATOM   364 C  C   . GLY A 1 51  ? -5.864  20.284  -4.616  1.00 76.07  ? 48  GLY A C   1 
ATOM   365 O  O   . GLY A 1 51  ? -5.823  21.372  -5.175  1.00 83.96  ? 48  GLY A O   1 
ATOM   366 N  N   . PHE A 1 52  ? -5.688  19.146  -5.267  1.00 71.86  ? 49  PHE A N   1 
ATOM   367 C  CA  . PHE A 1 52  ? -5.545  19.102  -6.712  1.00 76.71  ? 49  PHE A CA  1 
ATOM   368 C  C   . PHE A 1 52  ? -6.898  19.402  -7.338  1.00 93.92  ? 49  PHE A C   1 
ATOM   369 O  O   . PHE A 1 52  ? -7.929  19.254  -6.689  1.00 95.70  ? 49  PHE A O   1 
ATOM   370 C  CB  . PHE A 1 52  ? -5.088  17.717  -7.145  1.00 71.40  ? 49  PHE A CB  1 
ATOM   371 C  CG  . PHE A 1 52  ? -4.410  17.684  -8.477  1.00 73.86  ? 49  PHE A CG  1 
ATOM   372 C  CD1 . PHE A 1 52  ? -3.270  18.427  -8.706  1.00 79.02  ? 49  PHE A CD1 1 
ATOM   373 C  CD2 . PHE A 1 52  ? -4.895  16.890  -9.493  1.00 76.05  ? 49  PHE A CD2 1 
ATOM   374 C  CE1 . PHE A 1 52  ? -2.639  18.385  -9.926  1.00 75.30  ? 49  PHE A CE1 1 
ATOM   375 C  CE2 . PHE A 1 52  ? -4.265  16.847  -10.713 1.00 77.91  ? 49  PHE A CE2 1 
ATOM   376 C  CZ  . PHE A 1 52  ? -3.136  17.596  -10.930 1.00 77.91  ? 49  PHE A CZ  1 
ATOM   377 N  N   . HIS A 1 53  ? -6.888  19.929  -8.556  1.00 107.02 ? 50  HIS A N   1 
ATOM   378 C  CA  . HIS A 1 53  ? -8.108  20.461  -9.149  1.00 111.98 ? 50  HIS A CA  1 
ATOM   379 C  C   . HIS A 1 53  ? -9.001  19.365  -9.706  1.00 113.07 ? 50  HIS A C   1 
ATOM   380 O  O   . HIS A 1 53  ? -10.152 19.229  -9.301  1.00 122.08 ? 50  HIS A O   1 
ATOM   381 C  CB  . HIS A 1 53  ? -7.788  21.507  -10.219 1.00 110.60 ? 50  HIS A CB  1 
ATOM   382 C  CG  . HIS A 1 53  ? -6.972  20.978  -11.353 1.00 116.47 ? 50  HIS A CG  1 
ATOM   383 N  ND1 . HIS A 1 53  ? -7.515  20.226  -12.372 1.00 119.59 ? 50  HIS A ND1 1 
ATOM   384 C  CD2 . HIS A 1 53  ? -5.652  21.088  -11.630 1.00 122.63 ? 50  HIS A CD2 1 
ATOM   385 C  CE1 . HIS A 1 53  ? -6.563  19.895  -13.225 1.00 121.08 ? 50  HIS A CE1 1 
ATOM   386 N  NE2 . HIS A 1 53  ? -5.423  20.407  -12.799 1.00 128.59 ? 50  HIS A NE2 1 
ATOM   387 N  N   . THR A 1 54  ? -8.470  18.581  -10.632 1.00 104.69 ? 51  THR A N   1 
ATOM   388 C  CA  . THR A 1 54  ? -9.230  17.486  -11.206 1.00 106.57 ? 51  THR A CA  1 
ATOM   389 C  C   . THR A 1 54  ? -9.172  16.280  -10.289 1.00 112.52 ? 51  THR A C   1 
ATOM   390 O  O   . THR A 1 54  ? -8.100  15.892  -9.839  1.00 112.12 ? 51  THR A O   1 
ATOM   391 C  CB  . THR A 1 54  ? -8.672  17.079  -12.565 1.00 108.72 ? 51  THR A CB  1 
ATOM   392 O  OG1 . THR A 1 54  ? -9.068  15.736  -12.858 1.00 104.89 ? 51  THR A OG1 1 
ATOM   393 C  CG2 . THR A 1 54  ? -7.160  17.159  -12.559 1.00 107.47 ? 51  THR A CG2 1 
ATOM   394 N  N   . ASN A 1 55  ? -10.323 15.681  -10.015 1.00 97.09  ? 52  ASN A N   1 
ATOM   395 C  CA  . ASN A 1 55  ? -10.362 14.493  -9.179  1.00 83.14  ? 52  ASN A CA  1 
ATOM   396 C  C   . ASN A 1 55  ? -10.107 13.215  -9.968  1.00 80.39  ? 52  ASN A C   1 
ATOM   397 O  O   . ASN A 1 55  ? -9.650  12.227  -9.407  1.00 76.72  ? 52  ASN A O   1 
ATOM   398 C  CB  . ASN A 1 55  ? -11.681 14.395  -8.420  1.00 88.36  ? 52  ASN A CB  1 
ATOM   399 C  CG  . ASN A 1 55  ? -11.556 14.846  -6.982  1.00 85.12  ? 52  ASN A CG  1 
ATOM   400 O  OD1 . ASN A 1 55  ? -10.634 14.452  -6.274  1.00 88.16  ? 52  ASN A OD1 1 
ATOM   401 N  ND2 . ASN A 1 55  ? -12.487 15.671  -6.543  1.00 78.07  ? 52  ASN A ND2 1 
ATOM   402 N  N   . CYS A 1 56  ? -10.405 13.246  -11.263 1.00 88.51  ? 53  CYS A N   1 
ATOM   403 C  CA  . CYS A 1 56  ? -10.204 12.086  -12.123 1.00 91.98  ? 53  CYS A CA  1 
ATOM   404 C  C   . CYS A 1 56  ? -8.721  11.827  -12.361 1.00 79.28  ? 53  CYS A C   1 
ATOM   405 O  O   . CYS A 1 56  ? -7.941  12.758  -12.559 1.00 80.36  ? 53  CYS A O   1 
ATOM   406 C  CB  . CYS A 1 56  ? -10.924 12.278  -13.460 1.00 102.18 ? 53  CYS A CB  1 
ATOM   407 S  SG  . CYS A 1 56  ? -9.892  12.976  -14.770 1.00 98.51  ? 53  CYS A SG  1 
ATOM   408 N  N   . CYS A 1 57  ? -8.336  10.555  -12.337 1.00 82.34  ? 54  CYS A N   1 
ATOM   409 C  CA  . CYS A 1 57  ? -6.945  10.170  -12.549 1.00 80.81  ? 54  CYS A CA  1 
ATOM   410 C  C   . CYS A 1 57  ? -6.572  10.240  -14.026 1.00 84.26  ? 54  CYS A C   1 
ATOM   411 O  O   . CYS A 1 57  ? -5.601  9.622   -14.461 1.00 89.45  ? 54  CYS A O   1 
ATOM   412 C  CB  . CYS A 1 57  ? -6.691  8.761   -12.010 1.00 80.01  ? 54  CYS A CB  1 
ATOM   413 S  SG  . CYS A 1 57  ? -6.767  8.627   -10.208 1.00 73.92  ? 54  CYS A SG  1 
ATOM   414 N  N   . THR A 1 64  ? -3.055  7.258   -17.785 1.00 99.85  ? 61  THR A N   1 
ATOM   415 C  CA  . THR A 1 64  ? -3.443  7.859   -16.508 1.00 102.00 ? 61  THR A CA  1 
ATOM   416 C  C   . THR A 1 64  ? -2.520  9.009   -16.079 1.00 98.94  ? 61  THR A C   1 
ATOM   417 O  O   . THR A 1 64  ? -1.302  8.949   -16.283 1.00 89.06  ? 61  THR A O   1 
ATOM   418 C  CB  . THR A 1 64  ? -3.515  6.814   -15.359 1.00 96.93  ? 61  THR A CB  1 
ATOM   419 O  OG1 . THR A 1 64  ? -2.267  6.118   -15.250 1.00 91.74  ? 61  THR A OG1 1 
ATOM   420 C  CG2 . THR A 1 64  ? -4.626  5.815   -15.603 1.00 94.49  ? 61  THR A CG2 1 
ATOM   421 N  N   . ASN A 1 65  ? -3.120  10.038  -15.476 1.00 83.18  ? 62  ASN A N   1 
ATOM   422 C  CA  . ASN A 1 65  ? -2.438  11.252  -15.001 1.00 77.00  ? 62  ASN A CA  1 
ATOM   423 C  C   . ASN A 1 65  ? -1.168  10.960  -14.192 1.00 75.01  ? 62  ASN A C   1 
ATOM   424 O  O   . ASN A 1 65  ? -1.184  10.102  -13.305 1.00 75.30  ? 62  ASN A O   1 
ATOM   425 C  CB  . ASN A 1 65  ? -3.438  12.083  -14.176 1.00 73.30  ? 62  ASN A CB  1 
ATOM   426 C  CG  . ASN A 1 65  ? -2.939  13.482  -13.846 1.00 74.05  ? 62  ASN A CG  1 
ATOM   427 O  OD1 . ASN A 1 65  ? -1.829  13.666  -13.349 1.00 77.02  ? 62  ASN A OD1 1 
ATOM   428 N  ND2 . ASN A 1 65  ? -3.784  14.476  -14.093 1.00 69.81  ? 62  ASN A ND2 1 
ATOM   429 N  N   . PRO A 1 66  ? -0.059  11.668  -14.498 1.00 80.69  ? 63  PRO A N   1 
ATOM   430 C  CA  . PRO A 1 66  ? 1.219   11.454  -13.812 1.00 79.47  ? 63  PRO A CA  1 
ATOM   431 C  C   . PRO A 1 66  ? 1.213   11.974  -12.378 1.00 74.05  ? 63  PRO A C   1 
ATOM   432 O  O   . PRO A 1 66  ? 2.135   11.676  -11.610 1.00 69.57  ? 63  PRO A O   1 
ATOM   433 C  CB  . PRO A 1 66  ? 2.205   12.273  -14.655 1.00 77.69  ? 63  PRO A CB  1 
ATOM   434 C  CG  . PRO A 1 66  ? 1.379   13.361  -15.214 1.00 78.02  ? 63  PRO A CG  1 
ATOM   435 C  CD  . PRO A 1 66  ? 0.062   12.707  -15.537 1.00 86.40  ? 63  PRO A CD  1 
ATOM   436 N  N   . PHE A 1 67  ? 0.186   12.735  -12.015 1.00 81.58  ? 64  PHE A N   1 
ATOM   437 C  CA  . PHE A 1 67  ? 0.137   13.313  -10.675 1.00 79.11  ? 64  PHE A CA  1 
ATOM   438 C  C   . PHE A 1 67  ? -0.740  12.586  -9.650  1.00 77.07  ? 64  PHE A C   1 
ATOM   439 O  O   . PHE A 1 67  ? -0.923  13.062  -8.533  1.00 73.62  ? 64  PHE A O   1 
ATOM   440 C  CB  . PHE A 1 67  ? -0.130  14.820  -10.729 1.00 78.36  ? 64  PHE A CB  1 
ATOM   441 C  CG  . PHE A 1 67  ? 1.057   15.597  -11.227 1.00 91.49  ? 64  PHE A CG  1 
ATOM   442 C  CD1 . PHE A 1 67  ? 2.111   15.902  -10.371 1.00 79.17  ? 64  PHE A CD1 1 
ATOM   443 C  CD2 . PHE A 1 67  ? 1.157   15.963  -12.564 1.00 97.64  ? 64  PHE A CD2 1 
ATOM   444 C  CE1 . PHE A 1 67  ? 3.228   16.588  -10.833 1.00 83.49  ? 64  PHE A CE1 1 
ATOM   445 C  CE2 . PHE A 1 67  ? 2.273   16.655  -13.031 1.00 94.56  ? 64  PHE A CE2 1 
ATOM   446 C  CZ  . PHE A 1 67  ? 3.307   16.968  -12.162 1.00 90.25  ? 64  PHE A CZ  1 
ATOM   447 N  N   . VAL A 1 68  ? -1.245  11.412  -10.010 1.00 69.83  ? 65  VAL A N   1 
ATOM   448 C  CA  . VAL A 1 68  ? -1.944  10.605  -9.029  1.00 60.15  ? 65  VAL A CA  1 
ATOM   449 C  C   . VAL A 1 68  ? -0.965  9.697   -8.285  1.00 55.68  ? 65  VAL A C   1 
ATOM   450 O  O   . VAL A 1 68  ? -0.070  9.093   -8.875  1.00 59.37  ? 65  VAL A O   1 
ATOM   451 C  CB  . VAL A 1 68  ? -3.141  9.822   -9.640  1.00 63.06  ? 65  VAL A CB  1 
ATOM   452 C  CG1 . VAL A 1 68  ? -3.472  10.360  -11.007 1.00 66.31  ? 65  VAL A CG1 1 
ATOM   453 C  CG2 . VAL A 1 68  ? -2.867  8.332   -9.691  1.00 56.17  ? 65  VAL A CG2 1 
ATOM   454 N  N   . LEU A 1 69  ? -1.125  9.650   -6.969  1.00 54.97  ? 66  LEU A N   1 
ATOM   455 C  CA  . LEU A 1 69  ? -0.303  8.811   -6.111  1.00 47.79  ? 66  LEU A CA  1 
ATOM   456 C  C   . LEU A 1 69  ? -0.896  7.415   -6.010  1.00 42.37  ? 66  LEU A C   1 
ATOM   457 O  O   . LEU A 1 69  ? -2.112  7.251   -5.985  1.00 40.92  ? 66  LEU A O   1 
ATOM   458 C  CB  . LEU A 1 69  ? -0.240  9.416   -4.708  1.00 43.35  ? 66  LEU A CB  1 
ATOM   459 C  CG  . LEU A 1 69  ? 0.136   10.889  -4.700  1.00 44.43  ? 66  LEU A CG  1 
ATOM   460 C  CD1 . LEU A 1 69  ? -0.917  11.703  -3.957  1.00 50.65  ? 66  LEU A CD1 1 
ATOM   461 C  CD2 . LEU A 1 69  ? 1.494   11.056  -4.090  1.00 44.56  ? 66  LEU A CD2 1 
ATOM   462 N  N   . HIS A 1 70  ? -0.032  6.411   -5.945  1.00 41.86  ? 67  HIS A N   1 
ATOM   463 C  CA  . HIS A 1 70  ? -0.473  5.058   -5.690  1.00 36.08  ? 67  HIS A CA  1 
ATOM   464 C  C   . HIS A 1 70  ? -0.834  4.954   -4.220  1.00 32.56  ? 67  HIS A C   1 
ATOM   465 O  O   . HIS A 1 70  ? -0.390  5.762   -3.409  1.00 31.54  ? 67  HIS A O   1 
ATOM   466 C  CB  . HIS A 1 70  ? 0.627   4.074   -6.044  1.00 37.95  ? 67  HIS A CB  1 
ATOM   467 C  CG  . HIS A 1 70  ? 0.985   4.081   -7.495  1.00 46.02  ? 67  HIS A CG  1 
ATOM   468 N  ND1 . HIS A 1 70  ? 2.046   3.362   -8.000  1.00 47.68  ? 67  HIS A ND1 1 
ATOM   469 C  CD2 . HIS A 1 70  ? 0.419   4.708   -8.548  1.00 47.41  ? 67  HIS A CD2 1 
ATOM   470 C  CE1 . HIS A 1 70  ? 2.125   3.562   -9.305  1.00 41.30  ? 67  HIS A CE1 1 
ATOM   471 N  NE2 . HIS A 1 70  ? 1.149   4.370   -9.660  1.00 42.06  ? 67  HIS A NE2 1 
ATOM   472 N  N   . ALA A 1 71  ? -1.650  3.964   -3.888  1.00 37.31  ? 68  ALA A N   1 
ATOM   473 C  CA  . ALA A 1 71  ? -2.079  3.727   -2.520  1.00 37.29  ? 68  ALA A CA  1 
ATOM   474 C  C   . ALA A 1 71  ? -0.881  3.597   -1.577  1.00 38.37  ? 68  ALA A C   1 
ATOM   475 O  O   . ALA A 1 71  ? -0.915  4.067   -0.440  1.00 31.96  ? 68  ALA A O   1 
ATOM   476 C  CB  . ALA A 1 71  ? -2.929  2.466   -2.463  1.00 38.25  ? 68  ALA A CB  1 
ATOM   477 N  N   . GLU A 1 72  ? 0.176   2.955   -2.064  1.00 33.64  ? 69  GLU A N   1 
ATOM   478 C  CA  . GLU A 1 72  ? 1.358   2.701   -1.259  1.00 32.95  ? 69  GLU A CA  1 
ATOM   479 C  C   . GLU A 1 72  ? 2.108   4.005   -1.015  1.00 34.79  ? 69  GLU A C   1 
ATOM   480 O  O   . GLU A 1 72  ? 2.584   4.251   0.085   1.00 37.18  ? 69  GLU A O   1 
ATOM   481 C  CB  . GLU A 1 72  ? 2.276   1.662   -1.933  1.00 39.16  ? 69  GLU A CB  1 
ATOM   482 C  CG  . GLU A 1 72  ? 1.628   0.315   -2.294  1.00 36.87  ? 69  GLU A CG  1 
ATOM   483 C  CD  . GLU A 1 72  ? 0.980   0.306   -3.683  1.00 46.37  ? 69  GLU A CD  1 
ATOM   484 O  OE1 . GLU A 1 72  ? 0.347   1.317   -4.080  1.00 42.60  ? 69  GLU A OE1 1 
ATOM   485 O  OE2 . GLU A 1 72  ? 1.096   -0.731  -4.375  1.00 47.91  ? 69  GLU A OE2 1 
ATOM   486 N  N   . GLN A 1 73  ? 2.217   4.842   -2.041  1.00 32.01  ? 70  GLN A N   1 
ATOM   487 C  CA  . GLN A 1 73  ? 2.727   6.200   -1.876  1.00 32.57  ? 70  GLN A CA  1 
ATOM   488 C  C   . GLN A 1 73  ? 1.974   7.042   -0.818  1.00 29.62  ? 70  GLN A C   1 
ATOM   489 O  O   . GLN A 1 73  ? 2.595   7.732   -0.010  1.00 26.41  ? 70  GLN A O   1 
ATOM   490 C  CB  . GLN A 1 73  ? 2.765   6.910   -3.221  1.00 33.85  ? 70  GLN A CB  1 
ATOM   491 C  CG  . GLN A 1 73  ? 3.919   6.438   -4.067  1.00 36.54  ? 70  GLN A CG  1 
ATOM   492 C  CD  . GLN A 1 73  ? 3.765   6.749   -5.548  1.00 46.58  ? 70  GLN A CD  1 
ATOM   493 O  OE1 . GLN A 1 73  ? 2.824   7.420   -5.968  1.00 45.41  ? 70  GLN A OE1 1 
ATOM   494 N  NE2 . GLN A 1 73  ? 4.694   6.235   -6.353  1.00 50.97  ? 70  GLN A NE2 1 
ATOM   495 N  N   . ASN A 1 74  ? 0.649   6.961   -0.817  1.00 34.99  ? 71  ASN A N   1 
ATOM   496 C  CA  . ASN A 1 74  ? -0.146  7.629   0.209   1.00 36.31  ? 71  ASN A CA  1 
ATOM   497 C  C   . ASN A 1 74  ? 0.103   7.133   1.639   1.00 36.86  ? 71  ASN A C   1 
ATOM   498 O  O   . ASN A 1 74  ? 0.304   7.932   2.564   1.00 39.87  ? 71  ASN A O   1 
ATOM   499 C  CB  . ASN A 1 74  ? -1.627  7.560   -0.129  1.00 36.33  ? 71  ASN A CB  1 
ATOM   500 C  CG  . ASN A 1 74  ? -2.079  8.741   -0.942  1.00 43.54  ? 71  ASN A CG  1 
ATOM   501 O  OD1 . ASN A 1 74  ? -1.623  9.864   -0.722  1.00 38.34  ? 71  ASN A OD1 1 
ATOM   502 N  ND2 . ASN A 1 74  ? -2.974  8.503   -1.892  1.00 52.15  ? 71  ASN A ND2 1 
ATOM   503 N  N   . ALA A 1 75  ? 0.090   5.822   1.817   1.00 25.61  ? 72  ALA A N   1 
ATOM   504 C  CA  . ALA A 1 75  ? 0.398   5.241   3.108   1.00 25.95  ? 72  ALA A CA  1 
ATOM   505 C  C   . ALA A 1 75  ? 1.787   5.684   3.596   1.00 30.78  ? 72  ALA A C   1 
ATOM   506 O  O   . ALA A 1 75  ? 1.940   6.180   4.715   1.00 31.06  ? 72  ALA A O   1 
ATOM   507 C  CB  . ALA A 1 75  ? 0.295   3.712   3.040   1.00 23.23  ? 72  ALA A CB  1 
ATOM   508 N  N   . LEU A 1 76  ? 2.785   5.510   2.738   1.00 33.64  ? 73  LEU A N   1 
ATOM   509 C  CA  . LEU A 1 76  ? 4.141   5.959   3.001   1.00 30.87  ? 73  LEU A CA  1 
ATOM   510 C  C   . LEU A 1 76  ? 4.246   7.432   3.396   1.00 37.29  ? 73  LEU A C   1 
ATOM   511 O  O   . LEU A 1 76  ? 4.929   7.783   4.352   1.00 36.68  ? 73  LEU A O   1 
ATOM   512 C  CB  . LEU A 1 76  ? 4.992   5.719   1.761   1.00 34.65  ? 73  LEU A CB  1 
ATOM   513 C  CG  . LEU A 1 76  ? 6.472   6.084   1.910   1.00 47.62  ? 73  LEU A CG  1 
ATOM   514 C  CD1 . LEU A 1 76  ? 7.124   5.255   2.996   1.00 42.72  ? 73  LEU A CD1 1 
ATOM   515 C  CD2 . LEU A 1 76  ? 7.174   5.878   0.599   1.00 51.02  ? 73  LEU A CD2 1 
ATOM   516 N  N   . VAL A 1 77  ? 3.591   8.308   2.646   1.00 34.41  ? 74  VAL A N   1 
ATOM   517 C  CA  . VAL A 1 77  ? 3.603   9.723   3.001   1.00 38.66  ? 74  VAL A CA  1 
ATOM   518 C  C   . VAL A 1 77  ? 2.947   9.970   4.369   1.00 34.64  ? 74  VAL A C   1 
ATOM   519 O  O   . VAL A 1 77  ? 3.428   10.779  5.155   1.00 35.24  ? 74  VAL A O   1 
ATOM   520 C  CB  . VAL A 1 77  ? 2.997   10.609  1.871   1.00 41.33  ? 74  VAL A CB  1 
ATOM   521 C  CG1 . VAL A 1 77  ? 2.460   11.924  2.416   1.00 40.22  ? 74  VAL A CG1 1 
ATOM   522 C  CG2 . VAL A 1 77  ? 4.038   10.854  0.780   1.00 35.22  ? 74  VAL A CG2 1 
ATOM   523 N  N   . LYS A 1 78  ? 1.873   9.253   4.665   1.00 33.13  ? 75  LYS A N   1 
ATOM   524 C  CA  . LYS A 1 78  ? 1.273   9.353   5.994   1.00 33.60  ? 75  LYS A CA  1 
ATOM   525 C  C   . LYS A 1 78  ? 2.224   8.905   7.095   1.00 33.66  ? 75  LYS A C   1 
ATOM   526 O  O   . LYS A 1 78  ? 2.244   9.510   8.168   1.00 36.82  ? 75  LYS A O   1 
ATOM   527 C  CB  . LYS A 1 78  ? -0.049  8.589   6.077   1.00 30.01  ? 75  LYS A CB  1 
ATOM   528 C  CG  . LYS A 1 78  ? -1.189  9.336   5.463   1.00 29.99  ? 75  LYS A CG  1 
ATOM   529 C  CD  . LYS A 1 78  ? -2.438  8.505   5.364   1.00 35.57  ? 75  LYS A CD  1 
ATOM   530 C  CE  . LYS A 1 78  ? -3.482  9.222   4.512   1.00 32.71  ? 75  LYS A CE  1 
ATOM   531 N  NZ  . LYS A 1 78  ? -4.723  8.428   4.364   1.00 35.76  ? 75  LYS A NZ  1 
ATOM   532 N  N   . MET A 1 79  ? 3.005   7.860   6.831   1.00 31.02  ? 76  MET A N   1 
ATOM   533 C  CA  . MET A 1 79  ? 4.021   7.400   7.771   1.00 30.87  ? 76  MET A CA  1 
ATOM   534 C  C   . MET A 1 79  ? 5.092   8.438   7.993   1.00 33.52  ? 76  MET A C   1 
ATOM   535 O  O   . MET A 1 79  ? 5.572   8.577   9.090   1.00 36.04  ? 76  MET A O   1 
ATOM   536 C  CB  . MET A 1 79  ? 4.676   6.091   7.325   1.00 27.28  ? 76  MET A CB  1 
ATOM   537 C  CG  . MET A 1 79  ? 3.771   4.892   7.434   1.00 30.87  ? 76  MET A CG  1 
ATOM   538 S  SD  . MET A 1 79  ? 2.942   4.788   9.029   1.00 33.43  ? 76  MET A SD  1 
ATOM   539 C  CE  . MET A 1 79  ? 4.245   4.235   10.118  1.00 35.65  ? 76  MET A CE  1 
ATOM   540 N  N   . ALA A 1 80  ? 5.469   9.159   6.948   1.00 30.88  ? 77  ALA A N   1 
ATOM   541 C  CA  . ALA A 1 80  ? 6.415   10.258  7.084   1.00 26.44  ? 77  ALA A CA  1 
ATOM   542 C  C   . ALA A 1 80  ? 5.896   11.408  7.958   1.00 30.93  ? 77  ALA A C   1 
ATOM   543 O  O   . ALA A 1 80  ? 6.680   12.102  8.580   1.00 35.73  ? 77  ALA A O   1 
ATOM   544 C  CB  . ALA A 1 80  ? 6.829   10.756  5.734   1.00 23.25  ? 77  ALA A CB  1 
ATOM   545 N  N   . LYS A 1 81  ? 4.584   11.605  8.018   1.00 37.74  ? 78  LYS A N   1 
ATOM   546 C  CA  . LYS A 1 81  ? 3.999   12.630  8.894   1.00 37.78  ? 78  LYS A CA  1 
ATOM   547 C  C   . LYS A 1 81  ? 3.574   12.072  10.247  1.00 39.69  ? 78  LYS A C   1 
ATOM   548 O  O   . LYS A 1 81  ? 3.080   12.806  11.100  1.00 45.68  ? 78  LYS A O   1 
ATOM   549 C  CB  . LYS A 1 81  ? 2.796   13.307  8.242   1.00 33.15  ? 78  LYS A CB  1 
ATOM   550 C  CG  . LYS A 1 81  ? 3.082   13.882  6.888   1.00 36.22  ? 78  LYS A CG  1 
ATOM   551 C  CD  . LYS A 1 81  ? 1.866   14.586  6.318   1.00 39.94  ? 78  LYS A CD  1 
ATOM   552 C  CE  . LYS A 1 81  ? 0.748   13.615  6.049   1.00 40.66  ? 78  LYS A CE  1 
ATOM   553 N  NZ  . LYS A 1 81  ? -0.297  14.183  5.117   1.00 53.27  ? 78  LYS A NZ  1 
ATOM   554 N  N   . SER A 1 82  ? 3.741   10.766  10.421  1.00 38.22  ? 79  SER A N   1 
ATOM   555 C  CA  . SER A 1 82  ? 3.433   10.090  11.672  1.00 38.52  ? 79  SER A CA  1 
ATOM   556 C  C   . SER A 1 82  ? 4.635   10.227  12.606  1.00 39.40  ? 79  SER A C   1 
ATOM   557 O  O   . SER A 1 82  ? 5.689   10.652  12.190  1.00 42.68  ? 79  SER A O   1 
ATOM   558 C  CB  . SER A 1 82  ? 3.144   8.611   11.375  1.00 36.36  ? 79  SER A CB  1 
ATOM   559 O  OG  . SER A 1 82  ? 2.989   7.836   12.548  1.00 37.39  ? 79  SER A OG  1 
ATOM   560 N  N   . SER A 1 83  ? 4.477   9.860   13.868  1.00 49.12  ? 80  SER A N   1 
ATOM   561 C  CA  . SER A 1 83  ? 5.604   9.830   14.783  1.00 48.60  ? 80  SER A CA  1 
ATOM   562 C  C   . SER A 1 83  ? 6.132   8.411   14.910  1.00 47.34  ? 80  SER A C   1 
ATOM   563 O  O   . SER A 1 83  ? 7.104   8.148   15.616  1.00 52.70  ? 80  SER A O   1 
ATOM   564 C  CB  . SER A 1 83  ? 5.160   10.316  16.156  1.00 51.13  ? 80  SER A CB  1 
ATOM   565 O  OG  . SER A 1 83  ? 4.042   11.173  16.028  1.00 55.08  ? 80  SER A OG  1 
ATOM   566 N  N   . GLU A 1 84  ? 5.473   7.500   14.217  1.00 36.68  ? 81  GLU A N   1 
ATOM   567 C  CA  . GLU A 1 84  ? 5.716   6.086   14.377  1.00 38.30  ? 81  GLU A CA  1 
ATOM   568 C  C   . GLU A 1 84  ? 6.488   5.599   13.161  1.00 38.06  ? 81  GLU A C   1 
ATOM   569 O  O   . GLU A 1 84  ? 6.156   5.939   12.034  1.00 42.92  ? 81  GLU A O   1 
ATOM   570 C  CB  . GLU A 1 84  ? 4.356   5.388   14.522  1.00 42.87  ? 81  GLU A CB  1 
ATOM   571 C  CG  . GLU A 1 84  ? 4.398   3.921   14.812  1.00 43.79  ? 81  GLU A CG  1 
ATOM   572 C  CD  . GLU A 1 84  ? 4.996   3.609   16.164  1.00 50.84  ? 81  GLU A CD  1 
ATOM   573 O  OE1 . GLU A 1 84  ? 4.356   3.952   17.187  1.00 50.72  ? 81  GLU A OE1 1 
ATOM   574 O  OE2 . GLU A 1 84  ? 6.100   3.017   16.200  1.00 56.31  ? 81  GLU A OE2 1 
ATOM   575 N  N   . SER A 1 85  ? 7.533   4.822   13.384  1.00 38.10  ? 82  SER A N   1 
ATOM   576 C  CA  . SER A 1 85  ? 8.383   4.368   12.285  1.00 37.18  ? 82  SER A CA  1 
ATOM   577 C  C   . SER A 1 85  ? 7.706   3.332   11.384  1.00 38.52  ? 82  SER A C   1 
ATOM   578 O  O   . SER A 1 85  ? 6.904   2.523   11.845  1.00 41.39  ? 82  SER A O   1 
ATOM   579 C  CB  . SER A 1 85  ? 9.695   3.803   12.812  1.00 33.09  ? 82  SER A CB  1 
ATOM   580 O  OG  . SER A 1 85  ? 10.467  3.291   11.749  1.00 37.02  ? 82  SER A OG  1 
ATOM   581 N  N   . ILE A 1 86  ? 8.043   3.355   10.099  1.00 33.16  ? 83  ILE A N   1 
ATOM   582 C  CA  . ILE A 1 86  ? 7.495   2.392   9.158   1.00 31.92  ? 83  ILE A CA  1 
ATOM   583 C  C   . ILE A 1 86  ? 8.337   1.103   9.158   1.00 32.87  ? 83  ILE A C   1 
ATOM   584 O  O   . ILE A 1 86  ? 7.889   0.048   8.705   1.00 30.56  ? 83  ILE A O   1 
ATOM   585 C  CB  . ILE A 1 86  ? 7.377   2.993   7.737   1.00 28.79  ? 83  ILE A CB  1 
ATOM   586 C  CG1 . ILE A 1 86  ? 6.446   2.140   6.872   1.00 27.21  ? 83  ILE A CG1 1 
ATOM   587 C  CG2 . ILE A 1 86  ? 8.735   3.158   7.090   1.00 26.03  ? 83  ILE A CG2 1 
ATOM   588 C  CD1 . ILE A 1 86  ? 6.287   2.636   5.472   1.00 25.00  ? 83  ILE A CD1 1 
ATOM   589 N  N   . ASP A 1 87  ? 9.549   1.206   9.695   1.00 39.23  ? 84  ASP A N   1 
ATOM   590 C  CA  . ASP A 1 87  ? 10.483  0.093   9.759   1.00 40.42  ? 84  ASP A CA  1 
ATOM   591 C  C   . ASP A 1 87  ? 9.922   -1.071  10.578  1.00 42.77  ? 84  ASP A C   1 
ATOM   592 O  O   . ASP A 1 87  ? 9.476   -0.876  11.705  1.00 41.42  ? 84  ASP A O   1 
ATOM   593 C  CB  . ASP A 1 87  ? 11.781  0.574   10.396  1.00 47.23  ? 84  ASP A CB  1 
ATOM   594 C  CG  . ASP A 1 87  ? 12.987  -0.273  10.010  1.00 56.90  ? 84  ASP A CG  1 
ATOM   595 O  OD1 . ASP A 1 87  ? 12.838  -1.216  9.207   1.00 57.17  ? 84  ASP A OD1 1 
ATOM   596 O  OD2 . ASP A 1 87  ? 14.096  0.015   10.504  1.00 59.65  ? 84  ASP A OD2 1 
ATOM   597 N  N   . GLY A 1 88  ? 9.936   -2.273  10.001  1.00 35.21  ? 85  GLY A N   1 
ATOM   598 C  CA  . GLY A 1 88  ? 9.448   -3.462  10.676  1.00 32.01  ? 85  GLY A CA  1 
ATOM   599 C  C   . GLY A 1 88  ? 7.953   -3.688  10.563  1.00 35.45  ? 85  GLY A C   1 
ATOM   600 O  O   . GLY A 1 88  ? 7.418   -4.661  11.077  1.00 39.07  ? 85  GLY A O   1 
ATOM   601 N  N   . SER A 1 89  ? 7.268   -2.786  9.885   1.00 33.94  ? 86  SER A N   1 
ATOM   602 C  CA  . SER A 1 89  ? 5.842   -2.942  9.672   1.00 37.81  ? 86  SER A CA  1 
ATOM   603 C  C   . SER A 1 89  ? 5.565   -3.880  8.509   1.00 34.53  ? 86  SER A C   1 
ATOM   604 O  O   . SER A 1 89  ? 6.488   -4.341  7.829   1.00 35.56  ? 86  SER A O   1 
ATOM   605 C  CB  . SER A 1 89  ? 5.210   -1.594  9.362   1.00 36.94  ? 86  SER A CB  1 
ATOM   606 O  OG  . SER A 1 89  ? 5.622   -1.154  8.082   1.00 31.90  ? 86  SER A OG  1 
ATOM   607 N  N   . GLU A 1 90  ? 4.284   -4.144  8.286   1.00 33.17  ? 87  GLU A N   1 
ATOM   608 C  CA  . GLU A 1 90  ? 3.843   -4.910  7.129   1.00 37.75  ? 87  GLU A CA  1 
ATOM   609 C  C   . GLU A 1 90  ? 2.832   -4.135  6.315   1.00 35.82  ? 87  GLU A C   1 
ATOM   610 O  O   . GLU A 1 90  ? 2.030   -3.378  6.847   1.00 33.81  ? 87  GLU A O   1 
ATOM   611 C  CB  . GLU A 1 90  ? 3.213   -6.207  7.574   1.00 36.22  ? 87  GLU A CB  1 
ATOM   612 C  CG  . GLU A 1 90  ? 3.847   -6.743  8.829   1.00 52.64  ? 87  GLU A CG  1 
ATOM   613 C  CD  . GLU A 1 90  ? 3.650   -8.215  8.972   1.00 49.65  ? 87  GLU A CD  1 
ATOM   614 O  OE1 . GLU A 1 90  ? 2.603   -8.626  9.512   1.00 55.04  ? 87  GLU A OE1 1 
ATOM   615 O  OE2 . GLU A 1 90  ? 4.542   -8.952  8.523   1.00 44.90  ? 87  GLU A OE2 1 
ATOM   616 N  N   . LEU A 1 91  ? 2.873   -4.339  5.013   1.00 34.85  ? 88  LEU A N   1 
ATOM   617 C  CA  . LEU A 1 91  ? 1.960   -3.672  4.120   1.00 30.33  ? 88  LEU A CA  1 
ATOM   618 C  C   . LEU A 1 91  ? 0.882   -4.635  3.613   1.00 35.28  ? 88  LEU A C   1 
ATOM   619 O  O   . LEU A 1 91  ? 1.209   -5.651  3.014   1.00 36.68  ? 88  LEU A O   1 
ATOM   620 C  CB  . LEU A 1 91  ? 2.766   -3.160  2.946   1.00 29.65  ? 88  LEU A CB  1 
ATOM   621 C  CG  . LEU A 1 91  ? 1.991   -2.329  1.944   1.00 39.01  ? 88  LEU A CG  1 
ATOM   622 C  CD1 . LEU A 1 91  ? 1.405   -1.113  2.649   1.00 36.00  ? 88  LEU A CD1 1 
ATOM   623 C  CD2 . LEU A 1 91  ? 2.933   -1.932  0.836   1.00 37.09  ? 88  LEU A CD2 1 
ATOM   624 N  N   . PHE A 1 92  ? -0.393  -4.338  3.864   1.00 31.64  ? 89  PHE A N   1 
ATOM   625 C  CA  . PHE A 1 92  ? -1.473  -5.048  3.175   1.00 32.00  ? 89  PHE A CA  1 
ATOM   626 C  C   . PHE A 1 92  ? -1.980  -4.194  2.034   1.00 32.96  ? 89  PHE A C   1 
ATOM   627 O  O   . PHE A 1 92  ? -2.524  -3.122  2.242   1.00 31.16  ? 89  PHE A O   1 
ATOM   628 C  CB  . PHE A 1 92  ? -2.641  -5.370  4.093   1.00 30.62  ? 89  PHE A CB  1 
ATOM   629 C  CG  . PHE A 1 92  ? -2.325  -6.383  5.129   1.00 36.26  ? 89  PHE A CG  1 
ATOM   630 C  CD1 . PHE A 1 92  ? -2.754  -7.688  4.986   1.00 37.71  ? 89  PHE A CD1 1 
ATOM   631 C  CD2 . PHE A 1 92  ? -1.589  -6.045  6.250   1.00 32.15  ? 89  PHE A CD2 1 
ATOM   632 C  CE1 . PHE A 1 92  ? -2.454  -8.624  5.950   1.00 36.78  ? 89  PHE A CE1 1 
ATOM   633 C  CE2 . PHE A 1 92  ? -1.292  -6.986  7.201   1.00 32.21  ? 89  PHE A CE2 1 
ATOM   634 C  CZ  . PHE A 1 92  ? -1.722  -8.268  7.052   1.00 33.08  ? 89  PHE A CZ  1 
ATOM   635 N  N   . CYS A 1 93  ? -1.810  -4.671  0.815   1.00 36.86  ? 90  CYS A N   1 
ATOM   636 C  CA  . CYS A 1 93  ? -2.320  -3.939  -0.313  1.00 36.51  ? 90  CYS A CA  1 
ATOM   637 C  C   . CYS A 1 93  ? -3.317  -4.803  -1.119  1.00 38.59  ? 90  CYS A C   1 
ATOM   638 O  O   . CYS A 1 93  ? -3.212  -6.027  -1.134  1.00 42.01  ? 90  CYS A O   1 
ATOM   639 C  CB  . CYS A 1 93  ? -1.145  -3.442  -1.163  1.00 39.48  ? 90  CYS A CB  1 
ATOM   640 S  SG  . CYS A 1 93  ? -1.588  -2.103  -2.312  1.00 58.70  ? 90  CYS A SG  1 
ATOM   641 N  N   . THR A 1 94  ? -4.305  -4.179  -1.747  1.00 25.68  ? 91  THR A N   1 
ATOM   642 C  CA  . THR A 1 94  ? -5.175  -4.913  -2.663  1.00 30.16  ? 91  THR A CA  1 
ATOM   643 C  C   . THR A 1 94  ? -4.403  -5.416  -3.876  1.00 31.86  ? 91  THR A C   1 
ATOM   644 O  O   . THR A 1 94  ? -4.722  -6.453  -4.428  1.00 32.00  ? 91  THR A O   1 
ATOM   645 C  CB  . THR A 1 94  ? -6.369  -4.069  -3.162  1.00 28.05  ? 91  THR A CB  1 
ATOM   646 O  OG1 . THR A 1 94  ? -5.901  -2.839  -3.720  1.00 31.94  ? 91  THR A OG1 1 
ATOM   647 C  CG2 . THR A 1 94  ? -7.336  -3.773  -2.035  1.00 29.55  ? 91  THR A CG2 1 
ATOM   648 N  N   . HIS A 1 95  ? -3.378  -4.683  -4.282  1.00 29.29  ? 92  HIS A N   1 
ATOM   649 C  CA  . HIS A 1 95  ? -2.610  -5.074  -5.448  1.00 31.31  ? 92  HIS A CA  1 
ATOM   650 C  C   . HIS A 1 95  ? -1.132  -5.225  -5.180  1.00 36.44  ? 92  HIS A C   1 
ATOM   651 O  O   . HIS A 1 95  ? -0.589  -4.557  -4.315  1.00 38.45  ? 92  HIS A O   1 
ATOM   652 C  CB  . HIS A 1 95  ? -2.815  -4.081  -6.575  1.00 36.71  ? 92  HIS A CB  1 
ATOM   653 C  CG  . HIS A 1 95  ? -4.213  -4.064  -7.105  1.00 43.11  ? 92  HIS A CG  1 
ATOM   654 N  ND1 . HIS A 1 95  ? -5.268  -3.542  -6.390  1.00 41.49  ? 92  HIS A ND1 1 
ATOM   655 C  CD2 . HIS A 1 95  ? -4.727  -4.539  -8.259  1.00 44.21  ? 92  HIS A CD2 1 
ATOM   656 C  CE1 . HIS A 1 95  ? -6.377  -3.679  -7.095  1.00 40.79  ? 92  HIS A CE1 1 
ATOM   657 N  NE2 . HIS A 1 95  ? -6.080  -4.271  -8.235  1.00 43.56  ? 92  HIS A NE2 1 
ATOM   658 N  N   . SER A 1 96  ? -0.512  -6.146  -5.913  1.00 41.94  ? 93  SER A N   1 
ATOM   659 C  CA  . SER A 1 96  ? 0.931   -6.223  -6.056  1.00 42.43  ? 93  SER A CA  1 
ATOM   660 C  C   . SER A 1 96  ? 1.429   -4.816  -6.400  1.00 44.31  ? 93  SER A C   1 
ATOM   661 O  O   . SER A 1 96  ? 0.776   -4.112  -7.161  1.00 51.28  ? 93  SER A O   1 
ATOM   662 C  CB  . SER A 1 96  ? 1.268   -7.250  -7.156  1.00 46.48  ? 93  SER A CB  1 
ATOM   663 O  OG  . SER A 1 96  ? 2.401   -6.897  -7.943  1.00 58.27  ? 93  SER A OG  1 
ATOM   664 N  N   . PRO A 1 97  ? 2.544   -4.370  -5.790  1.00 45.27  ? 94  PRO A N   1 
ATOM   665 C  CA  . PRO A 1 97  ? 3.024   -3.013  -6.079  1.00 50.13  ? 94  PRO A CA  1 
ATOM   666 C  C   . PRO A 1 97  ? 3.895   -2.869  -7.325  1.00 47.51  ? 94  PRO A C   1 
ATOM   667 O  O   . PRO A 1 97  ? 4.597   -3.792  -7.716  1.00 53.72  ? 94  PRO A O   1 
ATOM   668 C  CB  . PRO A 1 97  ? 3.828   -2.645  -4.828  1.00 40.05  ? 94  PRO A CB  1 
ATOM   669 C  CG  . PRO A 1 97  ? 4.232   -3.925  -4.264  1.00 39.92  ? 94  PRO A CG  1 
ATOM   670 C  CD  . PRO A 1 97  ? 3.135   -4.895  -4.552  1.00 44.14  ? 94  PRO A CD  1 
ATOM   671 N  N   . CYS A 1 98  ? 3.832   -1.689  -7.927  1.00 48.03  ? 95  CYS A N   1 
ATOM   672 C  CA  . CYS A 1 98  ? 4.643   -1.336  -9.088  1.00 53.79  ? 95  CYS A CA  1 
ATOM   673 C  C   . CYS A 1 98  ? 6.113   -1.274  -8.695  1.00 51.66  ? 95  CYS A C   1 
ATOM   674 O  O   . CYS A 1 98  ? 6.430   -1.327  -7.513  1.00 50.29  ? 95  CYS A O   1 
ATOM   675 C  CB  . CYS A 1 98  ? 4.166   0.007   -9.671  1.00 54.29  ? 95  CYS A CB  1 
ATOM   676 S  SG  . CYS A 1 98  ? 4.693   1.503   -8.783  1.00 48.66  ? 95  CYS A SG  1 
ATOM   677 N  N   . PRO A 1 99  ? 7.023   -1.186  -9.681  1.00 56.31  ? 96  PRO A N   1 
ATOM   678 C  CA  . PRO A 1 99  ? 8.437   -1.065  -9.318  1.00 52.98  ? 96  PRO A CA  1 
ATOM   679 C  C   . PRO A 1 99  ? 8.780   0.181   -8.486  1.00 49.44  ? 96  PRO A C   1 
ATOM   680 O  O   . PRO A 1 99  ? 9.656   0.073   -7.634  1.00 47.72  ? 96  PRO A O   1 
ATOM   681 C  CB  . PRO A 1 99  ? 9.137   -1.013  -10.682 1.00 53.65  ? 96  PRO A CB  1 
ATOM   682 C  CG  . PRO A 1 99  ? 8.254   -1.786  -11.563 1.00 55.80  ? 96  PRO A CG  1 
ATOM   683 C  CD  . PRO A 1 99  ? 6.866   -1.427  -11.129 1.00 56.99  ? 96  PRO A CD  1 
ATOM   684 N  N   . ASP A 1 100 ? 8.110   1.313   -8.716  1.00 55.84  ? 97  ASP A N   1 
ATOM   685 C  CA  . ASP A 1 100 ? 8.408   2.555   -7.993  1.00 58.60  ? 97  ASP A CA  1 
ATOM   686 C  C   . ASP A 1 100 ? 7.994   2.482   -6.518  1.00 57.05  ? 97  ASP A C   1 
ATOM   687 O  O   . ASP A 1 100 ? 8.656   3.041   -5.639  1.00 52.54  ? 97  ASP A O   1 
ATOM   688 C  CB  . ASP A 1 100 ? 7.726   3.763   -8.652  1.00 57.80  ? 97  ASP A CB  1 
ATOM   689 C  CG  . ASP A 1 100 ? 8.062   3.901   -10.142 1.00 82.83  ? 97  ASP A CG  1 
ATOM   690 O  OD1 . ASP A 1 100 ? 9.204   3.537   -10.540 1.00 79.72  ? 97  ASP A OD1 1 
ATOM   691 O  OD2 . ASP A 1 100 ? 7.177   4.373   -10.910 1.00 87.49  ? 97  ASP A OD2 1 
ATOM   692 N  N   . CYS A 1 101 ? 6.889   1.801   -6.254  1.00 47.57  ? 98  CYS A N   1 
ATOM   693 C  CA  . CYS A 1 101 ? 6.479   1.604   -4.887  1.00 43.56  ? 98  CYS A CA  1 
ATOM   694 C  C   . CYS A 1 101 ? 7.382   0.565   -4.229  1.00 43.57  ? 98  CYS A C   1 
ATOM   695 O  O   . CYS A 1 101 ? 7.806   0.728   -3.092  1.00 40.72  ? 98  CYS A O   1 
ATOM   696 C  CB  . CYS A 1 101 ? 5.001   1.223   -4.820  1.00 48.63  ? 98  CYS A CB  1 
ATOM   697 S  SG  . CYS A 1 101 ? 3.892   2.568   -5.357  1.00 50.37  ? 98  CYS A SG  1 
ATOM   698 N  N   . SER A 1 102 ? 7.718   -0.481  -4.965  1.00 44.66  ? 99  SER A N   1 
ATOM   699 C  CA  . SER A 1 102 ? 8.623   -1.507  -4.459  1.00 41.77  ? 99  SER A CA  1 
ATOM   700 C  C   . SER A 1 102 ? 9.977   -1.006  -3.932  1.00 41.28  ? 99  SER A C   1 
ATOM   701 O  O   . SER A 1 102 ? 10.400  -1.423  -2.861  1.00 43.69  ? 99  SER A O   1 
ATOM   702 C  CB  . SER A 1 102 ? 8.829   -2.580  -5.518  1.00 50.69  ? 99  SER A CB  1 
ATOM   703 O  OG  . SER A 1 102 ? 7.613   -3.263  -5.748  1.00 48.90  ? 99  SER A OG  1 
ATOM   704 N  N   . LYS A 1 103 ? 10.644  -0.119  -4.673  1.00 37.68  ? 100 LYS A N   1 
ATOM   705 C  CA  . LYS A 1 103 ? 11.908  0.478   -4.243  1.00 36.78  ? 100 LYS A CA  1 
ATOM   706 C  C   . LYS A 1 103 ? 11.775  1.101   -2.871  1.00 35.58  ? 100 LYS A C   1 
ATOM   707 O  O   . LYS A 1 103 ? 12.689  1.033   -2.042  1.00 31.72  ? 100 LYS A O   1 
ATOM   708 C  CB  . LYS A 1 103 ? 12.312  1.640   -5.152  1.00 45.13  ? 100 LYS A CB  1 
ATOM   709 C  CG  . LYS A 1 103 ? 12.511  1.363   -6.606  1.00 54.15  ? 100 LYS A CG  1 
ATOM   710 C  CD  . LYS A 1 103 ? 12.913  2.658   -7.350  1.00 56.38  ? 100 LYS A CD  1 
ATOM   711 C  CE  . LYS A 1 103 ? 11.908  3.784   -7.176  1.00 46.59  ? 100 LYS A CE  1 
ATOM   712 N  NZ  . LYS A 1 103 ? 12.020  4.792   -8.264  1.00 47.88  ? 100 LYS A NZ  1 
ATOM   713 N  N   . MET A 1 104 ? 10.642  1.765   -2.668  1.00 41.23  ? 101 MET A N   1 
ATOM   714 C  CA  . MET A 1 104 ? 10.453  2.607   -1.499  1.00 40.62  ? 101 MET A CA  1 
ATOM   715 C  C   . MET A 1 104 ? 10.067  1.775   -0.297  1.00 36.30  ? 101 MET A C   1 
ATOM   716 O  O   . MET A 1 104 ? 10.562  1.989   0.817   1.00 31.72  ? 101 MET A O   1 
ATOM   717 C  CB  . MET A 1 104 ? 9.403   3.671   -1.782  1.00 40.05  ? 101 MET A CB  1 
ATOM   718 C  CG  . MET A 1 104 ? 9.838   4.663   -2.849  1.00 42.66  ? 101 MET A CG  1 
ATOM   719 S  SD  . MET A 1 104 ? 8.918   6.212   -2.772  1.00 47.35  ? 101 MET A SD  1 
ATOM   720 C  CE  . MET A 1 104 ? 7.476   5.797   -3.735  1.00 50.68  ? 101 MET A CE  1 
ATOM   721 N  N   . ILE A 1 105 ? 9.183   0.822   -0.550  1.00 36.39  ? 102 ILE A N   1 
ATOM   722 C  CA  . ILE A 1 105 ? 8.796   -0.170  0.426   1.00 31.98  ? 102 ILE A CA  1 
ATOM   723 C  C   . ILE A 1 105 ? 10.033  -0.888  0.986   1.00 31.46  ? 102 ILE A C   1 
ATOM   724 O  O   . ILE A 1 105 ? 10.159  -1.059  2.201   1.00 32.11  ? 102 ILE A O   1 
ATOM   725 C  CB  . ILE A 1 105 ? 7.812   -1.159  -0.213  1.00 34.74  ? 102 ILE A CB  1 
ATOM   726 C  CG1 . ILE A 1 105 ? 6.540   -0.426  -0.618  1.00 33.08  ? 102 ILE A CG1 1 
ATOM   727 C  CG2 . ILE A 1 105 ? 7.477   -2.300  0.713   1.00 31.87  ? 102 ILE A CG2 1 
ATOM   728 C  CD1 . ILE A 1 105 ? 5.690   -1.181  -1.603  1.00 30.50  ? 102 ILE A CD1 1 
ATOM   729 N  N   . ALA A 1 106 ? 10.956  -1.288  0.115   1.00 31.96  ? 103 ALA A N   1 
ATOM   730 C  CA  . ALA A 1 106 ? 12.144  -2.016  0.575   1.00 33.93  ? 103 ALA A CA  1 
ATOM   731 C  C   . ALA A 1 106 ? 13.075  -1.128  1.387   1.00 36.55  ? 103 ALA A C   1 
ATOM   732 O  O   . ALA A 1 106 ? 13.595  -1.524  2.437   1.00 37.38  ? 103 ALA A O   1 
ATOM   733 C  CB  . ALA A 1 106 ? 12.887  -2.612  -0.586  1.00 34.37  ? 103 ALA A CB  1 
ATOM   734 N  N   . GLN A 1 107 ? 13.291  0.077   0.881   1.00 40.98  ? 104 GLN A N   1 
ATOM   735 C  CA  . GLN A 1 107 ? 14.137  1.037   1.549   1.00 39.02  ? 104 GLN A CA  1 
ATOM   736 C  C   . GLN A 1 107 ? 13.521  1.501   2.880   1.00 41.81  ? 104 GLN A C   1 
ATOM   737 O  O   . GLN A 1 107 ? 14.231  1.943   3.787   1.00 42.67  ? 104 GLN A O   1 
ATOM   738 C  CB  . GLN A 1 107 ? 14.395  2.220   0.622   1.00 43.04  ? 104 GLN A CB  1 
ATOM   739 C  CG  . GLN A 1 107 ? 15.594  3.056   1.002   1.00 50.16  ? 104 GLN A CG  1 
ATOM   740 C  CD  . GLN A 1 107 ? 16.919  2.376   0.710   1.00 59.63  ? 104 GLN A CD  1 
ATOM   741 O  OE1 . GLN A 1 107 ? 17.279  1.390   1.348   1.00 67.02  ? 104 GLN A OE1 1 
ATOM   742 N  NE2 . GLN A 1 107 ? 17.661  2.912   -0.251  1.00 68.29  ? 104 GLN A NE2 1 
ATOM   743 N  N   . ALA A 1 108 ? 12.202  1.372   3.005   1.00 38.56  ? 105 ALA A N   1 
ATOM   744 C  CA  . ALA A 1 108 ? 11.492  1.804   4.207   1.00 34.75  ? 105 ALA A CA  1 
ATOM   745 C  C   . ALA A 1 108 ? 11.590  0.802   5.351   1.00 33.71  ? 105 ALA A C   1 
ATOM   746 O  O   . ALA A 1 108 ? 11.184  1.084   6.473   1.00 35.22  ? 105 ALA A O   1 
ATOM   747 C  CB  . ALA A 1 108 ? 10.037  2.088   3.878   1.00 33.23  ? 105 ALA A CB  1 
ATOM   748 N  N   . GLY A 1 109 ? 12.128  -0.372  5.057   1.00 29.03  ? 106 GLY A N   1 
ATOM   749 C  CA  . GLY A 1 109 ? 12.241  -1.426  6.043   1.00 28.31  ? 106 GLY A CA  1 
ATOM   750 C  C   . GLY A 1 109 ? 10.935  -2.160  6.261   1.00 30.73  ? 106 GLY A C   1 
ATOM   751 O  O   . GLY A 1 109 ? 10.717  -2.750  7.322   1.00 30.02  ? 106 GLY A O   1 
ATOM   752 N  N   . VAL A 1 110 ? 10.048  -2.098  5.275   1.00 33.42  ? 107 VAL A N   1 
ATOM   753 C  CA  . VAL A 1 110 ? 8.824   -2.879  5.324   1.00 34.34  ? 107 VAL A CA  1 
ATOM   754 C  C   . VAL A 1 110 ? 9.216   -4.352  5.326   1.00 36.98  ? 107 VAL A C   1 
ATOM   755 O  O   . VAL A 1 110 ? 9.967   -4.806  4.478   1.00 39.84  ? 107 VAL A O   1 
ATOM   756 C  CB  . VAL A 1 110 ? 7.888   -2.528  4.170   1.00 30.43  ? 107 VAL A CB  1 
ATOM   757 C  CG1 . VAL A 1 110 ? 6.771   -3.536  4.029   1.00 26.26  ? 107 VAL A CG1 1 
ATOM   758 C  CG2 . VAL A 1 110 ? 7.312   -1.139  4.390   1.00 31.36  ? 107 VAL A CG2 1 
ATOM   759 N  N   . LYS A 1 111 ? 8.735   -5.076  6.325   1.00 40.31  ? 108 LYS A N   1 
ATOM   760 C  CA  . LYS A 1 111 ? 9.144   -6.444  6.570   1.00 41.71  ? 108 LYS A CA  1 
ATOM   761 C  C   . LYS A 1 111 ? 8.553   -7.381  5.511   1.00 48.47  ? 108 LYS A C   1 
ATOM   762 O  O   . LYS A 1 111 ? 9.251   -8.209  4.920   1.00 43.47  ? 108 LYS A O   1 
ATOM   763 C  CB  . LYS A 1 111 ? 8.675   -6.836  7.971   1.00 42.42  ? 108 LYS A CB  1 
ATOM   764 C  CG  . LYS A 1 111 ? 8.983   -8.252  8.383   1.00 58.99  ? 108 LYS A CG  1 
ATOM   765 C  CD  . LYS A 1 111 ? 8.642   -8.465  9.850   1.00 68.80  ? 108 LYS A CD  1 
ATOM   766 C  CE  . LYS A 1 111 ? 7.189   -8.089  10.156  1.00 61.21  ? 108 LYS A CE  1 
ATOM   767 N  NZ  . LYS A 1 111 ? 6.875   -8.105  11.627  1.00 57.85  ? 108 LYS A NZ  1 
ATOM   768 N  N   . LYS A 1 112 ? 7.257   -7.228  5.267   1.00 37.00  ? 109 LYS A N   1 
ATOM   769 C  CA  . LYS A 1 112 ? 6.557   -8.091  4.343   1.00 35.19  ? 109 LYS A CA  1 
ATOM   770 C  C   . LYS A 1 112 ? 5.378   -7.363  3.692   1.00 32.92  ? 109 LYS A C   1 
ATOM   771 O  O   . LYS A 1 112 ? 4.751   -6.508  4.303   1.00 30.75  ? 109 LYS A O   1 
ATOM   772 C  CB  . LYS A 1 112 ? 6.082   -9.340  5.087   1.00 36.76  ? 109 LYS A CB  1 
ATOM   773 C  CG  . LYS A 1 112 ? 5.152   -10.236 4.307   1.00 35.65  ? 109 LYS A CG  1 
ATOM   774 C  CD  . LYS A 1 112 ? 4.648   -11.333 5.198   1.00 38.09  ? 109 LYS A CD  1 
ATOM   775 C  CE  . LYS A 1 112 ? 4.043   -12.484 4.413   1.00 39.92  ? 109 LYS A CE  1 
ATOM   776 N  NZ  . LYS A 1 112 ? 3.482   -13.451 5.378   1.00 42.28  ? 109 LYS A NZ  1 
ATOM   777 N  N   . VAL A 1 113 ? 5.096   -7.709  2.444   1.00 32.44  ? 110 VAL A N   1 
ATOM   778 C  CA  . VAL A 1 113 ? 3.906   -7.239  1.745   1.00 34.37  ? 110 VAL A CA  1 
ATOM   779 C  C   . VAL A 1 113 ? 2.896   -8.381  1.458   1.00 36.69  ? 110 VAL A C   1 
ATOM   780 O  O   . VAL A 1 113 ? 3.250   -9.399  0.872   1.00 39.32  ? 110 VAL A O   1 
ATOM   781 C  CB  . VAL A 1 113 ? 4.277   -6.528  0.409   1.00 37.34  ? 110 VAL A CB  1 
ATOM   782 C  CG1 . VAL A 1 113 ? 3.020   -6.088  -0.339  1.00 38.22  ? 110 VAL A CG1 1 
ATOM   783 C  CG2 . VAL A 1 113 ? 5.204   -5.336  0.655   1.00 28.38  ? 110 VAL A CG2 1 
ATOM   784 N  N   . TYR A 1 114 ? 1.651   -8.204  1.894   1.00 38.09  ? 111 TYR A N   1 
ATOM   785 C  CA  . TYR A 1 114 ? 0.536   -9.075  1.527   1.00 34.12  ? 111 TYR A CA  1 
ATOM   786 C  C   . TYR A 1 114 ? -0.290  -8.396  0.429   1.00 33.34  ? 111 TYR A C   1 
ATOM   787 O  O   . TYR A 1 114 ? -0.694  -7.241  0.581   1.00 29.22  ? 111 TYR A O   1 
ATOM   788 C  CB  . TYR A 1 114 ? -0.387  -9.315  2.725   1.00 34.21  ? 111 TYR A CB  1 
ATOM   789 C  CG  . TYR A 1 114 ? 0.222   -9.996  3.927   1.00 38.10  ? 111 TYR A CG  1 
ATOM   790 C  CD1 . TYR A 1 114 ? 0.033   -11.346 4.150   1.00 39.01  ? 111 TYR A CD1 1 
ATOM   791 C  CD2 . TYR A 1 114 ? 0.957   -9.275  4.869   1.00 42.72  ? 111 TYR A CD2 1 
ATOM   792 C  CE1 . TYR A 1 114 ? 0.585   -11.976 5.268   1.00 44.82  ? 111 TYR A CE1 1 
ATOM   793 C  CE2 . TYR A 1 114 ? 1.515   -9.895  5.990   1.00 38.45  ? 111 TYR A CE2 1 
ATOM   794 C  CZ  . TYR A 1 114 ? 1.321   -11.241 6.181   1.00 45.91  ? 111 TYR A CZ  1 
ATOM   795 O  OH  . TYR A 1 114 ? 1.866   -11.859 7.280   1.00 52.22  ? 111 TYR A OH  1 
ATOM   796 N  N   . TYR A 1 115 ? -0.542  -9.096  -0.673  1.00 33.40  ? 112 TYR A N   1 
ATOM   797 C  CA  . TYR A 1 115 ? -1.444  -8.574  -1.713  1.00 36.95  ? 112 TYR A CA  1 
ATOM   798 C  C   . TYR A 1 115 ? -2.557  -9.541  -2.099  1.00 41.10  ? 112 TYR A C   1 
ATOM   799 O  O   . TYR A 1 115 ? -2.419  -10.764 -1.958  1.00 39.34  ? 112 TYR A O   1 
ATOM   800 C  CB  . TYR A 1 115 ? -0.685  -8.158  -2.962  1.00 34.57  ? 112 TYR A CB  1 
ATOM   801 C  CG  . TYR A 1 115 ? -0.091  -9.310  -3.726  1.00 41.53  ? 112 TYR A CG  1 
ATOM   802 C  CD1 . TYR A 1 115 ? -0.771  -9.883  -4.792  1.00 41.93  ? 112 TYR A CD1 1 
ATOM   803 C  CD2 . TYR A 1 115 ? 1.161   -9.820  -3.398  1.00 40.97  ? 112 TYR A CD2 1 
ATOM   804 C  CE1 . TYR A 1 115 ? -0.233  -10.928 -5.506  1.00 44.05  ? 112 TYR A CE1 1 
ATOM   805 C  CE2 . TYR A 1 115 ? 1.702   -10.876 -4.101  1.00 42.49  ? 112 TYR A CE2 1 
ATOM   806 C  CZ  . TYR A 1 115 ? 1.002   -11.426 -5.161  1.00 48.60  ? 112 TYR A CZ  1 
ATOM   807 O  OH  . TYR A 1 115 ? 1.535   -12.484 -5.877  1.00 55.61  ? 112 TYR A OH  1 
ATOM   808 N  N   . ARG A 1 116 ? -3.708  -9.002  -2.482  1.00 39.83  ? 113 ARG A N   1 
ATOM   809 C  CA  . ARG A 1 116 ? -4.789  -9.833  -2.989  1.00 40.52  ? 113 ARG A CA  1 
ATOM   810 C  C   . ARG A 1 116 ? -4.719  -10.096 -4.484  1.00 44.87  ? 113 ARG A C   1 
ATOM   811 O  O   . ARG A 1 116 ? -5.001  -11.195 -4.934  1.00 53.68  ? 113 ARG A O   1 
ATOM   812 C  CB  . ARG A 1 116 ? -6.148  -9.244  -2.637  1.00 38.06  ? 113 ARG A CB  1 
ATOM   813 C  CG  . ARG A 1 116 ? -7.296  -10.185 -2.910  1.00 39.15  ? 113 ARG A CG  1 
ATOM   814 C  CD  . ARG A 1 116 ? -8.290  -10.184 -1.780  1.00 38.01  ? 113 ARG A CD  1 
ATOM   815 N  NE  . ARG A 1 116 ? -8.026  -11.240 -0.816  1.00 36.88  ? 113 ARG A NE  1 
ATOM   816 C  CZ  . ARG A 1 116 ? -8.611  -11.323 0.368   1.00 39.88  ? 113 ARG A CZ  1 
ATOM   817 N  NH1 . ARG A 1 116 ? -9.494  -10.411 0.735   1.00 34.40  ? 113 ARG A NH1 1 
ATOM   818 N  NH2 . ARG A 1 116 ? -8.315  -12.316 1.186   1.00 40.62  ? 113 ARG A NH2 1 
ATOM   819 N  N   . ASN A 1 117 ? -4.383  -9.068  -5.254  1.00 44.62  ? 114 ASN A N   1 
ATOM   820 C  CA  . ASN A 1 117 ? -4.423  -9.149  -6.710  1.00 41.66  ? 114 ASN A CA  1 
ATOM   821 C  C   . ASN A 1 117 ? -3.090  -8.912  -7.382  1.00 47.90  ? 114 ASN A C   1 
ATOM   822 O  O   . ASN A 1 117 ? -2.421  -7.926  -7.113  1.00 49.60  ? 114 ASN A O   1 
ATOM   823 C  CB  . ASN A 1 117 ? -5.424  -8.143  -7.263  1.00 38.01  ? 114 ASN A CB  1 
ATOM   824 C  CG  . ASN A 1 117 ? -6.828  -8.447  -6.847  1.00 47.38  ? 114 ASN A CG  1 
ATOM   825 O  OD1 . ASN A 1 117 ? -7.394  -7.768  -5.996  1.00 52.06  ? 114 ASN A OD1 1 
ATOM   826 N  ND2 . ASN A 1 117 ? -7.405  -9.481  -7.435  1.00 53.59  ? 114 ASN A ND2 1 
ATOM   827 N  N   . GLU A 1 118 ? -2.719  -9.807  -8.283  1.00 56.36  ? 115 GLU A N   1 
ATOM   828 C  CA  . GLU A 1 118 ? -1.473  -9.644  -9.003  1.00 62.91  ? 115 GLU A CA  1 
ATOM   829 C  C   . GLU A 1 118 ? -1.555  -8.417  -9.889  1.00 68.40  ? 115 GLU A C   1 
ATOM   830 O  O   . GLU A 1 118 ? -2.515  -8.236  -10.630 1.00 73.92  ? 115 GLU A O   1 
ATOM   831 C  CB  . GLU A 1 118 ? -1.197  -10.874 -9.859  1.00 69.32  ? 115 GLU A CB  1 
ATOM   832 C  CG  . GLU A 1 118 ? 0.263   -11.224 -9.985  1.00 73.74  ? 115 GLU A CG  1 
ATOM   833 C  CD  . GLU A 1 118 ? 0.474   -12.665 -10.375 1.00 81.01  ? 115 GLU A CD  1 
ATOM   834 O  OE1 . GLU A 1 118 ? 0.856   -12.920 -11.531 1.00 83.89  ? 115 GLU A OE1 1 
ATOM   835 O  OE2 . GLU A 1 118 ? 0.252   -13.545 -9.524  1.00 79.24  ? 115 GLU A OE2 1 
ATOM   836 N  N   . THR A 1 122 ? 4.626   -7.436  -12.308 1.00 75.17  ? 119 THR A N   1 
ATOM   837 C  CA  . THR A 1 122 ? 5.164   -8.545  -11.525 1.00 73.15  ? 119 THR A CA  1 
ATOM   838 C  C   . THR A 1 122 ? 6.663   -8.400  -11.282 1.00 75.53  ? 119 THR A C   1 
ATOM   839 O  O   . THR A 1 122 ? 7.270   -9.220  -10.603 1.00 77.17  ? 119 THR A O   1 
ATOM   840 C  CB  . THR A 1 122 ? 4.886   -9.896  -12.188 1.00 81.06  ? 119 THR A CB  1 
ATOM   841 O  OG1 . THR A 1 122 ? 4.391   -10.811 -11.205 1.00 80.75  ? 119 THR A OG1 1 
ATOM   842 C  CG2 . THR A 1 122 ? 6.156   -10.460 -12.794 1.00 71.62  ? 119 THR A CG2 1 
ATOM   843 N  N   . ASP A 1 123 ? 7.249   -7.355  -11.847 1.00 74.09  ? 120 ASP A N   1 
ATOM   844 C  CA  . ASP A 1 123 ? 8.608   -6.940  -11.540 1.00 73.75  ? 120 ASP A CA  1 
ATOM   845 C  C   . ASP A 1 123 ? 8.741   -6.423  -10.112 1.00 66.09  ? 120 ASP A C   1 
ATOM   846 O  O   . ASP A 1 123 ? 9.729   -6.695  -9.442  1.00 70.71  ? 120 ASP A O   1 
ATOM   847 C  CB  . ASP A 1 123 ? 9.075   -5.879  -12.534 1.00 75.84  ? 120 ASP A CB  1 
ATOM   848 C  CG  . ASP A 1 123 ? 9.107   -6.389  -13.961 1.00 88.88  ? 120 ASP A CG  1 
ATOM   849 O  OD1 . ASP A 1 123 ? 9.190   -7.618  -14.154 1.00 89.46  ? 120 ASP A OD1 1 
ATOM   850 O  OD2 . ASP A 1 123 ? 9.049   -5.562  -14.893 1.00 89.28  ? 120 ASP A OD2 1 
ATOM   851 N  N   . GLY A 1 124 ? 7.752   -5.666  -9.652  1.00 64.97  ? 121 GLY A N   1 
ATOM   852 C  CA  . GLY A 1 124 ? 7.781   -5.130  -8.308  1.00 63.99  ? 121 GLY A CA  1 
ATOM   853 C  C   . GLY A 1 124 ? 8.008   -6.264  -7.336  1.00 60.67  ? 121 GLY A C   1 
ATOM   854 O  O   . GLY A 1 124 ? 8.816   -6.175  -6.420  1.00 56.53  ? 121 GLY A O   1 
ATOM   855 N  N   . ILE A 1 125 ? 7.298   -7.355  -7.580  1.00 60.67  ? 122 ILE A N   1 
ATOM   856 C  CA  . ILE A 1 125 ? 7.313   -8.525  -6.723  1.00 56.85  ? 122 ILE A CA  1 
ATOM   857 C  C   . ILE A 1 125 ? 8.684   -9.190  -6.565  1.00 60.75  ? 122 ILE A C   1 
ATOM   858 O  O   . ILE A 1 125 ? 9.099   -9.507  -5.453  1.00 50.82  ? 122 ILE A O   1 
ATOM   859 C  CB  . ILE A 1 125 ? 6.313   -9.562  -7.244  1.00 63.22  ? 122 ILE A CB  1 
ATOM   860 C  CG1 . ILE A 1 125 ? 4.922   -8.945  -7.303  1.00 61.14  ? 122 ILE A CG1 1 
ATOM   861 C  CG2 . ILE A 1 125 ? 6.321   -10.805 -6.371  1.00 49.94  ? 122 ILE A CG2 1 
ATOM   862 C  CD1 . ILE A 1 125 ? 4.425   -8.518  -5.954  1.00 56.42  ? 122 ILE A CD1 1 
ATOM   863 N  N   . ASP A 1 126 ? 9.389   -9.419  -7.668  1.00 72.09  ? 123 ASP A N   1 
ATOM   864 C  CA  . ASP A 1 126 ? 10.665  -10.118 -7.564  1.00 76.04  ? 123 ASP A CA  1 
ATOM   865 C  C   . ASP A 1 126 ? 11.737  -9.202  -6.971  1.00 77.61  ? 123 ASP A C   1 
ATOM   866 O  O   . ASP A 1 126 ? 12.631  -9.649  -6.245  1.00 77.08  ? 123 ASP A O   1 
ATOM   867 C  CB  . ASP A 1 126 ? 11.092  -10.745 -8.903  1.00 78.44  ? 123 ASP A CB  1 
ATOM   868 C  CG  . ASP A 1 126 ? 11.664  -9.732  -9.873  1.00 98.77  ? 123 ASP A CG  1 
ATOM   869 O  OD1 . ASP A 1 126 ? 11.162  -8.590  -9.878  1.00 96.65  ? 123 ASP A OD1 1 
ATOM   870 O  OD2 . ASP A 1 126 ? 12.612  -10.074 -10.627 1.00 99.05  ? 123 ASP A OD2 1 
ATOM   871 N  N   . VAL A 1 127 ? 11.625  -7.909  -7.242  1.00 59.92  ? 124 VAL A N   1 
ATOM   872 C  CA  . VAL A 1 127 ? 12.558  -6.977  -6.644  1.00 59.04  ? 124 VAL A CA  1 
ATOM   873 C  C   . VAL A 1 127 ? 12.399  -6.894  -5.133  1.00 52.65  ? 124 VAL A C   1 
ATOM   874 O  O   . VAL A 1 127 ? 13.390  -6.907  -4.404  1.00 55.56  ? 124 VAL A O   1 
ATOM   875 C  CB  . VAL A 1 127 ? 12.491  -5.605  -7.305  1.00 66.84  ? 124 VAL A CB  1 
ATOM   876 C  CG1 . VAL A 1 127 ? 12.681  -4.504  -6.277  1.00 61.18  ? 124 VAL A CG1 1 
ATOM   877 C  CG2 . VAL A 1 127 ? 13.566  -5.532  -8.383  1.00 67.24  ? 124 VAL A CG2 1 
ATOM   878 N  N   . LEU A 1 128 ? 11.160  -6.831  -4.663  1.00 52.01  ? 125 LEU A N   1 
ATOM   879 C  CA  . LEU A 1 128 ? 10.906  -6.871  -3.233  1.00 49.89  ? 125 LEU A CA  1 
ATOM   880 C  C   . LEU A 1 128 ? 11.608  -8.087  -2.619  1.00 53.52  ? 125 LEU A C   1 
ATOM   881 O  O   . LEU A 1 128 ? 12.154  -8.018  -1.513  1.00 50.89  ? 125 LEU A O   1 
ATOM   882 C  CB  . LEU A 1 128 ? 9.401   -6.927  -2.951  1.00 46.35  ? 125 LEU A CB  1 
ATOM   883 C  CG  . LEU A 1 128 ? 8.517   -5.690  -3.157  1.00 45.59  ? 125 LEU A CG  1 
ATOM   884 C  CD1 . LEU A 1 128 ? 7.083   -6.100  -3.374  1.00 44.16  ? 125 LEU A CD1 1 
ATOM   885 C  CD2 . LEU A 1 128 ? 8.577   -4.741  -1.976  1.00 44.30  ? 125 LEU A CD2 1 
ATOM   886 N  N   . GLN A 1 129 ? 11.616  -9.192  -3.355  1.00 55.71  ? 126 GLN A N   1 
ATOM   887 C  CA  . GLN A 1 129 ? 12.173  -10.426 -2.820  1.00 57.53  ? 126 GLN A CA  1 
ATOM   888 C  C   . GLN A 1 129 ? 13.686  -10.422 -2.876  1.00 56.63  ? 126 GLN A C   1 
ATOM   889 O  O   . GLN A 1 129 ? 14.357  -10.858 -1.930  1.00 54.42  ? 126 GLN A O   1 
ATOM   890 C  CB  . GLN A 1 129 ? 11.567  -11.641 -3.511  1.00 61.37  ? 126 GLN A CB  1 
ATOM   891 C  CG  . GLN A 1 129 ? 10.190  -11.965 -2.938  1.00 65.14  ? 126 GLN A CG  1 
ATOM   892 C  CD  . GLN A 1 129 ? 9.594   -13.258 -3.465  1.00 64.11  ? 126 GLN A CD  1 
ATOM   893 O  OE1 . GLN A 1 129 ? 9.095   -14.080 -2.689  1.00 64.51  ? 126 GLN A OE1 1 
ATOM   894 N  NE2 . GLN A 1 129 ? 9.624   -13.437 -4.784  1.00 58.40  ? 126 GLN A NE2 1 
ATOM   895 N  N   . GLN A 1 130 ? 14.212  -9.903  -3.981  1.00 61.35  ? 127 GLN A N   1 
ATOM   896 C  CA  . GLN A 1 130 ? 15.641  -9.652  -4.118  1.00 63.78  ? 127 GLN A CA  1 
ATOM   897 C  C   . GLN A 1 130 ? 16.133  -8.864  -2.923  1.00 67.48  ? 127 GLN A C   1 
ATOM   898 O  O   . GLN A 1 130 ? 17.167  -9.185  -2.334  1.00 71.87  ? 127 GLN A O   1 
ATOM   899 C  CB  . GLN A 1 130 ? 15.929  -8.834  -5.375  1.00 67.78  ? 127 GLN A CB  1 
ATOM   900 C  CG  . GLN A 1 130 ? 15.823  -9.581  -6.690  1.00 74.00  ? 127 GLN A CG  1 
ATOM   901 C  CD  . GLN A 1 130 ? 16.248  -8.707  -7.863  1.00 90.32  ? 127 GLN A CD  1 
ATOM   902 O  OE1 . GLN A 1 130 ? 17.142  -7.866  -7.731  1.00 90.24  ? 127 GLN A OE1 1 
ATOM   903 N  NE2 . GLN A 1 130 ? 15.595  -8.889  -9.012  1.00 87.18  ? 127 GLN A NE2 1 
ATOM   904 N  N   . LEU A 1 131 ? 15.358  -7.840  -2.559  1.00 65.48  ? 128 LEU A N   1 
ATOM   905 C  CA  . LEU A 1 131 ? 15.743  -6.883  -1.521  1.00 57.04  ? 128 LEU A CA  1 
ATOM   906 C  C   . LEU A 1 131 ? 15.403  -7.312  -0.095  1.00 47.27  ? 128 LEU A C   1 
ATOM   907 O  O   . LEU A 1 131 ? 15.630  -6.553  0.845   1.00 48.91  ? 128 LEU A O   1 
ATOM   908 C  CB  . LEU A 1 131 ? 15.144  -5.507  -1.822  1.00 52.00  ? 128 LEU A CB  1 
ATOM   909 C  CG  . LEU A 1 131 ? 15.730  -4.838  -3.066  1.00 54.40  ? 128 LEU A CG  1 
ATOM   910 C  CD1 . LEU A 1 131 ? 15.038  -3.525  -3.380  1.00 43.54  ? 128 LEU A CD1 1 
ATOM   911 C  CD2 . LEU A 1 131 ? 17.221  -4.631  -2.887  1.00 56.21  ? 128 LEU A CD2 1 
ATOM   912 N  N   . GLY A 1 132 ? 14.861  -8.515  0.073   1.00 49.15  ? 129 GLY A N   1 
ATOM   913 C  CA  . GLY A 1 132 ? 14.677  -9.063  1.407   1.00 49.97  ? 129 GLY A CA  1 
ATOM   914 C  C   . GLY A 1 132 ? 13.342  -8.788  2.062   1.00 50.79  ? 129 GLY A C   1 
ATOM   915 O  O   . GLY A 1 132 ? 13.140  -9.113  3.227   1.00 50.40  ? 129 GLY A O   1 
ATOM   916 N  N   . VAL A 1 133 ? 12.429  -8.185  1.312   1.00 45.89  ? 130 VAL A N   1 
ATOM   917 C  CA  . VAL A 1 133 ? 11.058  -8.053  1.752   1.00 41.00  ? 130 VAL A CA  1 
ATOM   918 C  C   . VAL A 1 133 ? 10.350  -9.368  1.441   1.00 39.38  ? 130 VAL A C   1 
ATOM   919 O  O   . VAL A 1 133 ? 10.480  -9.894  0.346   1.00 46.19  ? 130 VAL A O   1 
ATOM   920 C  CB  . VAL A 1 133 ? 10.341  -6.886  1.011   1.00 46.09  ? 130 VAL A CB  1 
ATOM   921 C  CG1 . VAL A 1 133 ? 8.966   -6.648  1.575   1.00 32.39  ? 130 VAL A CG1 1 
ATOM   922 C  CG2 . VAL A 1 133 ? 11.167  -5.615  1.089   1.00 43.07  ? 130 VAL A CG2 1 
ATOM   923 N  N   . GLU A 1 134 ? 9.616   -9.900  2.405   1.00 40.68  ? 131 GLU A N   1 
ATOM   924 C  CA  . GLU A 1 134 ? 8.779   -11.066 2.173   1.00 43.03  ? 131 GLU A CA  1 
ATOM   925 C  C   . GLU A 1 134 ? 7.488   -10.693 1.459   1.00 40.65  ? 131 GLU A C   1 
ATOM   926 O  O   . GLU A 1 134 ? 7.005   -9.560  1.569   1.00 35.49  ? 131 GLU A O   1 
ATOM   927 C  CB  . GLU A 1 134 ? 8.485   -11.782 3.483   1.00 35.65  ? 131 GLU A CB  1 
ATOM   928 C  CG  . GLU A 1 134 ? 9.760   -12.114 4.234   1.00 45.09  ? 131 GLU A CG  1 
ATOM   929 C  CD  . GLU A 1 134 ? 10.722  -13.024 3.454   1.00 53.12  ? 131 GLU A CD  1 
ATOM   930 O  OE1 . GLU A 1 134 ? 11.947  -12.929 3.696   1.00 57.71  ? 131 GLU A OE1 1 
ATOM   931 O  OE2 . GLU A 1 134 ? 10.262  -13.836 2.613   1.00 55.29  ? 131 GLU A OE2 1 
ATOM   932 N  N   . VAL A 1 135 ? 6.947   -11.655 0.711   1.00 42.20  ? 132 VAL A N   1 
ATOM   933 C  CA  . VAL A 1 135 ? 5.747   -11.455 -0.099  1.00 43.34  ? 132 VAL A CA  1 
ATOM   934 C  C   . VAL A 1 135 ? 4.792   -12.635 0.008   1.00 39.87  ? 132 VAL A C   1 
ATOM   935 O  O   . VAL A 1 135 ? 5.220   -13.772 -0.057  1.00 43.19  ? 132 VAL A O   1 
ATOM   936 C  CB  . VAL A 1 135 ? 6.098   -11.282 -1.591  1.00 44.62  ? 132 VAL A CB  1 
ATOM   937 C  CG1 . VAL A 1 135 ? 4.849   -10.954 -2.390  1.00 42.93  ? 132 VAL A CG1 1 
ATOM   938 C  CG2 . VAL A 1 135 ? 7.162   -10.199 -1.781  1.00 43.10  ? 132 VAL A CG2 1 
ATOM   939 N  N   . GLU A 1 136 ? 3.500   -12.358 0.169   1.00 43.53  ? 133 GLU A N   1 
ATOM   940 C  CA  . GLU A 1 136 ? 2.473   -13.396 0.208   1.00 49.25  ? 133 GLU A CA  1 
ATOM   941 C  C   . GLU A 1 136 ? 1.143   -12.944 -0.418  1.00 47.72  ? 133 GLU A C   1 
ATOM   942 O  O   . GLU A 1 136 ? 0.598   -11.913 -0.060  1.00 45.95  ? 133 GLU A O   1 
ATOM   943 C  CB  . GLU A 1 136 ? 2.242   -13.893 1.646   1.00 53.43  ? 133 GLU A CB  1 
ATOM   944 C  CG  . GLU A 1 136 ? 1.156   -14.966 1.791   1.00 46.52  ? 133 GLU A CG  1 
ATOM   945 C  CD  . GLU A 1 136 ? 0.834   -15.324 3.244   1.00 61.24  ? 133 GLU A CD  1 
ATOM   946 O  OE1 . GLU A 1 136 ? 1.603   -14.935 4.147   1.00 60.00  ? 133 GLU A OE1 1 
ATOM   947 O  OE2 . GLU A 1 136 ? -0.198  -15.998 3.489   1.00 64.54  ? 133 GLU A OE2 1 
ATOM   948 N  N   . LYS A 1 137 ? 0.633   -13.740 -1.352  1.00 41.35  ? 134 LYS A N   1 
ATOM   949 C  CA  . LYS A 1 137 ? -0.663  -13.520 -1.972  1.00 40.97  ? 134 LYS A CA  1 
ATOM   950 C  C   . LYS A 1 137 ? -1.765  -14.202 -1.146  1.00 39.95  ? 134 LYS A C   1 
ATOM   951 O  O   . LYS A 1 137 ? -1.575  -15.309 -0.673  1.00 37.24  ? 134 LYS A O   1 
ATOM   952 C  CB  . LYS A 1 137 ? -0.596  -14.036 -3.417  1.00 42.92  ? 134 LYS A CB  1 
ATOM   953 C  CG  . LYS A 1 137 ? -1.895  -14.447 -4.065  1.00 49.11  ? 134 LYS A CG  1 
ATOM   954 C  CD  . LYS A 1 137 ? -2.707  -13.283 -4.564  1.00 55.23  ? 134 LYS A CD  1 
ATOM   955 C  CE  . LYS A 1 137 ? -3.528  -13.711 -5.766  1.00 55.83  ? 134 LYS A CE  1 
ATOM   956 N  NZ  . LYS A 1 137 ? -2.651  -13.861 -6.962  1.00 63.52  ? 134 LYS A NZ  1 
ATOM   957 N  N   . MET A 1 138 ? -2.901  -13.529 -0.951  1.00 39.85  ? 135 MET A N   1 
ATOM   958 C  CA  . MET A 1 138 ? -3.952  -14.047 -0.069  1.00 37.26  ? 135 MET A CA  1 
ATOM   959 C  C   . MET A 1 138 ? -5.367  -13.719 -0.520  1.00 37.10  ? 135 MET A C   1 
ATOM   960 O  O   . MET A 1 138 ? -5.588  -13.328 -1.663  1.00 48.18  ? 135 MET A O   1 
ATOM   961 C  CB  . MET A 1 138 ? -3.756  -13.534 1.351   1.00 38.28  ? 135 MET A CB  1 
ATOM   962 C  CG  . MET A 1 138 ? -3.802  -12.024 1.478   1.00 42.85  ? 135 MET A CG  1 
ATOM   963 S  SD  . MET A 1 138 ? -3.917  -11.467 3.185   1.00 48.02  ? 135 MET A SD  1 
ATOM   964 C  CE  . MET A 1 138 ? -5.556  -12.020 3.603   1.00 42.79  ? 135 MET A CE  1 
ATOM   965 O  OXT . MET A 1 138 ? -6.319  -13.838 0.252   1.00 30.00  ? 135 MET A OXT 1 
HETATM 966 ZN ZN  . ZN  B 2 .   ? 3.066   1.807   -7.361  1.00 54.55  ? 201 ZN  A ZN  1 
HETATM 967 CL CL  . CL  C 3 .   ? 7.455   8.283   10.908  0.69 56.12  ? 202 CL  A CL  1 
HETATM 968 O  O   . HOH D 4 .   ? 9.089   -14.270 0.547   1.00 30.00  ? 301 HOH A O   1 
HETATM 969 O  O   . HOH D 4 .   ? 13.343  -12.365 1.755   1.00 68.20  ? 302 HOH A O   1 
HETATM 970 O  O   . HOH D 4 .   ? -1.238  10.697  1.818   1.00 46.67  ? 303 HOH A O   1 
HETATM 971 O  O   . HOH D 4 .   ? 8.922   6.164   16.577  1.00 51.05  ? 304 HOH A O   1 
HETATM 972 O  O   . HOH D 4 .   ? -1.295  18.147  -1.644  1.00 57.88  ? 305 HOH A O   1 
HETATM 973 O  O   . HOH D 4 .   ? -5.015  11.453  -2.065  1.00 30.00  ? 306 HOH A O   1 
HETATM 974 O  O   . HOH D 4 .   ? 2.967   -15.346 -3.145  1.00 30.00  ? 307 HOH A O   1 
HETATM 975 O  O   . HOH D 4 .   ? -4.959  8.064   0.372   1.00 41.53  ? 308 HOH A O   1 
HETATM 976 O  O   . HOH D 4 .   ? 4.762   -5.503  13.477  1.00 46.61  ? 309 HOH A O   1 
HETATM 977 O  O   . HOH D 4 .   ? -9.185  -7.105  -4.334  1.00 49.61  ? 310 HOH A O   1 
HETATM 978 O  O   . HOH D 4 .   ? 1.419   0.078   -6.819  1.00 61.98  ? 311 HOH A O   1 
HETATM 979 O  O   . HOH D 4 .   ? -0.174  -0.311  -8.325  1.00 64.06  ? 312 HOH A O   1 
HETATM 980 O  O   . HOH D 4 .   ? 2.808   -9.032  14.380  1.00 71.09  ? 313 HOH A O   1 
HETATM 981 O  O   . HOH D 4 .   ? 1.365   -7.009  13.763  1.00 30.00  ? 314 HOH A O   1 
HETATM 982 O  O   . HOH D 4 .   ? -1.889  1.836   -6.396  1.00 30.00  ? 315 HOH A O   1 
# 
